data_7NBD
#
_entry.id   7NBD
#
_cell.length_a   48.012
_cell.length_b   154.846
_cell.length_c   85.451
_cell.angle_alpha   90.000
_cell.angle_beta   98.043
_cell.angle_gamma   90.000
#
_symmetry.space_group_name_H-M   'P 1 21 1'
#
loop_
_entity.id
_entity.type
_entity.pdbx_description
1 polymer 'Serine racemase'
2 non-polymer "PYRIDOXAL-5'-PHOSPHATE"
3 non-polymer GLYCEROL
4 non-polymer 'CALCIUM ION'
5 non-polymer 'MAGNESIUM ION'
6 non-polymer [4-(1H-benzimidazol-1-yl)phenyl]methanol
7 non-polymer 1,2-ETHANEDIOL
8 non-polymer 'TRIETHYLENE GLYCOL'
9 non-polymer 'SODIUM ION'
10 water water
#
_entity_poly.entity_id   1
_entity_poly.type   'polypeptide(L)'
_entity_poly.pdbx_seq_one_letter_code
;MDAQYDISFADVEKAHINIRDSIHLTPVLTSSILNQLTGRNLFFKCELFQKTGSFKIRGALNAVRSLVPDALERKPKAVV
THSSGNHGQALTYAAKLEGIPAYIVVPQTAPDCKKLAIQAYGASIVYCEPSDESRENVAKRVTEETEGIMVHPNQEPAVI
AGQGTIALEVLNQVPLVDALVVPVGGGGMLAGIAITVKALKPSVKVYAAEPSNADDCYQSKLKGKLMPNLYPPETIADGV
KSSIGLNTWPIIRDLVDDIFTVTEDEIKCATQLVWERMKLLIEPTAGVGVAAVLSQHFQTVSPEVKNICIVLSGGNVDLT
SSITWVKQAERPASYQSVSVHHHHHH
;
_entity_poly.pdbx_strand_id   AAA,BBB,CCC,DDD
#
# COMPACT_ATOMS: atom_id res chain seq x y z
N GLN A 4 -15.54 8.62 -34.17
N GLN A 4 -15.97 8.60 -33.08
CA GLN A 4 -16.50 9.67 -33.67
CA GLN A 4 -16.90 9.77 -33.15
C GLN A 4 -15.71 10.93 -33.35
C GLN A 4 -16.13 11.06 -32.88
N TYR A 5 -14.97 10.95 -32.23
CA TYR A 5 -14.16 12.11 -31.90
C TYR A 5 -12.75 11.98 -32.49
N ASP A 6 -11.95 13.03 -32.33
CA ASP A 6 -10.59 13.03 -32.86
C ASP A 6 -9.69 12.05 -32.11
N ILE A 7 -10.12 11.60 -30.92
CA ILE A 7 -9.40 10.52 -30.24
C ILE A 7 -10.42 9.53 -29.72
N SER A 8 -9.95 8.30 -29.45
CA SER A 8 -10.77 7.30 -28.77
C SER A 8 -10.06 6.86 -27.51
N PHE A 9 -10.79 6.12 -26.66
CA PHE A 9 -10.15 5.53 -25.50
C PHE A 9 -8.96 4.63 -25.92
N ALA A 10 -9.07 3.91 -27.05
CA ALA A 10 -7.94 3.10 -27.53
C ALA A 10 -6.68 3.98 -27.69
N ASP A 11 -6.87 5.23 -28.16
CA ASP A 11 -5.72 6.12 -28.37
C ASP A 11 -5.10 6.52 -27.03
N VAL A 12 -5.94 6.72 -26.01
CA VAL A 12 -5.43 7.04 -24.67
C VAL A 12 -4.59 5.91 -24.11
N GLU A 13 -5.05 4.68 -24.31
N GLU A 13 -5.15 4.70 -24.16
CA GLU A 13 -4.29 3.53 -23.85
CA GLU A 13 -4.40 3.58 -23.62
C GLU A 13 -3.00 3.34 -24.64
C GLU A 13 -3.08 3.43 -24.37
N LYS A 14 -3.05 3.59 -25.95
N LYS A 14 -3.11 3.53 -25.71
CA LYS A 14 -1.80 3.53 -26.70
CA LYS A 14 -1.89 3.50 -26.53
C LYS A 14 -0.83 4.58 -26.15
C LYS A 14 -0.88 4.53 -26.04
N ALA A 15 -1.37 5.75 -25.78
CA ALA A 15 -0.52 6.81 -25.23
C ALA A 15 0.09 6.39 -23.88
N HIS A 16 -0.69 5.76 -23.01
N HIS A 16 -0.72 5.71 -23.06
CA HIS A 16 -0.16 5.43 -21.69
CA HIS A 16 -0.25 5.21 -21.77
C HIS A 16 0.96 4.42 -21.89
C HIS A 16 0.93 4.27 -22.02
N ILE A 17 0.75 3.47 -22.83
N ILE A 17 0.73 3.34 -22.97
CA ILE A 17 1.74 2.45 -23.10
CA ILE A 17 1.75 2.35 -23.24
C ILE A 17 3.01 3.13 -23.62
C ILE A 17 3.02 3.08 -23.70
N ASN A 18 2.82 4.11 -24.52
CA ASN A 18 3.95 4.80 -25.14
C ASN A 18 4.78 5.60 -24.14
N ILE A 19 4.15 6.17 -23.10
CA ILE A 19 4.85 7.17 -22.25
C ILE A 19 5.22 6.65 -20.86
N ARG A 20 4.63 5.52 -20.42
CA ARG A 20 4.70 5.07 -19.03
C ARG A 20 6.14 4.99 -18.54
N ASP A 21 7.09 4.61 -19.41
CA ASP A 21 8.43 4.34 -18.89
C ASP A 21 9.20 5.65 -18.62
N SER A 22 8.57 6.79 -18.90
CA SER A 22 9.35 8.03 -18.81
C SER A 22 8.62 9.09 -17.99
N ILE A 23 7.43 8.78 -17.46
CA ILE A 23 6.75 9.79 -16.67
C ILE A 23 6.58 9.23 -15.26
N HIS A 24 6.08 10.09 -14.37
CA HIS A 24 5.80 9.65 -13.01
C HIS A 24 4.32 9.33 -12.87
N LEU A 25 4.01 8.26 -12.14
N LEU A 25 4.06 8.21 -12.21
CA LEU A 25 2.63 8.00 -11.77
CA LEU A 25 2.76 7.96 -11.60
C LEU A 25 2.37 8.78 -10.49
C LEU A 25 2.68 8.93 -10.43
N THR A 26 2.01 10.06 -10.67
CA THR A 26 2.00 11.04 -9.59
C THR A 26 1.02 10.60 -8.49
N PRO A 27 1.32 10.94 -7.22
CA PRO A 27 0.44 10.60 -6.13
C PRO A 27 -0.85 11.41 -6.13
N VAL A 28 -1.80 10.87 -5.38
CA VAL A 28 -3.05 11.52 -5.09
C VAL A 28 -2.99 11.79 -3.59
N LEU A 29 -3.04 13.08 -3.24
CA LEU A 29 -2.92 13.51 -1.85
C LEU A 29 -4.25 14.05 -1.37
N THR A 30 -4.38 14.17 -0.04
CA THR A 30 -5.62 14.61 0.58
C THR A 30 -5.32 15.72 1.57
N SER A 31 -6.35 16.45 1.99
CA SER A 31 -6.28 17.52 2.95
C SER A 31 -7.57 17.54 3.76
N SER A 32 -7.46 17.35 5.08
CA SER A 32 -8.61 17.48 5.97
C SER A 32 -9.14 18.88 5.88
N ILE A 33 -8.26 19.88 5.78
CA ILE A 33 -8.70 21.25 5.81
C ILE A 33 -9.57 21.52 4.60
N LEU A 34 -9.10 21.07 3.41
CA LEU A 34 -9.89 21.36 2.21
C LEU A 34 -11.22 20.58 2.22
N ASN A 35 -11.14 19.35 2.77
N ASN A 35 -11.30 19.44 2.89
CA ASN A 35 -12.27 18.45 3.02
CA ASN A 35 -12.63 18.85 2.99
C ASN A 35 -13.24 19.11 4.01
C ASN A 35 -13.65 19.80 3.64
N GLN A 36 -12.69 19.67 5.09
N GLN A 36 -13.23 20.46 4.73
CA GLN A 36 -13.50 20.43 6.02
CA GLN A 36 -14.16 21.24 5.56
C GLN A 36 -14.12 21.64 5.31
C GLN A 36 -14.71 22.45 4.81
N LEU A 37 -13.38 22.36 4.45
N LEU A 37 -13.85 23.18 4.09
CA LEU A 37 -13.88 23.60 3.87
CA LEU A 37 -14.23 24.36 3.32
C LEU A 37 -14.99 23.41 2.81
C LEU A 37 -15.21 23.95 2.22
N THR A 38 -14.86 22.41 1.91
N THR A 38 -15.26 22.64 1.94
CA THR A 38 -15.67 22.43 0.68
CA THR A 38 -16.12 22.03 0.92
C THR A 38 -16.98 21.66 0.81
C THR A 38 -17.14 21.07 1.55
N GLY A 39 -17.15 20.93 1.92
N GLY A 39 -16.76 20.30 2.59
CA GLY A 39 -18.25 19.98 2.03
CA GLY A 39 -17.63 19.19 2.95
C GLY A 39 -17.90 18.59 1.47
C GLY A 39 -17.82 18.25 1.75
N ARG A 40 -16.89 18.51 0.60
N ARG A 40 -16.71 17.63 1.36
CA ARG A 40 -16.66 17.30 -0.17
CA ARG A 40 -16.60 16.62 0.31
C ARG A 40 -15.44 16.56 0.32
C ARG A 40 -15.28 15.92 0.58
N ASN A 41 -15.28 15.33 -0.16
N ASN A 41 -15.11 14.75 -0.03
CA ASN A 41 -14.15 14.46 0.10
CA ASN A 41 -13.85 14.04 0.12
C ASN A 41 -13.17 14.59 -1.07
C ASN A 41 -13.02 14.42 -1.09
N LEU A 42 -12.03 15.31 -0.89
CA LEU A 42 -11.23 15.74 -2.04
C LEU A 42 -9.99 14.89 -2.19
N PHE A 43 -9.59 14.71 -3.44
CA PHE A 43 -8.37 14.01 -3.79
C PHE A 43 -7.61 14.89 -4.76
N PHE A 44 -6.29 15.03 -4.61
CA PHE A 44 -5.52 15.96 -5.41
C PHE A 44 -4.52 15.19 -6.24
N LYS A 45 -4.75 15.14 -7.55
CA LYS A 45 -3.84 14.42 -8.42
C LYS A 45 -2.68 15.35 -8.72
N CYS A 46 -1.47 14.94 -8.29
CA CYS A 46 -0.37 15.88 -8.14
C CYS A 46 0.52 15.98 -9.39
N GLU A 47 -0.07 16.46 -10.50
CA GLU A 47 0.75 16.61 -11.69
C GLU A 47 1.78 17.75 -11.54
N LEU A 48 1.71 18.54 -10.45
CA LEU A 48 2.81 19.47 -10.24
C LEU A 48 4.13 18.74 -9.97
N PHE A 49 4.08 17.45 -9.60
CA PHE A 49 5.27 16.64 -9.36
C PHE A 49 5.68 15.88 -10.61
N GLN A 50 4.96 16.07 -11.74
CA GLN A 50 5.27 15.35 -12.97
C GLN A 50 6.63 15.85 -13.49
N LYS A 51 7.29 15.01 -14.29
CA LYS A 51 8.46 15.47 -15.02
C LYS A 51 8.12 16.78 -15.77
N THR A 52 9.03 17.75 -15.73
CA THR A 52 8.96 19.06 -16.34
C THR A 52 8.08 20.02 -15.55
N GLY A 53 7.36 19.57 -14.51
CA GLY A 53 6.61 20.49 -13.66
C GLY A 53 5.12 20.59 -14.02
N SER A 54 4.69 19.83 -15.06
CA SER A 54 3.27 19.87 -15.41
C SER A 54 2.93 18.59 -16.15
N PHE A 55 1.62 18.38 -16.30
CA PHE A 55 1.18 17.17 -16.97
C PHE A 55 1.56 17.15 -18.46
N LYS A 56 1.98 18.26 -19.05
N LYS A 56 2.02 18.30 -19.00
CA LYS A 56 2.03 18.30 -20.51
CA LYS A 56 2.22 18.52 -20.43
C LYS A 56 3.13 17.40 -21.08
C LYS A 56 3.16 17.48 -21.05
N ILE A 57 4.03 16.88 -20.24
CA ILE A 57 4.95 15.84 -20.72
C ILE A 57 4.19 14.63 -21.28
N ARG A 58 2.97 14.39 -20.78
CA ARG A 58 2.22 13.21 -21.24
C ARG A 58 1.88 13.35 -22.74
N GLY A 59 1.23 14.44 -23.08
CA GLY A 59 0.89 14.66 -24.47
C GLY A 59 2.14 14.87 -25.33
N ALA A 60 3.14 15.58 -24.81
CA ALA A 60 4.30 15.94 -25.62
C ALA A 60 5.07 14.66 -25.95
N LEU A 61 5.23 13.79 -24.94
CA LEU A 61 5.98 12.56 -25.22
C LEU A 61 5.19 11.63 -26.13
N ASN A 62 3.88 11.55 -25.95
CA ASN A 62 3.06 10.74 -26.85
C ASN A 62 3.20 11.21 -28.29
N ALA A 63 3.22 12.53 -28.50
CA ALA A 63 3.32 13.09 -29.84
C ALA A 63 4.70 12.75 -30.43
N VAL A 64 5.75 12.90 -29.63
CA VAL A 64 7.06 12.57 -30.16
C VAL A 64 7.14 11.09 -30.52
N ARG A 65 6.53 10.22 -29.70
CA ARG A 65 6.65 8.79 -29.95
C ARG A 65 5.60 8.21 -30.91
N SER A 66 4.65 9.03 -31.37
N SER A 66 4.65 9.03 -31.38
CA SER A 66 3.57 8.49 -32.20
CA SER A 66 3.55 8.50 -32.20
C SER A 66 3.40 9.18 -33.56
C SER A 66 3.40 9.18 -33.56
N LEU A 67 3.81 10.45 -33.67
CA LEU A 67 3.58 11.20 -34.91
C LEU A 67 4.69 10.95 -35.94
N VAL A 68 4.31 11.01 -37.22
CA VAL A 68 5.32 10.91 -38.27
C VAL A 68 5.48 12.26 -38.96
N PRO A 69 6.71 12.64 -39.39
CA PRO A 69 6.90 13.93 -40.04
C PRO A 69 6.33 14.01 -41.46
N ASP A 70 6.10 12.83 -42.07
N ASP A 70 6.24 12.86 -42.14
CA ASP A 70 5.93 12.74 -43.51
CA ASP A 70 5.72 12.83 -43.51
C ASP A 70 5.46 11.33 -43.89
C ASP A 70 5.53 11.38 -43.94
N ALA A 71 4.87 11.19 -45.09
CA ALA A 71 4.53 9.86 -45.58
C ALA A 71 5.76 8.98 -45.76
N LEU A 72 6.93 9.59 -45.99
CA LEU A 72 8.11 8.83 -46.39
C LEU A 72 9.13 8.66 -45.27
N GLU A 73 8.79 9.15 -44.08
N GLU A 73 8.78 9.16 -44.08
CA GLU A 73 9.72 9.01 -42.98
CA GLU A 73 9.68 9.12 -42.94
C GLU A 73 8.91 8.78 -41.70
C GLU A 73 8.86 8.78 -41.70
N ARG A 74 9.18 7.66 -41.04
CA ARG A 74 8.44 7.22 -39.87
C ARG A 74 8.90 7.93 -38.61
N LYS A 75 10.17 8.38 -38.54
CA LYS A 75 10.73 8.90 -37.29
C LYS A 75 10.82 10.43 -37.34
N PRO A 76 10.21 11.19 -36.40
CA PRO A 76 10.44 12.65 -36.36
C PRO A 76 11.92 12.97 -36.17
N LYS A 77 12.40 14.01 -36.87
CA LYS A 77 13.80 14.39 -36.72
C LYS A 77 13.99 15.65 -35.90
N ALA A 78 12.87 16.28 -35.49
CA ALA A 78 12.89 17.47 -34.65
C ALA A 78 11.46 17.69 -34.17
N VAL A 79 11.31 18.53 -33.12
CA VAL A 79 9.97 18.98 -32.75
C VAL A 79 9.94 20.50 -32.83
N VAL A 80 8.76 21.03 -33.17
CA VAL A 80 8.58 22.46 -33.33
C VAL A 80 7.27 22.85 -32.65
N THR A 81 7.28 24.00 -31.97
CA THR A 81 6.03 24.54 -31.40
C THR A 81 6.16 26.07 -31.26
N HIS A 82 5.01 26.75 -31.23
CA HIS A 82 4.98 28.18 -30.94
C HIS A 82 4.76 28.42 -29.45
N SER A 83 4.49 27.35 -28.69
CA SER A 83 4.25 27.48 -27.24
C SER A 83 5.55 27.44 -26.45
N SER A 84 5.77 28.43 -25.59
CA SER A 84 7.02 28.62 -24.90
C SER A 84 6.90 28.27 -23.41
N GLY A 85 5.67 28.04 -22.93
CA GLY A 85 5.50 27.80 -21.49
C GLY A 85 5.65 26.31 -21.14
N ASN A 86 4.69 25.80 -20.36
CA ASN A 86 4.66 24.39 -19.97
C ASN A 86 4.75 23.48 -21.20
N HIS A 87 4.01 23.78 -22.28
CA HIS A 87 4.05 22.87 -23.42
C HIS A 87 5.45 22.85 -24.04
N GLY A 88 6.07 24.02 -24.23
CA GLY A 88 7.35 24.07 -24.89
C GLY A 88 8.40 23.39 -24.00
N GLN A 89 8.28 23.60 -22.69
CA GLN A 89 9.17 22.93 -21.77
C GLN A 89 9.03 21.40 -21.83
N ALA A 90 7.78 20.91 -21.79
CA ALA A 90 7.52 19.47 -21.89
C ALA A 90 8.02 18.92 -23.24
N LEU A 91 7.75 19.64 -24.32
CA LEU A 91 8.11 19.14 -25.65
C LEU A 91 9.63 19.04 -25.80
N THR A 92 10.35 20.01 -25.21
CA THR A 92 11.80 19.98 -25.25
C THR A 92 12.28 18.72 -24.52
N TYR A 93 11.76 18.48 -23.32
CA TYR A 93 12.19 17.33 -22.55
C TYR A 93 11.90 16.04 -23.31
N ALA A 94 10.71 15.93 -23.92
CA ALA A 94 10.34 14.77 -24.74
C ALA A 94 11.34 14.57 -25.90
N ALA A 95 11.69 15.67 -26.57
CA ALA A 95 12.65 15.65 -27.68
C ALA A 95 14.01 15.16 -27.16
N LYS A 96 14.42 15.70 -26.02
N LYS A 96 14.43 15.70 -26.01
CA LYS A 96 15.68 15.28 -25.41
CA LYS A 96 15.67 15.28 -25.40
C LYS A 96 15.66 13.77 -25.12
C LYS A 96 15.66 13.77 -25.13
N LEU A 97 14.56 13.24 -24.60
CA LEU A 97 14.48 11.82 -24.31
C LEU A 97 14.67 11.02 -25.59
N GLU A 98 14.19 11.55 -26.70
CA GLU A 98 14.25 10.79 -27.95
C GLU A 98 15.50 11.13 -28.76
N GLY A 99 16.36 12.02 -28.23
CA GLY A 99 17.63 12.40 -28.89
C GLY A 99 17.45 13.26 -30.16
N ILE A 100 16.36 14.06 -30.23
CA ILE A 100 16.09 14.92 -31.37
C ILE A 100 16.02 16.38 -30.89
N PRO A 101 16.36 17.34 -31.76
CA PRO A 101 16.33 18.74 -31.37
C PRO A 101 14.91 19.31 -31.26
N ALA A 102 14.77 20.32 -30.40
CA ALA A 102 13.52 21.04 -30.21
C ALA A 102 13.69 22.48 -30.68
N TYR A 103 12.71 23.01 -31.44
CA TYR A 103 12.71 24.42 -31.83
C TYR A 103 11.43 25.08 -31.30
N ILE A 104 11.61 26.22 -30.61
CA ILE A 104 10.46 27.00 -30.19
C ILE A 104 10.46 28.26 -31.04
N VAL A 105 9.36 28.50 -31.77
CA VAL A 105 9.23 29.70 -32.58
C VAL A 105 8.78 30.81 -31.62
N VAL A 106 9.56 31.89 -31.56
CA VAL A 106 9.33 32.95 -30.59
C VAL A 106 9.30 34.31 -31.28
N PRO A 107 8.30 35.20 -31.02
CA PRO A 107 8.34 36.58 -31.55
C PRO A 107 9.55 37.36 -31.02
N GLN A 108 10.11 38.25 -31.85
CA GLN A 108 11.17 39.20 -31.50
C GLN A 108 10.83 39.96 -30.22
N THR A 109 9.53 40.20 -30.03
CA THR A 109 9.01 40.98 -28.93
C THR A 109 8.88 40.20 -27.60
N ALA A 110 9.24 38.91 -27.57
CA ALA A 110 9.07 38.20 -26.31
C ALA A 110 10.02 38.81 -25.27
N PRO A 111 9.61 38.79 -23.97
CA PRO A 111 10.49 39.21 -22.89
C PRO A 111 11.82 38.43 -22.87
N ASP A 112 12.89 39.16 -22.57
CA ASP A 112 14.20 38.57 -22.43
C ASP A 112 14.14 37.33 -21.52
N CYS A 113 13.35 37.42 -20.44
CA CYS A 113 13.22 36.31 -19.52
C CYS A 113 12.65 35.06 -20.23
N LYS A 114 11.64 35.25 -21.10
CA LYS A 114 11.10 34.16 -21.91
C LYS A 114 12.17 33.53 -22.81
N LYS A 115 13.01 34.36 -23.44
CA LYS A 115 14.08 33.87 -24.30
C LYS A 115 15.12 33.09 -23.49
N LEU A 116 15.49 33.60 -22.32
CA LEU A 116 16.45 32.93 -21.45
C LEU A 116 15.92 31.58 -20.96
N ALA A 117 14.66 31.55 -20.52
CA ALA A 117 14.04 30.34 -19.98
C ALA A 117 13.97 29.22 -21.05
N ILE A 118 13.63 29.59 -22.29
CA ILE A 118 13.60 28.60 -23.35
C ILE A 118 14.99 27.97 -23.51
N GLN A 119 16.03 28.83 -23.61
CA GLN A 119 17.38 28.33 -23.82
C GLN A 119 17.81 27.47 -22.64
N ALA A 120 17.30 27.78 -21.45
CA ALA A 120 17.70 27.04 -20.26
C ALA A 120 16.96 25.69 -20.14
N TYR A 121 15.86 25.51 -20.88
CA TYR A 121 15.27 24.18 -20.88
C TYR A 121 15.84 23.29 -22.00
N GLY A 122 16.75 23.82 -22.84
CA GLY A 122 17.52 23.02 -23.78
C GLY A 122 16.98 23.11 -25.20
N ALA A 123 16.07 24.03 -25.47
CA ALA A 123 15.53 24.20 -26.82
C ALA A 123 16.31 25.26 -27.61
N SER A 124 16.21 25.24 -28.96
CA SER A 124 16.71 26.30 -29.79
C SER A 124 15.57 27.25 -30.13
N ILE A 125 15.85 28.56 -30.18
CA ILE A 125 14.85 29.56 -30.50
C ILE A 125 14.94 29.91 -32.00
N VAL A 126 13.80 29.96 -32.70
CA VAL A 126 13.71 30.50 -34.04
C VAL A 126 12.79 31.73 -33.95
N TYR A 127 13.30 32.89 -34.37
CA TYR A 127 12.56 34.16 -34.24
C TYR A 127 11.54 34.35 -35.36
N CYS A 128 10.42 34.99 -35.01
CA CYS A 128 9.44 35.40 -36.01
C CYS A 128 8.99 36.82 -35.67
N GLU A 129 8.20 37.43 -36.56
N GLU A 129 8.19 37.43 -36.56
CA GLU A 129 7.52 38.68 -36.23
CA GLU A 129 7.50 38.68 -36.26
C GLU A 129 6.33 38.38 -35.33
C GLU A 129 6.31 38.38 -35.35
N PRO A 130 5.83 39.33 -34.52
CA PRO A 130 4.69 39.07 -33.63
C PRO A 130 3.35 38.73 -34.32
N SER A 131 3.38 38.66 -35.66
CA SER A 131 2.22 38.36 -36.51
C SER A 131 2.05 36.86 -36.74
N ASP A 132 0.82 36.45 -37.06
CA ASP A 132 0.51 35.05 -37.27
C ASP A 132 0.98 34.60 -38.65
N GLU A 133 0.83 35.48 -39.67
CA GLU A 133 1.49 35.21 -40.93
C GLU A 133 2.97 34.87 -40.71
N SER A 134 3.66 35.59 -39.80
CA SER A 134 5.09 35.37 -39.64
C SER A 134 5.31 34.06 -38.87
N ARG A 135 4.56 33.94 -37.77
CA ARG A 135 4.71 32.83 -36.86
C ARG A 135 4.51 31.55 -37.66
N GLU A 136 3.51 31.58 -38.54
CA GLU A 136 3.14 30.43 -39.35
C GLU A 136 4.18 30.17 -40.43
N ASN A 137 4.53 31.22 -41.20
CA ASN A 137 5.62 31.03 -42.14
C ASN A 137 6.84 30.39 -41.46
N VAL A 138 7.27 30.97 -40.33
CA VAL A 138 8.46 30.52 -39.66
C VAL A 138 8.32 29.07 -39.17
N ALA A 139 7.27 28.73 -38.43
CA ALA A 139 7.21 27.37 -37.93
C ALA A 139 7.13 26.33 -39.06
N LYS A 140 6.39 26.63 -40.13
CA LYS A 140 6.27 25.67 -41.20
C LYS A 140 7.64 25.47 -41.88
N ARG A 141 8.38 26.56 -42.06
CA ARG A 141 9.70 26.53 -42.66
C ARG A 141 10.56 25.62 -41.79
N VAL A 142 10.57 25.86 -40.48
CA VAL A 142 11.41 25.09 -39.56
C VAL A 142 11.01 23.60 -39.62
N THR A 143 9.71 23.30 -39.55
CA THR A 143 9.20 21.92 -39.52
C THR A 143 9.63 21.20 -40.79
N GLU A 144 9.46 21.86 -41.93
CA GLU A 144 9.80 21.27 -43.22
C GLU A 144 11.31 21.06 -43.36
N GLU A 145 12.12 22.07 -43.00
CA GLU A 145 13.57 22.00 -43.22
C GLU A 145 14.26 21.04 -42.26
N THR A 146 13.72 20.84 -41.05
CA THR A 146 14.35 19.99 -40.06
C THR A 146 13.77 18.58 -40.15
N GLU A 147 12.80 18.34 -41.07
CA GLU A 147 12.00 17.10 -41.06
C GLU A 147 11.37 16.81 -39.70
N GLY A 148 10.77 17.84 -39.12
CA GLY A 148 10.27 17.78 -37.76
C GLY A 148 8.75 17.52 -37.70
N ILE A 149 8.23 17.35 -36.48
CA ILE A 149 6.78 17.39 -36.25
C ILE A 149 6.46 18.72 -35.55
N MET A 150 5.42 19.39 -36.03
N MET A 150 5.42 19.41 -36.00
CA MET A 150 4.84 20.52 -35.32
CA MET A 150 4.93 20.57 -35.25
C MET A 150 3.91 19.91 -34.28
C MET A 150 3.85 20.07 -34.32
N VAL A 151 4.01 20.33 -33.01
CA VAL A 151 3.19 19.72 -31.97
C VAL A 151 2.39 20.80 -31.25
N HIS A 152 1.11 20.87 -31.62
CA HIS A 152 0.23 21.87 -31.05
C HIS A 152 0.00 21.57 -29.57
N PRO A 153 -0.08 22.59 -28.70
CA PRO A 153 -0.22 22.35 -27.27
C PRO A 153 -1.53 21.71 -26.82
N ASN A 154 -2.60 21.74 -27.65
CA ASN A 154 -3.87 21.23 -27.17
C ASN A 154 -4.79 20.64 -28.23
N GLN A 155 -4.54 20.88 -29.54
CA GLN A 155 -5.48 20.37 -30.53
C GLN A 155 -4.94 19.13 -31.25
N GLU A 156 -3.65 18.82 -31.06
N GLU A 156 -3.66 18.83 -31.08
CA GLU A 156 -3.01 17.68 -31.70
CA GLU A 156 -3.09 17.69 -31.77
C GLU A 156 -3.56 16.44 -31.04
C GLU A 156 -3.59 16.44 -31.06
N PRO A 157 -4.23 15.57 -31.79
CA PRO A 157 -4.83 14.37 -31.19
C PRO A 157 -3.87 13.52 -30.35
N ALA A 158 -2.64 13.32 -30.77
CA ALA A 158 -1.68 12.55 -29.96
C ALA A 158 -1.47 13.24 -28.62
N VAL A 159 -1.50 14.58 -28.59
CA VAL A 159 -1.36 15.34 -27.34
C VAL A 159 -2.59 15.09 -26.47
N ILE A 160 -3.79 15.24 -27.05
CA ILE A 160 -5.04 15.02 -26.31
C ILE A 160 -5.04 13.62 -25.71
N ALA A 161 -4.65 12.64 -26.50
CA ALA A 161 -4.63 11.26 -26.06
C ALA A 161 -3.66 11.10 -24.87
N GLY A 162 -2.46 11.67 -24.97
CA GLY A 162 -1.57 11.62 -23.82
C GLY A 162 -2.12 12.27 -22.57
N GLN A 163 -2.76 13.47 -22.69
CA GLN A 163 -3.22 14.10 -21.46
C GLN A 163 -4.30 13.23 -20.81
N GLY A 164 -5.07 12.49 -21.63
CA GLY A 164 -6.12 11.60 -21.10
C GLY A 164 -5.59 10.56 -20.13
N THR A 165 -4.29 10.19 -20.24
CA THR A 165 -3.75 9.18 -19.35
C THR A 165 -3.83 9.61 -17.89
N ILE A 166 -3.94 10.90 -17.59
CA ILE A 166 -4.14 11.32 -16.19
C ILE A 166 -5.34 10.56 -15.63
N ALA A 167 -6.40 10.43 -16.45
CA ALA A 167 -7.67 9.88 -15.94
C ALA A 167 -7.53 8.37 -15.74
N LEU A 168 -6.66 7.70 -16.55
CA LEU A 168 -6.45 6.26 -16.28
C LEU A 168 -5.87 6.08 -14.90
N GLU A 169 -4.92 6.94 -14.56
CA GLU A 169 -4.31 6.88 -13.22
C GLU A 169 -5.31 7.23 -12.14
N VAL A 170 -6.05 8.34 -12.34
CA VAL A 170 -6.96 8.74 -11.28
C VAL A 170 -7.99 7.64 -11.00
N LEU A 171 -8.56 7.04 -12.04
CA LEU A 171 -9.61 6.03 -11.79
C LEU A 171 -9.02 4.84 -11.03
N ASN A 172 -7.76 4.46 -11.37
CA ASN A 172 -7.09 3.33 -10.74
C ASN A 172 -6.76 3.72 -9.30
N GLN A 173 -6.39 5.00 -9.06
CA GLN A 173 -5.87 5.43 -7.76
C GLN A 173 -6.99 5.77 -6.79
N VAL A 174 -8.17 6.14 -7.32
CA VAL A 174 -9.25 6.60 -6.48
C VAL A 174 -10.48 5.80 -6.94
N PRO A 175 -10.59 4.52 -6.58
CA PRO A 175 -11.69 3.69 -7.11
C PRO A 175 -13.09 4.21 -6.81
N LEU A 176 -13.26 4.95 -5.71
CA LEU A 176 -14.59 5.45 -5.38
C LEU A 176 -14.80 6.89 -5.89
N VAL A 177 -13.94 7.39 -6.79
CA VAL A 177 -14.11 8.75 -7.30
C VAL A 177 -15.48 8.95 -7.96
N ASP A 178 -16.09 10.11 -7.68
CA ASP A 178 -17.39 10.50 -8.21
C ASP A 178 -17.30 11.57 -9.32
N ALA A 179 -16.18 12.32 -9.33
CA ALA A 179 -16.06 13.41 -10.29
C ALA A 179 -14.57 13.77 -10.38
N LEU A 180 -14.14 14.17 -11.57
CA LEU A 180 -12.86 14.86 -11.77
C LEU A 180 -13.09 16.34 -12.09
N VAL A 181 -12.28 17.23 -11.47
CA VAL A 181 -12.31 18.66 -11.77
C VAL A 181 -11.00 19.02 -12.47
N VAL A 182 -11.12 19.58 -13.68
CA VAL A 182 -9.99 19.79 -14.57
C VAL A 182 -9.97 21.28 -15.01
N PRO A 183 -8.83 21.99 -14.84
CA PRO A 183 -8.71 23.34 -15.38
C PRO A 183 -8.70 23.23 -16.92
N VAL A 184 -9.31 24.19 -17.58
CA VAL A 184 -9.41 24.16 -19.03
C VAL A 184 -8.83 25.44 -19.63
N GLY A 185 -7.91 25.26 -20.60
CA GLY A 185 -7.51 26.27 -21.54
C GLY A 185 -7.87 25.86 -22.96
N GLY A 186 -6.89 25.29 -23.66
CA GLY A 186 -7.23 24.78 -24.97
C GLY A 186 -8.10 23.49 -24.93
N GLY A 187 -8.15 22.83 -23.77
CA GLY A 187 -9.06 21.68 -23.58
C GLY A 187 -8.42 20.34 -23.99
N GLY A 188 -7.10 20.30 -24.19
CA GLY A 188 -6.48 19.01 -24.48
C GLY A 188 -6.56 18.08 -23.28
N MET A 189 -6.20 18.61 -22.10
CA MET A 189 -6.37 17.79 -20.91
C MET A 189 -7.84 17.48 -20.60
N LEU A 190 -8.72 18.50 -20.61
CA LEU A 190 -10.15 18.24 -20.42
C LEU A 190 -10.68 17.15 -21.35
N ALA A 191 -10.42 17.31 -22.66
CA ALA A 191 -11.00 16.41 -23.63
C ALA A 191 -10.42 14.98 -23.47
N GLY A 192 -9.09 14.87 -23.25
CA GLY A 192 -8.50 13.56 -23.08
C GLY A 192 -9.09 12.87 -21.85
N ILE A 193 -9.21 13.61 -20.76
CA ILE A 193 -9.82 13.03 -19.57
C ILE A 193 -11.30 12.71 -19.79
N ALA A 194 -12.06 13.59 -20.48
CA ALA A 194 -13.47 13.29 -20.69
C ALA A 194 -13.66 12.00 -21.53
N ILE A 195 -12.86 11.83 -22.60
CA ILE A 195 -12.92 10.60 -23.41
C ILE A 195 -12.72 9.39 -22.51
N THR A 196 -11.69 9.51 -21.64
CA THR A 196 -11.24 8.36 -20.86
C THR A 196 -12.29 7.97 -19.83
N VAL A 197 -12.75 8.99 -19.11
CA VAL A 197 -13.74 8.71 -18.07
C VAL A 197 -15.03 8.16 -18.66
N LYS A 198 -15.51 8.77 -19.74
CA LYS A 198 -16.81 8.38 -20.28
C LYS A 198 -16.70 7.00 -20.96
N ALA A 199 -15.50 6.62 -21.44
CA ALA A 199 -15.34 5.26 -21.96
C ALA A 199 -15.36 4.23 -20.84
N LEU A 200 -14.80 4.54 -19.66
CA LEU A 200 -14.54 3.50 -18.66
C LEU A 200 -15.67 3.46 -17.63
N LYS A 201 -16.10 4.64 -17.19
CA LYS A 201 -17.04 4.69 -16.07
C LYS A 201 -17.87 5.98 -16.17
N PRO A 202 -18.79 6.05 -17.14
CA PRO A 202 -19.47 7.29 -17.46
C PRO A 202 -20.33 7.85 -16.33
N SER A 203 -20.59 7.06 -15.27
CA SER A 203 -21.24 7.58 -14.07
C SER A 203 -20.38 8.60 -13.31
N VAL A 204 -19.06 8.62 -13.57
CA VAL A 204 -18.19 9.60 -12.94
C VAL A 204 -18.30 10.91 -13.74
N LYS A 205 -18.51 12.04 -13.04
CA LYS A 205 -18.69 13.33 -13.65
C LYS A 205 -17.33 13.89 -14.06
N VAL A 206 -17.34 14.64 -15.17
CA VAL A 206 -16.17 15.42 -15.53
C VAL A 206 -16.56 16.89 -15.60
N TYR A 207 -15.89 17.71 -14.80
CA TYR A 207 -16.21 19.12 -14.65
C TYR A 207 -14.98 19.90 -15.06
N ALA A 208 -15.25 21.01 -15.75
CA ALA A 208 -14.18 21.91 -16.15
C ALA A 208 -14.20 23.10 -15.22
N ALA A 209 -13.02 23.70 -15.05
CA ALA A 209 -12.86 24.88 -14.20
C ALA A 209 -12.13 25.88 -15.05
N GLU A 210 -12.62 27.15 -15.02
CA GLU A 210 -12.03 28.07 -15.96
C GLU A 210 -12.06 29.46 -15.35
N PRO A 211 -11.06 30.33 -15.58
CA PRO A 211 -11.19 31.73 -15.15
C PRO A 211 -12.35 32.45 -15.86
N SER A 212 -13.12 33.21 -15.06
N SER A 212 -13.12 33.21 -15.06
N SER A 212 -13.13 33.20 -15.07
CA SER A 212 -14.19 34.05 -15.59
CA SER A 212 -14.16 34.14 -15.52
CA SER A 212 -14.20 34.04 -15.63
C SER A 212 -13.65 35.13 -16.53
C SER A 212 -13.61 35.06 -16.60
C SER A 212 -13.63 35.07 -16.61
N ASN A 213 -12.36 35.48 -16.40
CA ASN A 213 -11.73 36.43 -17.31
C ASN A 213 -11.35 35.81 -18.66
N ALA A 214 -11.46 34.49 -18.78
CA ALA A 214 -11.09 33.83 -20.03
C ALA A 214 -12.09 32.72 -20.32
N ASP A 215 -13.39 33.10 -20.38
CA ASP A 215 -14.46 32.11 -20.18
C ASP A 215 -15.02 31.57 -21.51
N ASP A 216 -14.15 31.35 -22.52
CA ASP A 216 -14.64 30.82 -23.80
C ASP A 216 -15.20 29.41 -23.66
N CYS A 217 -14.66 28.57 -22.73
CA CYS A 217 -15.21 27.20 -22.70
C CYS A 217 -16.66 27.24 -22.14
N TYR A 218 -16.86 28.05 -21.07
CA TYR A 218 -18.19 28.29 -20.52
C TYR A 218 -19.11 28.88 -21.60
N GLN A 219 -18.65 29.91 -22.35
CA GLN A 219 -19.54 30.56 -23.31
C GLN A 219 -19.86 29.64 -24.45
N SER A 220 -18.91 28.76 -24.84
CA SER A 220 -19.13 27.83 -25.92
C SER A 220 -20.17 26.79 -25.45
N LYS A 221 -20.00 26.25 -24.23
CA LYS A 221 -20.95 25.27 -23.72
C LYS A 221 -22.33 25.89 -23.54
N LEU A 222 -22.37 27.18 -23.11
CA LEU A 222 -23.64 27.90 -22.96
C LEU A 222 -24.30 28.01 -24.34
N LYS A 223 -23.55 28.48 -25.34
CA LYS A 223 -24.15 28.77 -26.63
C LYS A 223 -24.40 27.50 -27.44
N GLY A 224 -23.68 26.41 -27.12
CA GLY A 224 -23.77 25.22 -27.96
C GLY A 224 -22.93 25.27 -29.25
N LYS A 225 -21.95 26.20 -29.36
CA LYS A 225 -21.00 26.17 -30.46
C LYS A 225 -19.69 26.81 -30.02
N LEU A 226 -18.64 26.59 -30.80
CA LEU A 226 -17.32 27.07 -30.43
C LEU A 226 -17.23 28.60 -30.53
N MET A 227 -16.99 29.24 -29.40
CA MET A 227 -16.94 30.70 -29.29
C MET A 227 -15.61 31.03 -28.64
N PRO A 228 -14.50 31.17 -29.40
CA PRO A 228 -13.20 31.46 -28.78
C PRO A 228 -13.17 32.86 -28.15
N ASN A 229 -12.21 33.08 -27.24
CA ASN A 229 -12.01 34.44 -26.76
C ASN A 229 -11.81 35.35 -27.97
N LEU A 230 -12.48 36.49 -28.00
CA LEU A 230 -12.30 37.45 -29.09
C LEU A 230 -10.96 38.19 -28.96
N TYR A 231 -10.46 38.34 -27.74
CA TYR A 231 -9.25 39.08 -27.45
C TYR A 231 -8.40 38.28 -26.45
N PRO A 232 -7.06 38.50 -26.45
CA PRO A 232 -6.17 37.76 -25.54
C PRO A 232 -6.64 38.04 -24.10
N PRO A 233 -6.96 37.00 -23.30
CA PRO A 233 -7.45 37.26 -21.95
C PRO A 233 -6.40 37.71 -20.94
N GLU A 234 -6.85 38.48 -19.94
N GLU A 234 -6.88 38.45 -19.92
CA GLU A 234 -5.93 38.81 -18.87
CA GLU A 234 -6.07 38.90 -18.79
C GLU A 234 -6.33 37.98 -17.66
C GLU A 234 -6.36 37.99 -17.60
N THR A 235 -5.39 37.15 -17.19
CA THR A 235 -5.62 36.32 -16.04
C THR A 235 -4.27 35.94 -15.44
N ILE A 236 -4.26 35.75 -14.13
CA ILE A 236 -3.13 35.20 -13.43
C ILE A 236 -2.96 33.72 -13.78
N ALA A 237 -4.02 33.07 -14.31
CA ALA A 237 -3.93 31.67 -14.72
C ALA A 237 -3.33 31.56 -16.11
N ASP A 238 -2.01 31.78 -16.18
N ASP A 238 -2.01 31.75 -16.19
CA ASP A 238 -1.32 32.02 -17.44
CA ASP A 238 -1.28 32.00 -17.42
C ASP A 238 -1.35 30.80 -18.35
C ASP A 238 -1.22 30.77 -18.33
N GLY A 239 -1.50 29.59 -17.78
CA GLY A 239 -1.49 28.35 -18.55
C GLY A 239 -2.83 28.01 -19.21
N VAL A 240 -3.88 28.84 -18.99
CA VAL A 240 -5.20 28.57 -19.57
C VAL A 240 -5.70 29.80 -20.31
N LYS A 241 -4.78 30.45 -21.03
CA LYS A 241 -5.16 31.60 -21.82
C LYS A 241 -5.56 31.19 -23.23
N SER A 242 -5.23 30.00 -23.68
CA SER A 242 -5.71 29.52 -24.97
C SER A 242 -7.23 29.34 -24.92
N SER A 243 -7.85 29.46 -26.09
CA SER A 243 -9.23 29.10 -26.27
C SER A 243 -9.30 27.61 -26.60
N ILE A 244 -10.47 27.02 -26.38
CA ILE A 244 -10.70 25.68 -26.88
C ILE A 244 -10.69 25.79 -28.41
N GLY A 245 -10.56 24.63 -29.05
CA GLY A 245 -10.37 24.58 -30.50
C GLY A 245 -11.27 23.54 -31.16
N LEU A 246 -11.09 23.35 -32.48
CA LEU A 246 -12.01 22.56 -33.25
C LEU A 246 -11.92 21.08 -32.89
N ASN A 247 -10.78 20.62 -32.37
CA ASN A 247 -10.65 19.19 -32.05
C ASN A 247 -11.12 18.90 -30.62
N THR A 248 -10.93 19.83 -29.71
CA THR A 248 -11.33 19.56 -28.33
C THR A 248 -12.79 19.94 -28.07
N TRP A 249 -13.33 20.93 -28.82
CA TRP A 249 -14.69 21.41 -28.54
C TRP A 249 -15.76 20.29 -28.64
N PRO A 250 -15.81 19.46 -29.70
CA PRO A 250 -16.87 18.44 -29.78
C PRO A 250 -16.85 17.47 -28.58
N ILE A 251 -15.65 17.12 -28.10
CA ILE A 251 -15.52 16.28 -26.92
C ILE A 251 -16.10 16.98 -25.71
N ILE A 252 -15.74 18.25 -25.53
CA ILE A 252 -16.18 19.01 -24.38
C ILE A 252 -17.68 19.24 -24.42
N ARG A 253 -18.21 19.55 -25.60
CA ARG A 253 -19.65 19.75 -25.74
C ARG A 253 -20.38 18.48 -25.26
N ASP A 254 -19.92 17.31 -25.71
CA ASP A 254 -20.73 16.12 -25.54
C ASP A 254 -20.43 15.38 -24.23
N LEU A 255 -19.19 15.47 -23.68
CA LEU A 255 -18.75 14.51 -22.66
C LEU A 255 -18.38 15.21 -21.36
N VAL A 256 -18.39 16.55 -21.31
CA VAL A 256 -18.09 17.23 -20.07
C VAL A 256 -19.44 17.61 -19.44
N ASP A 257 -19.57 17.33 -18.12
CA ASP A 257 -20.86 17.44 -17.46
C ASP A 257 -21.18 18.90 -17.13
N ASP A 258 -20.17 19.72 -16.76
CA ASP A 258 -20.46 21.10 -16.40
C ASP A 258 -19.16 21.90 -16.35
N ILE A 259 -19.27 23.23 -16.50
N ILE A 259 -19.31 23.20 -16.17
CA ILE A 259 -18.15 24.17 -16.42
CA ILE A 259 -18.16 24.07 -16.27
C ILE A 259 -18.44 25.09 -15.23
C ILE A 259 -18.36 25.25 -15.32
N PHE A 260 -17.40 25.40 -14.43
CA PHE A 260 -17.49 26.35 -13.34
C PHE A 260 -16.47 27.44 -13.61
N THR A 261 -16.91 28.70 -13.57
CA THR A 261 -15.96 29.78 -13.81
C THR A 261 -15.62 30.42 -12.47
N VAL A 262 -14.42 30.99 -12.38
CA VAL A 262 -13.93 31.52 -11.11
C VAL A 262 -13.24 32.85 -11.35
N THR A 263 -13.42 33.78 -10.41
CA THR A 263 -12.80 35.09 -10.54
C THR A 263 -11.31 35.04 -10.26
N GLU A 264 -10.61 36.14 -10.62
CA GLU A 264 -9.20 36.30 -10.36
C GLU A 264 -8.94 36.16 -8.85
N ASP A 265 -9.80 36.80 -8.02
CA ASP A 265 -9.59 36.75 -6.58
C ASP A 265 -9.78 35.32 -6.10
N GLU A 266 -10.73 34.60 -6.67
CA GLU A 266 -10.96 33.21 -6.27
C GLU A 266 -9.73 32.35 -6.62
N ILE A 267 -9.18 32.55 -7.80
CA ILE A 267 -7.99 31.81 -8.19
C ILE A 267 -6.84 32.12 -7.22
N LYS A 268 -6.62 33.40 -6.92
CA LYS A 268 -5.52 33.76 -6.05
C LYS A 268 -5.71 33.19 -4.64
N CYS A 269 -6.92 33.27 -4.08
N CYS A 269 -6.94 33.30 -4.11
CA CYS A 269 -7.15 32.78 -2.72
CA CYS A 269 -7.25 32.81 -2.77
C CYS A 269 -7.00 31.25 -2.66
C CYS A 269 -6.99 31.29 -2.69
N ALA A 270 -7.46 30.56 -3.70
CA ALA A 270 -7.38 29.11 -3.72
C ALA A 270 -5.90 28.71 -3.85
N THR A 271 -5.14 29.47 -4.65
CA THR A 271 -3.73 29.16 -4.81
C THR A 271 -3.00 29.29 -3.47
N GLN A 272 -3.25 30.39 -2.78
CA GLN A 272 -2.58 30.67 -1.52
C GLN A 272 -3.01 29.64 -0.50
N LEU A 273 -4.29 29.26 -0.51
CA LEU A 273 -4.76 28.23 0.41
C LEU A 273 -3.98 26.93 0.20
N VAL A 274 -3.79 26.50 -1.05
CA VAL A 274 -3.06 25.26 -1.29
C VAL A 274 -1.60 25.41 -0.83
N TRP A 275 -0.95 26.55 -1.16
CA TRP A 275 0.41 26.79 -0.69
C TRP A 275 0.48 26.65 0.84
N GLU A 276 -0.39 27.36 1.56
CA GLU A 276 -0.27 27.52 3.00
C GLU A 276 -0.75 26.28 3.75
N ARG A 277 -1.84 25.66 3.27
CA ARG A 277 -2.47 24.59 4.03
C ARG A 277 -2.10 23.21 3.51
N MET A 278 -1.69 23.08 2.23
CA MET A 278 -1.26 21.78 1.75
C MET A 278 0.25 21.73 1.56
N LYS A 279 0.94 22.91 1.50
CA LYS A 279 2.38 22.97 1.29
C LYS A 279 2.75 22.45 -0.09
N LEU A 280 1.83 22.64 -1.06
CA LEU A 280 2.13 22.27 -2.44
C LEU A 280 2.30 23.55 -3.27
N LEU A 281 3.44 23.67 -3.97
N LEU A 281 3.44 23.68 -3.96
CA LEU A 281 3.73 24.87 -4.74
CA LEU A 281 3.72 24.89 -4.73
C LEU A 281 3.06 24.78 -6.11
C LEU A 281 3.08 24.80 -6.11
N ILE A 282 1.72 24.85 -6.15
CA ILE A 282 1.03 24.86 -7.43
C ILE A 282 1.19 26.21 -8.12
N GLU A 283 1.18 26.18 -9.46
CA GLU A 283 1.06 27.43 -10.18
C GLU A 283 -0.38 27.91 -10.05
N PRO A 284 -0.64 29.23 -10.16
CA PRO A 284 -2.01 29.72 -10.08
C PRO A 284 -2.99 29.06 -11.05
N THR A 285 -2.48 28.65 -12.23
CA THR A 285 -3.35 27.96 -13.17
C THR A 285 -3.92 26.69 -12.54
N ALA A 286 -3.12 26.00 -11.74
CA ALA A 286 -3.57 24.79 -11.07
C ALA A 286 -4.47 25.11 -9.86
N GLY A 287 -4.53 26.37 -9.48
CA GLY A 287 -5.44 26.75 -8.40
C GLY A 287 -6.88 26.92 -8.94
N VAL A 288 -7.05 26.95 -10.27
CA VAL A 288 -8.37 27.22 -10.85
C VAL A 288 -9.34 26.11 -10.47
N GLY A 289 -8.93 24.83 -10.56
CA GLY A 289 -9.78 23.73 -10.21
C GLY A 289 -10.14 23.75 -8.73
N VAL A 290 -9.18 24.16 -7.90
CA VAL A 290 -9.46 24.26 -6.45
C VAL A 290 -10.46 25.39 -6.19
N ALA A 291 -10.28 26.55 -6.85
CA ALA A 291 -11.25 27.65 -6.72
C ALA A 291 -12.64 27.18 -7.17
N ALA A 292 -12.71 26.37 -8.24
CA ALA A 292 -14.00 25.92 -8.74
C ALA A 292 -14.74 25.15 -7.64
N VAL A 293 -14.02 24.26 -6.92
CA VAL A 293 -14.72 23.41 -5.99
C VAL A 293 -15.12 24.25 -4.77
N LEU A 294 -14.38 25.33 -4.49
CA LEU A 294 -14.72 26.21 -3.37
C LEU A 294 -15.84 27.20 -3.72
N SER A 295 -16.16 27.34 -5.03
CA SER A 295 -17.00 28.42 -5.51
C SER A 295 -18.46 28.20 -5.13
N GLN A 296 -19.23 29.28 -5.18
CA GLN A 296 -20.65 29.25 -4.85
C GLN A 296 -21.38 28.30 -5.80
N HIS A 297 -21.07 28.36 -7.09
CA HIS A 297 -21.86 27.59 -8.04
C HIS A 297 -21.62 26.09 -7.89
N PHE A 298 -20.44 25.69 -7.37
CA PHE A 298 -20.19 24.28 -7.15
C PHE A 298 -21.12 23.69 -6.08
N GLN A 299 -21.77 24.54 -5.26
CA GLN A 299 -22.80 24.07 -4.33
C GLN A 299 -24.00 23.43 -5.01
N THR A 300 -24.22 23.67 -6.31
CA THR A 300 -25.29 23.05 -7.07
C THR A 300 -24.97 21.59 -7.41
N VAL A 301 -23.71 21.19 -7.20
CA VAL A 301 -23.38 19.80 -7.46
C VAL A 301 -24.06 18.93 -6.41
N SER A 302 -24.73 17.89 -6.88
CA SER A 302 -25.47 16.95 -6.04
C SER A 302 -24.62 16.51 -4.85
N PRO A 303 -25.25 16.36 -3.68
CA PRO A 303 -24.53 15.82 -2.52
C PRO A 303 -24.04 14.38 -2.72
N GLU A 304 -24.61 13.68 -3.72
CA GLU A 304 -24.18 12.31 -4.04
C GLU A 304 -22.77 12.34 -4.66
N VAL A 305 -22.36 13.51 -5.17
CA VAL A 305 -21.03 13.62 -5.78
C VAL A 305 -20.06 14.00 -4.66
N LYS A 306 -19.51 12.98 -3.99
CA LYS A 306 -18.83 13.21 -2.73
C LYS A 306 -17.32 13.20 -2.90
N ASN A 307 -16.83 12.23 -3.68
CA ASN A 307 -15.42 11.93 -3.85
C ASN A 307 -14.92 12.63 -5.12
N ILE A 308 -14.18 13.74 -4.96
CA ILE A 308 -13.90 14.58 -6.10
C ILE A 308 -12.38 14.70 -6.21
N CYS A 309 -11.86 14.32 -7.38
CA CYS A 309 -10.44 14.44 -7.64
C CYS A 309 -10.18 15.70 -8.47
N ILE A 310 -9.36 16.58 -7.92
CA ILE A 310 -8.96 17.82 -8.59
C ILE A 310 -7.55 17.61 -9.15
N VAL A 311 -7.35 17.92 -10.44
CA VAL A 311 -6.05 17.82 -11.05
C VAL A 311 -5.26 19.09 -10.73
N LEU A 312 -4.20 18.94 -9.94
CA LEU A 312 -3.25 20.03 -9.70
C LEU A 312 -2.22 19.94 -10.83
N SER A 313 -2.49 20.75 -11.88
CA SER A 313 -1.98 20.48 -13.20
C SER A 313 -0.49 20.87 -13.35
N GLY A 314 0.05 21.72 -12.50
CA GLY A 314 1.41 22.22 -12.74
C GLY A 314 1.94 22.96 -11.51
N GLY A 315 3.25 23.02 -11.45
CA GLY A 315 3.94 23.73 -10.38
C GLY A 315 5.01 24.66 -10.92
N ASN A 316 4.92 25.07 -12.20
CA ASN A 316 5.99 25.88 -12.78
C ASN A 316 5.72 27.36 -12.47
N VAL A 317 6.00 27.79 -11.24
CA VAL A 317 5.70 29.15 -10.80
C VAL A 317 7.02 29.89 -10.52
N ASP A 318 7.09 31.19 -10.86
CA ASP A 318 8.22 32.04 -10.48
C ASP A 318 7.88 32.81 -9.20
N LEU A 319 8.82 32.83 -8.24
N LEU A 319 8.82 32.83 -8.24
CA LEU A 319 8.60 33.43 -6.92
CA LEU A 319 8.60 33.43 -6.93
C LEU A 319 8.46 34.94 -7.05
C LEU A 319 8.46 34.94 -7.06
N THR A 320 9.13 35.50 -8.07
N THR A 320 9.11 35.50 -8.08
CA THR A 320 9.10 36.93 -8.30
CA THR A 320 9.08 36.93 -8.34
C THR A 320 7.73 37.32 -8.83
C THR A 320 7.71 37.32 -8.87
N SER A 321 7.20 36.55 -9.79
N SER A 321 7.20 36.54 -9.83
CA SER A 321 5.86 36.79 -10.30
CA SER A 321 5.86 36.78 -10.35
C SER A 321 4.85 36.64 -9.18
C SER A 321 4.84 36.68 -9.23
N SER A 322 5.18 35.79 -8.19
N SER A 322 5.02 35.69 -8.35
CA SER A 322 4.33 35.64 -7.02
CA SER A 322 4.13 35.53 -7.22
C SER A 322 4.38 36.90 -6.16
C SER A 322 4.00 36.89 -6.53
N ILE A 323 5.54 37.13 -5.52
N ILE A 323 4.99 37.74 -6.79
CA ILE A 323 5.70 38.25 -4.60
CA ILE A 323 5.11 39.05 -6.16
C ILE A 323 4.75 39.38 -5.01
C ILE A 323 4.04 39.98 -6.71
N THR A 324 4.52 39.51 -6.32
N THR A 324 3.76 39.86 -8.01
CA THR A 324 3.69 40.57 -6.86
CA THR A 324 2.72 40.64 -8.66
C THR A 324 2.24 40.46 -6.37
C THR A 324 1.45 40.66 -7.81
N TRP A 325 1.62 39.30 -6.61
N TRP A 325 0.86 39.47 -7.60
CA TRP A 325 0.17 39.17 -6.51
CA TRP A 325 -0.36 39.36 -6.81
C TRP A 325 -0.26 38.53 -5.18
C TRP A 325 -0.03 39.17 -5.33
N VAL A 326 0.69 38.37 -4.25
N VAL A 326 0.96 38.31 -5.08
CA VAL A 326 0.38 37.80 -2.96
CA VAL A 326 1.31 37.95 -3.72
C VAL A 326 0.32 38.92 -1.91
C VAL A 326 2.49 38.83 -3.28
N GLN B 4 1.16 -7.83 40.21
CA GLN B 4 2.42 -8.13 39.47
C GLN B 4 2.30 -9.49 38.80
N TYR B 5 2.28 -9.48 37.48
CA TYR B 5 2.20 -10.68 36.65
C TYR B 5 3.62 -11.15 36.37
N ASP B 6 3.73 -12.40 35.88
CA ASP B 6 5.02 -12.98 35.55
C ASP B 6 5.69 -12.26 34.39
N ILE B 7 4.91 -11.50 33.60
CA ILE B 7 5.48 -10.66 32.54
C ILE B 7 4.79 -9.31 32.52
N SER B 8 5.46 -8.31 31.91
CA SER B 8 4.87 -7.04 31.59
C SER B 8 4.83 -6.80 30.07
N PHE B 9 4.17 -5.70 29.70
CA PHE B 9 4.19 -5.28 28.30
C PHE B 9 5.64 -5.00 27.86
N ALA B 10 6.44 -4.41 28.74
CA ALA B 10 7.84 -4.16 28.45
C ALA B 10 8.56 -5.45 28.03
N ASP B 11 8.19 -6.57 28.64
CA ASP B 11 8.79 -7.87 28.30
C ASP B 11 8.38 -8.30 26.90
N VAL B 12 7.15 -7.97 26.50
CA VAL B 12 6.65 -8.35 25.17
C VAL B 12 7.41 -7.56 24.11
N GLU B 13 7.62 -6.26 24.35
CA GLU B 13 8.35 -5.49 23.34
C GLU B 13 9.80 -5.97 23.27
N LYS B 14 10.43 -6.23 24.42
N LYS B 14 10.44 -6.24 24.42
CA LYS B 14 11.78 -6.80 24.45
CA LYS B 14 11.78 -6.80 24.46
C LYS B 14 11.82 -8.06 23.61
C LYS B 14 11.82 -8.06 23.61
N ALA B 15 10.81 -8.93 23.76
CA ALA B 15 10.71 -10.14 22.98
C ALA B 15 10.66 -9.80 21.49
N HIS B 16 9.81 -8.83 21.10
CA HIS B 16 9.67 -8.53 19.67
C HIS B 16 11.03 -8.09 19.08
N ILE B 17 11.75 -7.22 19.80
CA ILE B 17 13.06 -6.73 19.38
C ILE B 17 13.99 -7.95 19.24
N ASN B 18 13.85 -8.91 20.16
N ASN B 18 13.85 -8.91 20.17
CA ASN B 18 14.74 -10.06 20.24
CA ASN B 18 14.75 -10.07 20.22
C ASN B 18 14.53 -11.02 19.07
C ASN B 18 14.53 -11.02 19.07
N ILE B 19 13.28 -11.13 18.58
CA ILE B 19 12.95 -12.16 17.59
C ILE B 19 12.64 -11.63 16.17
N ARG B 20 12.40 -10.31 16.03
CA ARG B 20 11.82 -9.80 14.81
C ARG B 20 12.63 -10.20 13.57
N ASP B 21 13.95 -10.39 13.70
CA ASP B 21 14.79 -10.61 12.52
C ASP B 21 14.70 -12.05 12.03
N SER B 22 14.06 -12.94 12.81
CA SER B 22 14.09 -14.36 12.48
C SER B 22 12.69 -14.97 12.37
N ILE B 23 11.64 -14.14 12.51
CA ILE B 23 10.27 -14.65 12.36
C ILE B 23 9.60 -13.91 11.20
N HIS B 24 8.49 -14.47 10.68
CA HIS B 24 7.69 -13.76 9.70
C HIS B 24 6.66 -12.88 10.40
N LEU B 25 6.53 -11.65 9.89
CA LEU B 25 5.34 -10.84 10.14
C LEU B 25 4.23 -11.41 9.28
N THR B 26 3.47 -12.35 9.86
CA THR B 26 2.58 -13.17 9.04
C THR B 26 1.40 -12.29 8.62
N PRO B 27 0.76 -12.57 7.44
CA PRO B 27 -0.34 -11.76 6.96
C PRO B 27 -1.65 -11.96 7.73
N VAL B 28 -2.50 -10.95 7.60
CA VAL B 28 -3.85 -11.07 8.07
C VAL B 28 -4.74 -11.20 6.85
N LEU B 29 -5.48 -12.31 6.76
CA LEU B 29 -6.33 -12.54 5.60
C LEU B 29 -7.79 -12.41 6.01
N THR B 30 -8.67 -12.33 5.01
CA THR B 30 -10.09 -12.22 5.27
C THR B 30 -10.84 -13.19 4.36
N SER B 31 -12.13 -13.38 4.65
CA SER B 31 -12.98 -14.37 4.02
C SER B 31 -14.42 -13.83 4.01
N SER B 32 -14.97 -13.56 2.83
CA SER B 32 -16.36 -13.07 2.77
C SER B 32 -17.31 -14.10 3.33
N ILE B 33 -17.07 -15.38 3.02
CA ILE B 33 -17.95 -16.45 3.42
C ILE B 33 -18.00 -16.50 4.95
N LEU B 34 -16.84 -16.44 5.61
CA LEU B 34 -16.83 -16.56 7.06
C LEU B 34 -17.50 -15.32 7.68
N ASN B 35 -17.36 -14.15 7.04
CA ASN B 35 -18.04 -12.92 7.48
C ASN B 35 -19.56 -13.14 7.42
N GLN B 36 -20.06 -13.59 6.26
CA GLN B 36 -21.47 -13.93 6.12
C GLN B 36 -21.95 -14.86 7.25
N LEU B 37 -21.19 -15.91 7.57
CA LEU B 37 -21.64 -16.91 8.53
C LEU B 37 -21.68 -16.39 9.96
N THR B 38 -20.85 -15.40 10.30
CA THR B 38 -20.74 -15.03 11.71
C THR B 38 -21.49 -13.72 11.98
N GLY B 39 -21.74 -12.97 10.91
CA GLY B 39 -22.27 -11.63 11.04
C GLY B 39 -21.25 -10.65 11.57
N ARG B 40 -19.95 -10.98 11.44
CA ARG B 40 -18.88 -10.10 11.93
C ARG B 40 -17.91 -9.83 10.80
N ASN B 41 -16.93 -8.98 11.09
N ASN B 41 -16.99 -8.87 11.01
CA ASN B 41 -15.88 -8.66 10.16
CA ASN B 41 -15.89 -8.71 10.08
C ASN B 41 -14.60 -9.34 10.62
C ASN B 41 -14.69 -9.43 10.69
N LEU B 42 -14.27 -10.51 10.02
CA LEU B 42 -13.20 -11.34 10.58
C LEU B 42 -11.87 -11.06 9.90
N PHE B 43 -10.81 -11.21 10.68
CA PHE B 43 -9.43 -11.04 10.23
C PHE B 43 -8.73 -12.27 10.78
N PHE B 44 -7.94 -12.92 9.93
CA PHE B 44 -7.27 -14.17 10.32
C PHE B 44 -5.77 -13.93 10.37
N LYS B 45 -5.20 -13.98 11.59
CA LYS B 45 -3.78 -13.79 11.73
C LYS B 45 -3.12 -15.13 11.40
N CYS B 46 -2.33 -15.14 10.34
CA CYS B 46 -1.92 -16.42 9.76
C CYS B 46 -0.62 -17.01 10.33
N GLU B 47 -0.67 -17.38 11.62
CA GLU B 47 0.49 -17.99 12.23
C GLU B 47 0.75 -19.38 11.67
N LEU B 48 -0.20 -19.97 10.92
CA LEU B 48 0.10 -21.20 10.18
C LEU B 48 1.22 -21.00 9.16
N PHE B 49 1.50 -19.75 8.78
CA PHE B 49 2.59 -19.49 7.83
C PHE B 49 3.90 -19.12 8.54
N GLN B 50 3.91 -19.16 9.87
CA GLN B 50 5.10 -18.79 10.61
C GLN B 50 6.18 -19.81 10.38
N LYS B 51 7.43 -19.38 10.62
CA LYS B 51 8.52 -20.37 10.68
C LYS B 51 8.13 -21.53 11.61
N THR B 52 8.50 -22.77 11.26
CA THR B 52 8.16 -23.99 12.01
C THR B 52 6.69 -24.41 11.91
N GLY B 53 5.82 -23.62 11.27
CA GLY B 53 4.43 -24.00 11.07
C GLY B 53 3.49 -23.61 12.22
N SER B 54 4.01 -22.91 13.24
CA SER B 54 3.12 -22.40 14.29
C SER B 54 3.77 -21.15 14.91
N PHE B 55 2.99 -20.47 15.74
CA PHE B 55 3.44 -19.29 16.44
C PHE B 55 4.51 -19.58 17.48
N LYS B 56 4.71 -20.86 17.85
CA LYS B 56 5.56 -21.19 19.00
C LYS B 56 7.02 -20.79 18.82
N ILE B 57 7.46 -20.57 17.57
CA ILE B 57 8.81 -20.07 17.37
C ILE B 57 9.01 -18.72 18.07
N ARG B 58 7.95 -17.92 18.27
CA ARG B 58 8.09 -16.61 18.90
C ARG B 58 8.59 -16.76 20.35
N GLY B 59 7.87 -17.55 21.14
CA GLY B 59 8.30 -17.80 22.51
C GLY B 59 9.58 -18.64 22.57
N ALA B 60 9.74 -19.60 21.67
CA ALA B 60 10.90 -20.50 21.74
C ALA B 60 12.17 -19.69 21.49
N LEU B 61 12.16 -18.87 20.44
CA LEU B 61 13.33 -18.08 20.13
C LEU B 61 13.60 -17.02 21.21
N ASN B 62 12.52 -16.42 21.75
CA ASN B 62 12.72 -15.46 22.82
C ASN B 62 13.41 -16.12 24.03
N ALA B 63 13.03 -17.36 24.34
CA ALA B 63 13.64 -18.05 25.48
C ALA B 63 15.10 -18.38 25.20
N VAL B 64 15.43 -18.82 23.97
CA VAL B 64 16.78 -19.28 23.68
C VAL B 64 17.72 -18.05 23.61
N ARG B 65 17.22 -16.94 23.07
CA ARG B 65 18.00 -15.72 22.95
C ARG B 65 18.02 -14.87 24.22
N SER B 66 17.08 -15.09 25.14
N SER B 66 17.07 -15.11 25.14
CA SER B 66 17.01 -14.31 26.37
CA SER B 66 17.06 -14.45 26.44
C SER B 66 17.56 -15.09 27.56
C SER B 66 17.85 -15.28 27.47
N LEU B 67 17.66 -16.41 27.42
N LEU B 67 17.44 -16.53 27.64
CA LEU B 67 18.11 -17.27 28.50
CA LEU B 67 18.00 -17.41 28.67
C LEU B 67 19.43 -17.92 28.08
C LEU B 67 19.35 -17.94 28.20
C PRO B 76 23.81 -23.28 26.17
N LYS B 77 24.26 -24.45 26.62
CA LYS B 77 25.08 -25.30 25.79
C LYS B 77 24.12 -26.16 24.97
N ALA B 78 22.86 -26.24 25.43
CA ALA B 78 21.86 -27.09 24.80
C ALA B 78 20.45 -26.73 25.29
N VAL B 79 19.44 -26.88 24.41
CA VAL B 79 18.05 -26.82 24.83
C VAL B 79 17.51 -28.24 24.86
N VAL B 80 16.62 -28.53 25.83
CA VAL B 80 15.97 -29.83 25.93
C VAL B 80 14.48 -29.59 26.14
N THR B 81 13.61 -30.45 25.57
CA THR B 81 12.21 -30.51 25.95
C THR B 81 11.67 -31.91 25.69
N HIS B 82 10.54 -32.24 26.33
CA HIS B 82 9.86 -33.49 26.03
C HIS B 82 8.64 -33.18 25.16
N SER B 83 8.88 -32.59 23.98
CA SER B 83 7.82 -32.20 23.05
C SER B 83 8.17 -32.63 21.63
N SER B 84 7.38 -33.53 21.07
CA SER B 84 7.52 -33.91 19.67
C SER B 84 6.68 -32.97 18.82
N GLY B 85 5.85 -32.14 19.46
CA GLY B 85 4.88 -31.30 18.78
C GLY B 85 5.41 -29.92 18.38
N ASN B 86 4.49 -28.92 18.31
CA ASN B 86 4.83 -27.58 17.82
C ASN B 86 5.97 -26.99 18.64
N HIS B 87 5.91 -27.15 19.98
CA HIS B 87 6.94 -26.61 20.86
C HIS B 87 8.31 -27.16 20.51
N GLY B 88 8.43 -28.50 20.42
CA GLY B 88 9.70 -29.14 20.13
C GLY B 88 10.25 -28.69 18.79
N GLN B 89 9.38 -28.64 17.78
CA GLN B 89 9.77 -28.16 16.46
C GLN B 89 10.24 -26.71 16.55
N ALA B 90 9.51 -25.86 17.31
CA ALA B 90 9.89 -24.46 17.49
C ALA B 90 11.25 -24.38 18.20
N LEU B 91 11.39 -25.10 19.32
CA LEU B 91 12.60 -25.02 20.12
C LEU B 91 13.81 -25.54 19.32
N THR B 92 13.61 -26.58 18.50
CA THR B 92 14.67 -27.13 17.67
C THR B 92 15.19 -26.06 16.70
N TYR B 93 14.28 -25.34 16.03
CA TYR B 93 14.64 -24.30 15.09
C TYR B 93 15.33 -23.12 15.80
N ALA B 94 14.78 -22.71 16.96
CA ALA B 94 15.39 -21.64 17.75
C ALA B 94 16.85 -21.99 18.06
N ALA B 95 17.08 -23.21 18.56
CA ALA B 95 18.41 -23.69 18.88
C ALA B 95 19.31 -23.60 17.65
N LYS B 96 18.85 -24.16 16.52
CA LYS B 96 19.52 -24.13 15.24
C LYS B 96 20.03 -22.71 14.94
N LEU B 97 19.13 -21.71 15.00
CA LEU B 97 19.46 -20.31 14.74
C LEU B 97 20.56 -19.82 15.69
N GLU B 98 20.57 -20.30 16.94
CA GLU B 98 21.52 -19.90 17.97
C GLU B 98 22.81 -20.74 17.92
N GLY B 99 22.84 -21.80 17.10
CA GLY B 99 23.96 -22.72 16.94
C GLY B 99 24.23 -23.53 18.20
N ILE B 100 23.15 -24.03 18.83
CA ILE B 100 23.26 -24.88 20.01
C ILE B 100 22.53 -26.20 19.72
N PRO B 101 22.97 -27.36 20.26
CA PRO B 101 22.22 -28.62 20.06
C PRO B 101 20.84 -28.58 20.71
N ALA B 102 19.87 -29.23 20.07
CA ALA B 102 18.53 -29.37 20.62
C ALA B 102 18.26 -30.86 20.90
N TYR B 103 17.83 -31.17 22.12
CA TYR B 103 17.52 -32.54 22.49
C TYR B 103 16.02 -32.70 22.74
N ILE B 104 15.40 -33.66 22.02
CA ILE B 104 13.99 -34.00 22.27
C ILE B 104 13.95 -35.38 22.93
N VAL B 105 13.33 -35.45 24.10
CA VAL B 105 13.14 -36.72 24.80
C VAL B 105 11.83 -37.32 24.33
N VAL B 106 11.90 -38.35 23.48
CA VAL B 106 10.64 -39.00 23.11
C VAL B 106 10.51 -40.34 23.82
N PRO B 107 9.36 -40.65 24.49
CA PRO B 107 9.20 -41.94 25.15
C PRO B 107 9.47 -42.91 24.01
N GLN B 108 10.29 -43.96 24.20
CA GLN B 108 10.61 -44.85 23.08
C GLN B 108 9.51 -45.90 22.84
N THR B 109 8.29 -45.66 23.35
CA THR B 109 7.14 -46.41 22.89
C THR B 109 6.28 -45.43 22.10
N ALA B 110 6.94 -44.56 21.33
CA ALA B 110 6.25 -43.64 20.46
C ALA B 110 6.50 -44.11 19.02
N PRO B 111 5.55 -43.93 18.09
CA PRO B 111 5.66 -44.57 16.78
C PRO B 111 6.90 -44.08 16.04
N ASP B 112 7.54 -44.97 15.27
CA ASP B 112 8.73 -44.63 14.50
C ASP B 112 8.47 -43.41 13.61
N CYS B 113 7.25 -43.24 13.09
CA CYS B 113 6.93 -42.04 12.30
C CYS B 113 7.23 -40.75 13.07
N LYS B 114 6.81 -40.68 14.35
CA LYS B 114 7.13 -39.55 15.20
C LYS B 114 8.66 -39.41 15.34
N LYS B 115 9.31 -40.52 15.73
CA LYS B 115 10.74 -40.56 15.95
C LYS B 115 11.48 -39.95 14.75
N LEU B 116 11.06 -40.34 13.53
CA LEU B 116 11.74 -39.93 12.32
C LEU B 116 11.46 -38.47 11.98
N ALA B 117 10.25 -37.96 12.32
CA ALA B 117 9.87 -36.58 12.06
C ALA B 117 10.67 -35.62 12.94
N ILE B 118 10.95 -36.01 14.18
CA ILE B 118 11.68 -35.18 15.13
C ILE B 118 13.11 -35.03 14.62
N GLN B 119 13.67 -36.13 14.11
CA GLN B 119 15.03 -36.12 13.62
C GLN B 119 15.07 -35.33 12.31
N ALA B 120 13.97 -35.43 11.55
CA ALA B 120 13.86 -34.72 10.28
C ALA B 120 13.78 -33.21 10.52
N TYR B 121 13.34 -32.76 11.70
CA TYR B 121 13.40 -31.34 11.96
C TYR B 121 14.78 -30.91 12.46
N GLY B 122 15.65 -31.91 12.74
CA GLY B 122 17.05 -31.63 13.05
C GLY B 122 17.45 -31.84 14.51
N ALA B 123 16.56 -32.40 15.34
CA ALA B 123 16.84 -32.55 16.76
C ALA B 123 17.56 -33.86 17.01
N SER B 124 18.35 -33.96 18.10
CA SER B 124 18.95 -35.22 18.50
C SER B 124 17.97 -35.96 19.40
N ILE B 125 17.84 -37.29 19.22
CA ILE B 125 16.81 -38.05 19.91
C ILE B 125 17.35 -38.66 21.21
N VAL B 126 16.60 -38.55 22.31
CA VAL B 126 16.94 -39.18 23.58
C VAL B 126 15.76 -40.03 24.04
N TYR B 127 15.98 -41.36 24.11
CA TYR B 127 14.93 -42.33 24.42
C TYR B 127 14.50 -42.29 25.91
N CYS B 128 13.19 -42.24 26.16
CA CYS B 128 12.56 -42.06 27.46
C CYS B 128 11.72 -43.31 27.83
N GLU B 129 11.09 -43.38 29.02
CA GLU B 129 10.03 -44.36 29.33
C GLU B 129 8.68 -43.63 29.23
N PRO B 130 7.55 -44.27 28.84
CA PRO B 130 6.29 -43.53 28.71
C PRO B 130 5.65 -43.28 30.07
N SER B 131 6.01 -42.14 30.68
CA SER B 131 5.45 -41.73 31.97
C SER B 131 5.73 -40.25 32.19
N ASP B 132 4.89 -39.58 33.00
CA ASP B 132 5.12 -38.19 33.32
C ASP B 132 6.46 -38.03 34.04
N GLU B 133 6.60 -38.70 35.19
CA GLU B 133 7.84 -38.71 35.95
C GLU B 133 9.01 -39.07 35.04
N SER B 134 8.86 -40.10 34.20
CA SER B 134 9.97 -40.55 33.39
C SER B 134 10.46 -39.43 32.47
N ARG B 135 9.56 -38.93 31.60
CA ARG B 135 9.87 -37.87 30.65
C ARG B 135 10.60 -36.72 31.35
N GLU B 136 9.99 -36.19 32.42
CA GLU B 136 10.55 -35.06 33.14
C GLU B 136 11.93 -35.43 33.68
N ASN B 137 12.05 -36.63 34.26
CA ASN B 137 13.30 -37.09 34.86
C ASN B 137 14.42 -37.14 33.80
N VAL B 138 14.17 -37.78 32.66
CA VAL B 138 15.23 -37.98 31.67
C VAL B 138 15.58 -36.64 31.01
N ALA B 139 14.58 -35.77 30.86
CA ALA B 139 14.80 -34.43 30.32
C ALA B 139 15.70 -33.64 31.26
N LYS B 140 15.40 -33.69 32.56
CA LYS B 140 16.21 -33.02 33.55
C LYS B 140 17.61 -33.62 33.59
N ARG B 141 17.71 -34.96 33.41
CA ARG B 141 18.99 -35.66 33.40
C ARG B 141 19.82 -35.15 32.21
N VAL B 142 19.19 -35.04 31.04
CA VAL B 142 19.86 -34.53 29.85
C VAL B 142 20.28 -33.08 30.07
N THR B 143 19.38 -32.26 30.65
CA THR B 143 19.66 -30.85 30.91
C THR B 143 20.93 -30.70 31.75
N GLU B 144 21.01 -31.47 32.84
CA GLU B 144 22.17 -31.44 33.73
C GLU B 144 23.45 -31.86 33.01
N GLU B 145 23.41 -33.02 32.33
CA GLU B 145 24.55 -33.58 31.61
C GLU B 145 25.06 -32.63 30.53
N THR B 146 24.13 -31.94 29.87
CA THR B 146 24.47 -31.07 28.75
C THR B 146 24.80 -29.67 29.25
N GLU B 147 24.53 -29.39 30.53
CA GLU B 147 24.63 -28.05 31.10
C GLU B 147 23.74 -27.11 30.29
N GLY B 148 22.55 -27.59 29.87
CA GLY B 148 21.68 -26.82 29.00
C GLY B 148 20.44 -26.30 29.73
N ILE B 149 19.39 -25.93 28.98
CA ILE B 149 18.17 -25.41 29.59
C ILE B 149 16.93 -26.15 29.06
N MET B 150 15.93 -26.32 29.94
CA MET B 150 14.64 -26.82 29.52
C MET B 150 13.76 -25.58 29.32
N VAL B 151 12.97 -25.59 28.25
CA VAL B 151 12.06 -24.49 27.96
C VAL B 151 10.62 -25.00 28.06
N HIS B 152 9.91 -24.64 29.15
CA HIS B 152 8.50 -24.92 29.34
C HIS B 152 7.70 -24.38 28.16
N PRO B 153 6.81 -25.19 27.55
CA PRO B 153 6.00 -24.73 26.42
C PRO B 153 5.03 -23.57 26.66
N ASN B 154 4.73 -23.24 27.93
CA ASN B 154 3.71 -22.24 28.15
C ASN B 154 3.86 -21.49 29.48
N GLN B 155 4.68 -21.99 30.43
CA GLN B 155 4.76 -21.29 31.71
C GLN B 155 6.04 -20.47 31.87
N GLU B 156 7.04 -20.67 31.00
CA GLU B 156 8.27 -19.87 31.10
C GLU B 156 7.97 -18.41 30.72
N PRO B 157 8.26 -17.40 31.58
CA PRO B 157 7.93 -16.02 31.23
C PRO B 157 8.45 -15.55 29.86
N ALA B 158 9.69 -15.92 29.47
CA ALA B 158 10.23 -15.52 28.16
C ALA B 158 9.37 -16.10 27.04
N VAL B 159 8.78 -17.29 27.26
CA VAL B 159 7.95 -17.90 26.25
C VAL B 159 6.66 -17.10 26.15
N ILE B 160 6.04 -16.81 27.28
CA ILE B 160 4.78 -16.08 27.33
C ILE B 160 4.99 -14.72 26.62
N ALA B 161 6.10 -14.05 26.98
CA ALA B 161 6.35 -12.71 26.41
C ALA B 161 6.48 -12.84 24.90
N GLY B 162 7.25 -13.86 24.41
CA GLY B 162 7.41 -14.01 22.97
C GLY B 162 6.05 -14.24 22.29
N GLN B 163 5.17 -15.04 22.88
CA GLN B 163 3.89 -15.31 22.22
C GLN B 163 3.05 -14.05 22.13
N GLY B 164 3.19 -13.19 23.14
CA GLY B 164 2.49 -11.91 23.16
C GLY B 164 2.76 -11.01 21.96
N THR B 165 3.89 -11.24 21.28
CA THR B 165 4.26 -10.44 20.11
C THR B 165 3.23 -10.58 18.99
N ILE B 166 2.46 -11.67 18.99
CA ILE B 166 1.39 -11.76 17.99
C ILE B 166 0.46 -10.57 18.08
N ALA B 167 0.17 -10.13 19.32
CA ALA B 167 -0.78 -9.05 19.51
C ALA B 167 -0.19 -7.70 19.04
N LEU B 168 1.13 -7.48 19.17
CA LEU B 168 1.70 -6.24 18.64
C LEU B 168 1.42 -6.17 17.15
N GLU B 169 1.63 -7.31 16.45
CA GLU B 169 1.45 -7.31 14.99
C GLU B 169 -0.03 -7.10 14.67
N VAL B 170 -0.92 -7.83 15.34
CA VAL B 170 -2.34 -7.73 15.04
C VAL B 170 -2.81 -6.30 15.26
N LEU B 171 -2.41 -5.65 16.38
CA LEU B 171 -2.93 -4.30 16.62
C LEU B 171 -2.41 -3.32 15.55
N ASN B 172 -1.18 -3.53 15.07
CA ASN B 172 -0.64 -2.66 14.03
C ASN B 172 -1.28 -2.99 12.68
N GLN B 173 -1.59 -4.27 12.44
CA GLN B 173 -2.09 -4.72 11.14
C GLN B 173 -3.59 -4.45 10.97
N VAL B 174 -4.33 -4.38 12.08
CA VAL B 174 -5.79 -4.25 12.07
C VAL B 174 -6.16 -3.11 13.03
N PRO B 175 -5.95 -1.85 12.61
CA PRO B 175 -6.13 -0.68 13.48
C PRO B 175 -7.51 -0.64 14.12
N LEU B 176 -8.54 -1.13 13.41
CA LEU B 176 -9.91 -1.04 13.89
C LEU B 176 -10.36 -2.31 14.61
N VAL B 177 -9.45 -3.21 14.95
CA VAL B 177 -9.84 -4.44 15.62
C VAL B 177 -10.58 -4.15 16.92
N ASP B 178 -11.62 -4.92 17.19
CA ASP B 178 -12.42 -4.80 18.42
C ASP B 178 -12.18 -6.00 19.34
N ALA B 179 -11.63 -7.13 18.82
CA ALA B 179 -11.42 -8.26 19.74
C ALA B 179 -10.41 -9.20 19.09
N LEU B 180 -9.65 -9.94 19.92
CA LEU B 180 -8.83 -11.05 19.41
C LEU B 180 -9.38 -12.33 20.02
N VAL B 181 -9.41 -13.40 19.21
CA VAL B 181 -9.87 -14.71 19.61
C VAL B 181 -8.69 -15.64 19.52
N VAL B 182 -8.40 -16.30 20.66
CA VAL B 182 -7.13 -16.97 20.83
C VAL B 182 -7.44 -18.37 21.35
N PRO B 183 -6.98 -19.45 20.68
CA PRO B 183 -7.08 -20.79 21.28
C PRO B 183 -6.18 -20.89 22.52
N VAL B 184 -6.65 -21.61 23.55
CA VAL B 184 -5.94 -21.72 24.83
C VAL B 184 -5.71 -23.18 25.19
N GLY B 185 -4.44 -23.48 25.47
CA GLY B 185 -4.04 -24.70 26.15
C GLY B 185 -3.36 -24.33 27.48
N GLY B 186 -2.04 -24.30 27.50
CA GLY B 186 -1.33 -23.82 28.67
C GLY B 186 -1.52 -22.32 28.94
N GLY B 187 -1.95 -21.56 27.91
CA GLY B 187 -2.27 -20.15 28.05
C GLY B 187 -1.05 -19.23 27.93
N GLY B 188 0.06 -19.74 27.38
CA GLY B 188 1.18 -18.86 27.09
C GLY B 188 0.82 -17.80 26.04
N MET B 189 0.20 -18.27 24.97
CA MET B 189 -0.24 -17.35 23.95
C MET B 189 -1.36 -16.45 24.49
N LEU B 190 -2.39 -17.07 25.08
CA LEU B 190 -3.45 -16.21 25.57
C LEU B 190 -2.91 -15.11 26.49
N ALA B 191 -2.08 -15.49 27.48
CA ALA B 191 -1.67 -14.57 28.51
C ALA B 191 -0.75 -13.50 27.89
N GLY B 192 0.18 -13.89 26.99
CA GLY B 192 1.04 -12.87 26.38
C GLY B 192 0.23 -11.86 25.57
N ILE B 193 -0.80 -12.36 24.86
CA ILE B 193 -1.65 -11.49 24.07
C ILE B 193 -2.47 -10.59 24.99
N ALA B 194 -3.02 -11.15 26.08
CA ALA B 194 -3.83 -10.36 27.00
C ALA B 194 -3.01 -9.20 27.59
N ILE B 195 -1.79 -9.48 28.06
CA ILE B 195 -0.91 -8.46 28.62
C ILE B 195 -0.74 -7.32 27.59
N THR B 196 -0.55 -7.71 26.34
CA THR B 196 -0.18 -6.76 25.30
C THR B 196 -1.38 -5.88 24.98
N VAL B 197 -2.51 -6.51 24.71
CA VAL B 197 -3.71 -5.81 24.32
C VAL B 197 -4.15 -4.89 25.46
N LYS B 198 -4.13 -5.38 26.69
CA LYS B 198 -4.63 -4.55 27.78
C LYS B 198 -3.71 -3.39 28.12
N ALA B 199 -2.41 -3.54 27.80
CA ALA B 199 -1.46 -2.45 28.06
C ALA B 199 -1.70 -1.36 27.03
N LEU B 200 -1.99 -1.78 25.77
CA LEU B 200 -1.94 -0.85 24.65
C LEU B 200 -3.31 -0.24 24.35
N LYS B 201 -4.37 -1.05 24.42
CA LYS B 201 -5.67 -0.60 24.03
C LYS B 201 -6.70 -1.47 24.73
N PRO B 202 -6.91 -1.29 26.05
CA PRO B 202 -7.77 -2.21 26.77
C PRO B 202 -9.25 -2.27 26.41
N SER B 203 -9.73 -1.34 25.58
CA SER B 203 -11.09 -1.46 25.10
C SER B 203 -11.21 -2.63 24.11
N VAL B 204 -10.08 -3.13 23.59
CA VAL B 204 -10.11 -4.27 22.68
C VAL B 204 -10.30 -5.53 23.51
N LYS B 205 -11.30 -6.36 23.16
CA LYS B 205 -11.59 -7.56 23.93
C LYS B 205 -10.54 -8.63 23.62
N VAL B 206 -10.22 -9.42 24.65
CA VAL B 206 -9.43 -10.61 24.45
C VAL B 206 -10.31 -11.81 24.82
N TYR B 207 -10.53 -12.72 23.85
CA TYR B 207 -11.39 -13.87 24.10
C TYR B 207 -10.61 -15.14 23.88
N ALA B 208 -10.78 -16.13 24.78
CA ALA B 208 -10.15 -17.43 24.64
C ALA B 208 -11.14 -18.42 24.02
N ALA B 209 -10.57 -19.42 23.33
CA ALA B 209 -11.36 -20.49 22.73
C ALA B 209 -10.73 -21.81 23.17
N GLU B 210 -11.56 -22.77 23.61
CA GLU B 210 -11.01 -23.97 24.19
C GLU B 210 -11.96 -25.11 23.86
N PRO B 211 -11.48 -26.33 23.66
CA PRO B 211 -12.37 -27.50 23.54
C PRO B 211 -13.16 -27.72 24.81
N SER B 212 -14.45 -27.98 24.63
CA SER B 212 -15.29 -28.35 25.75
C SER B 212 -14.78 -29.63 26.43
N ASN B 213 -14.10 -30.51 25.69
CA ASN B 213 -13.47 -31.71 26.24
C ASN B 213 -12.22 -31.41 27.09
N ALA B 214 -11.73 -30.16 27.07
CA ALA B 214 -10.53 -29.85 27.81
C ALA B 214 -10.74 -28.47 28.46
N ASP B 215 -11.79 -28.32 29.28
CA ASP B 215 -12.35 -27.00 29.56
C ASP B 215 -11.83 -26.42 30.88
N ASP B 216 -10.57 -26.70 31.23
CA ASP B 216 -10.01 -26.15 32.46
C ASP B 216 -9.96 -24.60 32.48
N CYS B 217 -9.71 -23.96 31.33
CA CYS B 217 -9.62 -22.51 31.39
C CYS B 217 -11.01 -21.92 31.68
N TYR B 218 -12.04 -22.45 31.03
CA TYR B 218 -13.41 -22.04 31.27
C TYR B 218 -13.79 -22.29 32.73
N GLN B 219 -13.48 -23.49 33.25
CA GLN B 219 -13.91 -23.83 34.59
C GLN B 219 -13.19 -22.94 35.60
N SER B 220 -11.89 -22.69 35.36
CA SER B 220 -11.10 -21.81 36.22
C SER B 220 -11.72 -20.42 36.30
N LYS B 221 -12.04 -19.85 35.13
CA LYS B 221 -12.68 -18.55 35.09
C LYS B 221 -14.02 -18.60 35.82
N LEU B 222 -14.74 -19.71 35.68
CA LEU B 222 -16.06 -19.83 36.28
C LEU B 222 -15.93 -19.85 37.81
N LYS B 223 -14.94 -20.59 38.32
CA LYS B 223 -14.79 -20.83 39.75
C LYS B 223 -14.00 -19.69 40.35
N GLY B 224 -13.27 -18.92 39.54
CA GLY B 224 -12.40 -17.87 40.04
C GLY B 224 -11.16 -18.45 40.73
N LYS B 225 -10.77 -19.66 40.33
CA LYS B 225 -9.63 -20.32 40.93
C LYS B 225 -9.03 -21.25 39.90
N LEU B 226 -7.73 -21.53 40.00
CA LEU B 226 -7.09 -22.42 39.04
C LEU B 226 -7.55 -23.86 39.23
N MET B 227 -8.19 -24.43 38.21
CA MET B 227 -8.73 -25.78 38.23
C MET B 227 -8.18 -26.56 37.03
N PRO B 228 -6.99 -27.20 37.10
CA PRO B 228 -6.47 -27.92 35.94
C PRO B 228 -7.37 -29.12 35.59
N ASN B 229 -7.26 -29.64 34.36
CA ASN B 229 -7.85 -30.92 34.00
C ASN B 229 -7.35 -31.98 34.96
N LEU B 230 -8.27 -32.78 35.47
CA LEU B 230 -7.95 -33.85 36.41
C LEU B 230 -7.25 -35.00 35.69
N TYR B 231 -7.64 -35.21 34.43
N TYR B 231 -7.64 -35.20 34.42
CA TYR B 231 -7.09 -36.27 33.62
CA TYR B 231 -7.18 -36.29 33.58
C TYR B 231 -6.70 -35.71 32.26
C TYR B 231 -6.72 -35.73 32.25
N PRO B 232 -5.73 -36.36 31.56
CA PRO B 232 -5.36 -35.99 30.20
C PRO B 232 -6.61 -35.95 29.33
N PRO B 233 -6.88 -34.81 28.67
CA PRO B 233 -8.09 -34.67 27.86
C PRO B 233 -7.99 -35.44 26.56
N GLU B 234 -9.15 -35.81 26.02
N GLU B 234 -9.17 -35.82 26.05
CA GLU B 234 -9.17 -36.39 24.70
CA GLU B 234 -9.33 -36.36 24.71
C GLU B 234 -9.83 -35.38 23.77
C GLU B 234 -9.84 -35.23 23.83
N THR B 235 -9.05 -34.88 22.80
CA THR B 235 -9.52 -33.87 21.87
C THR B 235 -8.65 -33.96 20.61
N ILE B 236 -9.24 -33.64 19.46
N ILE B 236 -9.24 -33.63 19.48
CA ILE B 236 -8.48 -33.62 18.23
CA ILE B 236 -8.50 -33.61 18.22
C ILE B 236 -7.63 -32.34 18.21
C ILE B 236 -7.63 -32.35 18.22
N ALA B 237 -7.94 -31.40 19.11
CA ALA B 237 -7.16 -30.18 19.18
C ALA B 237 -5.92 -30.50 20.00
N ASP B 238 -5.01 -31.27 19.38
N ASP B 238 -5.00 -31.21 19.37
CA ASP B 238 -3.90 -31.89 20.09
CA ASP B 238 -3.93 -31.89 20.09
C ASP B 238 -3.01 -30.85 20.77
C ASP B 238 -2.89 -30.90 20.63
N GLY B 239 -2.92 -29.63 20.18
CA GLY B 239 -2.01 -28.61 20.71
C GLY B 239 -2.52 -27.82 21.93
N VAL B 240 -3.74 -28.12 22.38
CA VAL B 240 -4.32 -27.44 23.54
C VAL B 240 -4.79 -28.44 24.61
N LYS B 241 -3.97 -29.48 24.77
CA LYS B 241 -4.24 -30.49 25.80
C LYS B 241 -3.68 -30.08 27.15
N SER B 242 -2.70 -29.15 27.19
CA SER B 242 -2.13 -28.69 28.46
C SER B 242 -3.20 -27.92 29.25
N SER B 243 -3.13 -28.01 30.60
CA SER B 243 -3.89 -27.11 31.44
C SER B 243 -3.17 -25.77 31.57
N ILE B 244 -3.92 -24.70 31.87
CA ILE B 244 -3.30 -23.45 32.30
C ILE B 244 -2.55 -23.70 33.61
N GLY B 245 -1.63 -22.79 33.92
CA GLY B 245 -0.75 -23.00 35.07
C GLY B 245 -0.59 -21.72 35.87
N LEU B 246 0.30 -21.75 36.88
CA LEU B 246 0.38 -20.67 37.85
C LEU B 246 0.90 -19.36 37.23
N ASN B 247 1.62 -19.44 36.11
CA ASN B 247 2.19 -18.23 35.52
C ASN B 247 1.18 -17.59 34.55
N THR B 248 0.29 -18.39 33.95
CA THR B 248 -0.60 -17.85 32.95
C THR B 248 -1.97 -17.59 33.57
N TRP B 249 -2.38 -18.33 34.60
CA TRP B 249 -3.69 -18.14 35.18
C TRP B 249 -3.95 -16.71 35.69
N PRO B 250 -3.10 -16.11 36.52
CA PRO B 250 -3.35 -14.74 37.03
C PRO B 250 -3.65 -13.73 35.91
N ILE B 251 -2.89 -13.83 34.80
CA ILE B 251 -3.14 -12.91 33.70
C ILE B 251 -4.51 -13.18 33.06
N ILE B 252 -4.81 -14.45 32.87
CA ILE B 252 -6.05 -14.87 32.23
C ILE B 252 -7.26 -14.48 33.09
N ARG B 253 -7.15 -14.71 34.40
CA ARG B 253 -8.23 -14.36 35.30
C ARG B 253 -8.56 -12.87 35.22
N ASP B 254 -7.54 -12.01 35.16
CA ASP B 254 -7.74 -10.57 35.29
C ASP B 254 -7.95 -9.88 33.94
N LEU B 255 -7.34 -10.40 32.85
CA LEU B 255 -7.20 -9.61 31.63
C LEU B 255 -7.89 -10.24 30.43
N VAL B 256 -8.48 -11.44 30.58
CA VAL B 256 -9.20 -12.07 29.49
C VAL B 256 -10.70 -11.86 29.70
N ASP B 257 -11.39 -11.41 28.65
CA ASP B 257 -12.77 -10.97 28.77
C ASP B 257 -13.72 -12.15 28.89
N ASP B 258 -13.46 -13.23 28.12
CA ASP B 258 -14.41 -14.34 28.10
C ASP B 258 -13.79 -15.61 27.51
N ILE B 259 -14.33 -16.79 27.87
CA ILE B 259 -13.85 -18.08 27.39
C ILE B 259 -14.99 -18.74 26.62
N PHE B 260 -14.73 -19.20 25.39
CA PHE B 260 -15.70 -19.87 24.55
C PHE B 260 -15.26 -21.33 24.46
N THR B 261 -16.15 -22.25 24.80
CA THR B 261 -15.78 -23.65 24.62
C THR B 261 -16.51 -24.20 23.41
N VAL B 262 -15.91 -25.19 22.75
CA VAL B 262 -16.44 -25.69 21.50
C VAL B 262 -16.33 -27.20 21.51
N THR B 263 -17.34 -27.88 20.94
CA THR B 263 -17.36 -29.34 20.93
C THR B 263 -16.39 -29.87 19.87
N GLU B 264 -16.03 -31.15 20.01
CA GLU B 264 -15.23 -31.86 19.01
C GLU B 264 -15.81 -31.69 17.61
N ASP B 265 -17.12 -31.93 17.48
CA ASP B 265 -17.77 -31.76 16.17
C ASP B 265 -17.61 -30.35 15.64
N GLU B 266 -17.75 -29.35 16.52
CA GLU B 266 -17.61 -27.95 16.12
C GLU B 266 -16.18 -27.67 15.66
N ILE B 267 -15.17 -28.25 16.34
CA ILE B 267 -13.79 -28.01 15.94
C ILE B 267 -13.56 -28.61 14.55
N LYS B 268 -14.05 -29.85 14.36
CA LYS B 268 -13.81 -30.54 13.10
C LYS B 268 -14.50 -29.78 11.96
N CYS B 269 -15.74 -29.33 12.19
N CYS B 269 -15.74 -29.36 12.21
CA CYS B 269 -16.44 -28.65 11.12
CA CYS B 269 -16.48 -28.62 11.19
C CYS B 269 -15.76 -27.31 10.77
C CYS B 269 -15.72 -27.35 10.78
N ALA B 270 -15.29 -26.57 11.77
CA ALA B 270 -14.65 -25.28 11.54
C ALA B 270 -13.34 -25.49 10.78
N THR B 271 -12.59 -26.52 11.16
CA THR B 271 -11.34 -26.84 10.49
C THR B 271 -11.61 -27.11 9.01
N GLN B 272 -12.62 -27.94 8.74
CA GLN B 272 -12.91 -28.31 7.36
C GLN B 272 -13.43 -27.09 6.58
N LEU B 273 -14.21 -26.24 7.22
CA LEU B 273 -14.68 -25.02 6.58
C LEU B 273 -13.50 -24.15 6.15
N VAL B 274 -12.50 -23.98 7.03
CA VAL B 274 -11.34 -23.14 6.67
C VAL B 274 -10.57 -23.79 5.52
N TRP B 275 -10.42 -25.15 5.54
CA TRP B 275 -9.73 -25.81 4.47
C TRP B 275 -10.44 -25.54 3.13
N GLU B 276 -11.76 -25.76 3.07
CA GLU B 276 -12.51 -25.78 1.82
C GLU B 276 -12.81 -24.37 1.33
N ARG B 277 -13.12 -23.48 2.26
CA ARG B 277 -13.56 -22.16 1.85
C ARG B 277 -12.44 -21.13 1.90
N MET B 278 -11.42 -21.29 2.76
CA MET B 278 -10.33 -20.30 2.80
C MET B 278 -9.08 -20.85 2.13
N LYS B 279 -9.02 -22.17 1.91
CA LYS B 279 -7.85 -22.80 1.27
C LYS B 279 -6.62 -22.71 2.16
N LEU B 280 -6.82 -22.69 3.48
CA LEU B 280 -5.72 -22.59 4.42
C LEU B 280 -5.63 -23.88 5.22
N LEU B 281 -4.48 -24.57 5.14
N LEU B 281 -4.47 -24.57 5.15
CA LEU B 281 -4.34 -25.89 5.77
CA LEU B 281 -4.30 -25.88 5.77
C LEU B 281 -3.99 -25.71 7.25
C LEU B 281 -3.99 -25.70 7.26
N ILE B 282 -4.97 -25.25 8.04
CA ILE B 282 -4.80 -25.13 9.49
C ILE B 282 -4.83 -26.50 10.13
N GLU B 283 -4.11 -26.61 11.25
CA GLU B 283 -4.29 -27.82 12.05
C GLU B 283 -5.58 -27.69 12.87
N PRO B 284 -6.20 -28.81 13.30
CA PRO B 284 -7.48 -28.73 14.02
C PRO B 284 -7.41 -27.87 15.25
N THR B 285 -6.25 -27.77 15.91
CA THR B 285 -6.13 -26.91 17.06
C THR B 285 -6.41 -25.45 16.69
N ALA B 286 -5.97 -25.06 15.48
CA ALA B 286 -6.19 -23.68 15.04
C ALA B 286 -7.66 -23.50 14.59
N GLY B 287 -8.35 -24.60 14.37
CA GLY B 287 -9.78 -24.52 14.11
C GLY B 287 -10.58 -24.14 15.36
N VAL B 288 -9.97 -24.21 16.55
CA VAL B 288 -10.72 -24.02 17.78
C VAL B 288 -11.23 -22.58 17.85
N GLY B 289 -10.38 -21.60 17.50
CA GLY B 289 -10.83 -20.22 17.53
C GLY B 289 -11.90 -19.92 16.46
N VAL B 290 -11.78 -20.56 15.30
CA VAL B 290 -12.77 -20.34 14.27
C VAL B 290 -14.11 -20.93 14.74
N ALA B 291 -14.06 -22.16 15.32
CA ALA B 291 -15.27 -22.75 15.89
C ALA B 291 -15.87 -21.81 16.92
N ALA B 292 -15.03 -21.21 17.76
CA ALA B 292 -15.55 -20.31 18.78
C ALA B 292 -16.38 -19.19 18.19
N VAL B 293 -15.89 -18.57 17.10
CA VAL B 293 -16.61 -17.43 16.56
C VAL B 293 -17.88 -17.89 15.86
N LEU B 294 -17.92 -19.14 15.34
CA LEU B 294 -19.10 -19.70 14.69
C LEU B 294 -20.14 -20.21 15.71
N SER B 295 -19.76 -20.33 17.00
CA SER B 295 -20.54 -21.00 18.05
C SER B 295 -21.74 -20.15 18.46
N GLN B 296 -22.75 -20.80 19.00
CA GLN B 296 -23.97 -20.12 19.42
C GLN B 296 -23.63 -19.07 20.49
N HIS B 297 -22.73 -19.42 21.43
CA HIS B 297 -22.40 -18.50 22.51
C HIS B 297 -21.78 -17.20 22.00
N PHE B 298 -21.03 -17.27 20.88
CA PHE B 298 -20.42 -16.06 20.34
C PHE B 298 -21.48 -15.13 19.76
N GLN B 299 -22.66 -15.70 19.42
CA GLN B 299 -23.74 -14.89 18.88
C GLN B 299 -24.22 -13.87 19.91
N THR B 300 -23.86 -14.07 21.19
CA THR B 300 -24.34 -13.20 22.25
C THR B 300 -23.30 -12.12 22.56
N VAL B 301 -22.17 -12.10 21.83
CA VAL B 301 -21.22 -11.02 21.99
C VAL B 301 -21.86 -9.76 21.39
N SER B 302 -21.65 -8.63 22.06
N SER B 302 -21.70 -8.62 22.07
CA SER B 302 -22.20 -7.34 21.67
CA SER B 302 -22.28 -7.34 21.69
C SER B 302 -21.99 -7.06 20.18
C SER B 302 -22.03 -7.05 20.21
N PRO B 303 -23.02 -6.51 19.48
CA PRO B 303 -22.83 -6.15 18.07
C PRO B 303 -21.73 -5.11 17.83
N GLU B 304 -21.38 -4.34 18.87
CA GLU B 304 -20.36 -3.31 18.76
C GLU B 304 -18.98 -3.96 18.57
N VAL B 305 -18.85 -5.24 18.97
CA VAL B 305 -17.62 -6.00 18.79
C VAL B 305 -17.65 -6.61 17.39
N LYS B 306 -17.22 -5.80 16.41
CA LYS B 306 -17.51 -6.10 15.01
C LYS B 306 -16.29 -6.71 14.34
N ASN B 307 -15.12 -6.08 14.56
CA ASN B 307 -13.88 -6.44 13.87
C ASN B 307 -13.14 -7.44 14.77
N ILE B 308 -13.11 -8.71 14.38
N ILE B 308 -13.20 -8.73 14.40
CA ILE B 308 -12.56 -9.71 15.28
CA ILE B 308 -12.64 -9.83 15.18
C ILE B 308 -11.44 -10.47 14.57
C ILE B 308 -11.38 -10.31 14.46
N CYS B 309 -10.27 -10.42 15.19
CA CYS B 309 -9.09 -11.12 14.67
C CYS B 309 -8.95 -12.46 15.39
N ILE B 310 -8.96 -13.53 14.60
CA ILE B 310 -8.78 -14.90 15.09
C ILE B 310 -7.34 -15.29 14.77
N VAL B 311 -6.64 -15.87 15.75
CA VAL B 311 -5.28 -16.35 15.50
C VAL B 311 -5.36 -17.77 14.96
N LEU B 312 -4.99 -17.96 13.69
CA LEU B 312 -4.80 -19.29 13.13
C LEU B 312 -3.42 -19.75 13.56
N SER B 313 -3.36 -20.48 14.67
CA SER B 313 -2.16 -20.61 15.47
C SER B 313 -1.16 -21.55 14.82
N GLY B 314 -1.60 -22.45 13.93
CA GLY B 314 -0.67 -23.46 13.43
C GLY B 314 -1.20 -24.19 12.20
N GLY B 315 -0.27 -24.77 11.41
CA GLY B 315 -0.60 -25.50 10.21
C GLY B 315 0.14 -26.85 10.16
N ASN B 316 0.55 -27.35 11.33
CA ASN B 316 1.29 -28.61 11.36
C ASN B 316 0.30 -29.76 11.43
N VAL B 317 -0.30 -30.08 10.28
CA VAL B 317 -1.37 -31.08 10.24
C VAL B 317 -0.81 -32.40 9.70
N ASP B 318 -1.18 -33.55 10.30
CA ASP B 318 -0.76 -34.82 9.74
C ASP B 318 -1.82 -35.32 8.76
N LEU B 319 -1.43 -35.57 7.50
CA LEU B 319 -2.37 -35.98 6.46
C LEU B 319 -3.08 -37.27 6.84
N THR B 320 -2.33 -38.23 7.40
CA THR B 320 -2.87 -39.54 7.78
C THR B 320 -3.94 -39.39 8.85
N SER B 321 -3.68 -38.57 9.88
CA SER B 321 -4.68 -38.34 10.92
C SER B 321 -5.92 -37.64 10.32
N SER B 322 -5.69 -36.76 9.34
CA SER B 322 -6.78 -36.04 8.70
C SER B 322 -7.75 -37.03 8.05
N ILE B 323 -7.23 -38.12 7.47
CA ILE B 323 -8.03 -39.18 6.89
C ILE B 323 -8.94 -39.77 7.98
N THR B 324 -8.40 -39.96 9.19
CA THR B 324 -9.13 -40.61 10.27
C THR B 324 -10.41 -39.85 10.62
N TRP B 325 -10.33 -38.51 10.75
CA TRP B 325 -11.48 -37.73 11.18
C TRP B 325 -12.16 -37.02 10.01
N VAL B 326 -11.59 -37.16 8.80
CA VAL B 326 -12.08 -36.52 7.58
C VAL B 326 -11.85 -35.01 7.67
C ALA C 3 20.29 1.60 28.52
N GLN C 4 19.53 2.03 29.54
CA GLN C 4 18.16 2.47 29.36
C GLN C 4 18.04 3.98 29.59
N TYR C 5 17.03 4.56 28.93
CA TYR C 5 16.94 5.98 28.67
C TYR C 5 15.62 6.47 29.21
N ASP C 6 15.29 7.74 28.99
CA ASP C 6 14.02 8.27 29.45
C ASP C 6 12.84 7.66 28.68
N ILE C 7 13.07 7.05 27.50
CA ILE C 7 12.05 6.24 26.86
C ILE C 7 12.66 4.92 26.40
N SER C 8 11.78 3.99 26.04
CA SER C 8 12.23 2.83 25.30
C SER C 8 11.31 2.67 24.09
N PHE C 9 11.59 1.66 23.28
CA PHE C 9 10.74 1.38 22.13
C PHE C 9 9.30 1.11 22.56
N ALA C 10 9.11 0.43 23.70
CA ALA C 10 7.76 0.17 24.21
C ALA C 10 6.95 1.49 24.26
N ASP C 11 7.58 2.59 24.69
CA ASP C 11 6.92 3.89 24.71
C ASP C 11 6.50 4.41 23.32
N VAL C 12 7.32 4.15 22.30
CA VAL C 12 7.00 4.52 20.92
C VAL C 12 5.80 3.71 20.45
N GLU C 13 5.80 2.39 20.69
CA GLU C 13 4.65 1.60 20.32
C GLU C 13 3.37 2.12 20.99
N LYS C 14 3.38 2.39 22.30
CA LYS C 14 2.26 3.01 22.99
C LYS C 14 1.83 4.33 22.32
N ALA C 15 2.79 5.20 22.03
CA ALA C 15 2.48 6.49 21.40
C ALA C 15 1.78 6.25 20.07
N HIS C 16 2.27 5.29 19.28
CA HIS C 16 1.64 4.98 18.00
C HIS C 16 0.16 4.64 18.21
N ILE C 17 -0.17 3.77 19.18
CA ILE C 17 -1.54 3.39 19.41
C ILE C 17 -2.33 4.62 19.88
N ASN C 18 -1.69 5.45 20.70
N ASN C 18 -1.66 5.46 20.66
CA ASN C 18 -2.36 6.62 21.24
CA ASN C 18 -2.27 6.62 21.27
C ASN C 18 -2.77 7.58 20.13
C ASN C 18 -2.64 7.70 20.23
N ILE C 19 -1.90 7.80 19.11
CA ILE C 19 -2.03 8.95 18.23
C ILE C 19 -2.50 8.59 16.81
N ARG C 20 -2.40 7.31 16.41
CA ARG C 20 -2.51 7.01 14.99
C ARG C 20 -3.88 7.39 14.45
N ASP C 21 -4.93 7.35 15.30
CA ASP C 21 -6.28 7.62 14.79
C ASP C 21 -6.48 9.10 14.44
N SER C 22 -5.50 9.96 14.75
CA SER C 22 -5.70 11.39 14.68
C SER C 22 -4.61 12.09 13.87
N ILE C 23 -3.56 11.35 13.45
CA ILE C 23 -2.52 12.02 12.68
C ILE C 23 -2.51 11.42 11.27
N HIS C 24 -1.74 12.02 10.36
CA HIS C 24 -1.61 11.50 9.02
C HIS C 24 -0.44 10.56 8.93
N LEU C 25 -0.66 9.44 8.26
N LEU C 25 -0.70 9.39 8.37
CA LEU C 25 0.45 8.60 7.88
CA LEU C 25 0.39 8.62 7.82
C LEU C 25 1.07 9.15 6.60
C LEU C 25 0.87 9.38 6.59
N THR C 26 1.93 10.18 6.78
CA THR C 26 2.39 11.03 5.69
C THR C 26 3.13 10.22 4.65
N PRO C 27 3.03 10.60 3.34
CA PRO C 27 3.66 9.87 2.27
C PRO C 27 5.18 10.09 2.26
N VAL C 28 5.82 9.16 1.57
CA VAL C 28 7.21 9.25 1.24
C VAL C 28 7.31 9.51 -0.24
N LEU C 29 7.95 10.63 -0.62
CA LEU C 29 8.02 10.99 -2.03
C LEU C 29 9.48 10.92 -2.47
N THR C 30 9.70 10.95 -3.79
CA THR C 30 11.06 10.89 -4.30
C THR C 30 11.23 11.95 -5.37
N SER C 31 12.48 12.16 -5.77
CA SER C 31 12.92 13.22 -6.68
C SER C 31 14.08 12.70 -7.51
N SER C 32 13.86 12.55 -8.83
CA SER C 32 14.96 12.16 -9.73
C SER C 32 16.15 13.12 -9.66
N ILE C 33 15.90 14.44 -9.62
N ILE C 33 15.92 14.44 -9.64
CA ILE C 33 16.99 15.42 -9.66
CA ILE C 33 17.04 15.38 -9.69
C ILE C 33 17.83 15.31 -8.40
C ILE C 33 17.86 15.27 -8.40
N LEU C 34 17.18 15.10 -7.24
N LEU C 34 17.19 15.10 -7.24
CA LEU C 34 17.93 15.04 -5.98
CA LEU C 34 17.92 15.04 -5.99
C LEU C 34 18.69 13.71 -5.85
C LEU C 34 18.69 13.71 -5.85
N ASN C 35 18.15 12.67 -6.49
CA ASN C 35 18.88 11.40 -6.54
C ASN C 35 20.16 11.63 -7.34
N GLN C 36 20.05 12.43 -8.42
CA GLN C 36 21.20 12.70 -9.28
C GLN C 36 22.23 13.56 -8.56
N LEU C 37 21.79 14.52 -7.76
CA LEU C 37 22.71 15.45 -7.13
C LEU C 37 23.46 14.79 -5.98
N THR C 38 22.92 13.69 -5.44
CA THR C 38 23.48 13.03 -4.27
C THR C 38 24.19 11.75 -4.67
N GLY C 39 23.73 11.10 -5.73
CA GLY C 39 24.24 9.79 -6.08
C GLY C 39 23.51 8.70 -5.28
N ARG C 40 22.45 9.09 -4.53
CA ARG C 40 21.79 8.13 -3.66
C ARG C 40 20.33 7.97 -4.05
N ASN C 41 19.64 6.97 -3.49
CA ASN C 41 18.21 6.84 -3.70
C ASN C 41 17.53 7.48 -2.49
N LEU C 42 17.01 8.69 -2.68
CA LEU C 42 16.47 9.46 -1.57
C LEU C 42 14.97 9.23 -1.47
N PHE C 43 14.50 9.19 -0.20
CA PHE C 43 13.09 9.10 0.10
C PHE C 43 12.78 10.24 1.06
N PHE C 44 11.70 10.97 0.82
CA PHE C 44 11.43 12.16 1.59
C PHE C 44 10.18 11.91 2.42
N LYS C 45 10.33 11.75 3.72
CA LYS C 45 9.20 11.58 4.62
C LYS C 45 8.51 12.93 4.88
N CYS C 46 7.27 13.06 4.42
CA CYS C 46 6.69 14.38 4.18
C CYS C 46 5.91 14.83 5.43
N GLU C 47 6.64 15.08 6.55
CA GLU C 47 5.99 15.60 7.73
C GLU C 47 5.51 17.04 7.54
N LEU C 48 5.89 17.69 6.43
CA LEU C 48 5.31 19.01 6.20
C LEU C 48 3.79 18.89 5.91
N PHE C 49 3.32 17.67 5.56
CA PHE C 49 1.92 17.46 5.26
C PHE C 49 1.20 16.96 6.50
N GLN C 50 1.93 16.84 7.63
CA GLN C 50 1.28 16.34 8.83
C GLN C 50 0.28 17.37 9.34
N LYS C 51 -0.69 16.94 10.14
N LYS C 51 -0.66 16.93 10.17
CA LYS C 51 -1.58 17.93 10.74
CA LYS C 51 -1.54 17.89 10.84
C LYS C 51 -0.76 18.97 11.51
C LYS C 51 -0.72 18.99 11.52
N THR C 52 -1.17 20.24 11.34
CA THR C 52 -0.55 21.46 11.86
C THR C 52 0.71 21.87 11.10
N GLY C 53 1.16 21.07 10.10
CA GLY C 53 2.25 21.57 9.28
C GLY C 53 3.66 21.11 9.75
N SER C 54 3.71 20.35 10.85
CA SER C 54 4.98 19.77 11.27
C SER C 54 4.72 18.45 12.00
N PHE C 55 5.81 17.73 12.22
CA PHE C 55 5.75 16.44 12.92
C PHE C 55 5.33 16.61 14.38
N LYS C 56 5.33 17.85 14.91
CA LYS C 56 5.24 18.05 16.36
C LYS C 56 3.88 17.59 16.92
N ILE C 57 2.85 17.45 16.08
CA ILE C 57 1.58 16.96 16.60
C ILE C 57 1.75 15.54 17.17
N ARG C 58 2.75 14.76 16.71
CA ARG C 58 2.91 13.39 17.18
C ARG C 58 3.25 13.42 18.68
N GLY C 59 4.33 14.13 19.04
CA GLY C 59 4.69 14.21 20.45
C GLY C 59 3.64 14.97 21.28
N ALA C 60 3.06 16.03 20.67
CA ALA C 60 2.10 16.86 21.40
C ALA C 60 0.85 16.06 21.75
N LEU C 61 0.32 15.32 20.77
CA LEU C 61 -0.88 14.57 21.03
C LEU C 61 -0.61 13.44 22.02
N ASN C 62 0.55 12.79 21.89
CA ASN C 62 0.90 11.70 22.81
C ASN C 62 0.96 12.24 24.23
N ALA C 63 1.51 13.45 24.41
CA ALA C 63 1.63 14.07 25.72
C ALA C 63 0.25 14.45 26.26
N VAL C 64 -0.61 15.03 25.42
CA VAL C 64 -1.91 15.46 25.89
C VAL C 64 -2.74 14.24 26.29
N ARG C 65 -2.51 13.10 25.63
CA ARG C 65 -3.26 11.87 25.86
C ARG C 65 -2.61 10.98 26.92
N SER C 66 -1.50 11.41 27.54
N SER C 66 -1.43 11.39 27.42
CA SER C 66 -0.84 10.53 28.50
CA SER C 66 -0.63 10.60 28.35
C SER C 66 -0.31 11.24 29.75
C SER C 66 -0.55 11.29 29.72
N LEU C 67 -0.15 12.57 29.72
CA LEU C 67 0.27 13.29 30.92
C LEU C 67 -0.95 13.63 31.75
N VAL C 68 -0.75 13.80 33.07
CA VAL C 68 -1.88 14.06 33.95
C VAL C 68 -1.66 15.37 34.69
N PRO C 69 -2.74 16.12 34.97
CA PRO C 69 -2.56 17.39 35.67
C PRO C 69 -2.40 17.15 37.17
N ASP C 70 -2.04 18.22 37.89
CA ASP C 70 -1.91 18.11 39.33
C ASP C 70 -3.28 18.40 39.94
N ALA C 71 -4.17 17.43 39.87
CA ALA C 71 -5.56 17.63 40.28
C ALA C 71 -6.24 16.28 40.42
N LEU C 72 -7.49 16.24 40.91
CA LEU C 72 -8.17 14.98 41.14
C LEU C 72 -8.42 14.27 39.82
N GLU C 73 -8.89 15.03 38.82
CA GLU C 73 -9.23 14.43 37.54
C GLU C 73 -7.96 14.10 36.78
N ARG C 74 -7.89 12.87 36.31
CA ARG C 74 -6.67 12.40 35.69
C ARG C 74 -6.50 12.95 34.27
N LYS C 75 -7.55 13.56 33.70
N LYS C 75 -7.55 13.57 33.70
CA LYS C 75 -7.45 14.08 32.33
CA LYS C 75 -7.44 14.08 32.33
C LYS C 75 -7.19 15.59 32.37
C LYS C 75 -7.19 15.59 32.37
N PRO C 76 -6.20 16.13 31.61
CA PRO C 76 -5.95 17.58 31.58
C PRO C 76 -7.21 18.30 31.13
N LYS C 77 -7.50 19.44 31.76
CA LYS C 77 -8.63 20.26 31.35
C LYS C 77 -8.20 21.46 30.53
N ALA C 78 -6.89 21.59 30.28
CA ALA C 78 -6.36 22.65 29.45
C ALA C 78 -4.90 22.31 29.17
N VAL C 79 -4.33 23.06 28.22
N VAL C 79 -4.32 22.98 28.15
CA VAL C 79 -2.93 23.00 27.88
CA VAL C 79 -2.88 22.97 27.94
C VAL C 79 -2.46 24.44 27.88
C VAL C 79 -2.47 24.43 27.95
N VAL C 80 -1.24 24.62 28.35
CA VAL C 80 -0.72 25.96 28.51
C VAL C 80 0.66 25.90 27.85
N THR C 81 1.00 26.96 27.08
CA THR C 81 2.29 26.95 26.39
C THR C 81 2.89 28.35 26.34
N HIS C 82 4.21 28.41 26.12
CA HIS C 82 4.87 29.69 25.86
C HIS C 82 5.11 29.85 24.36
N SER C 83 4.79 28.80 23.57
CA SER C 83 5.20 28.77 22.16
C SER C 83 4.08 29.18 21.18
N SER C 84 4.42 30.06 20.23
CA SER C 84 3.52 30.39 19.13
C SER C 84 4.06 29.80 17.84
N GLY C 85 5.08 28.95 17.95
CA GLY C 85 5.68 28.24 16.82
C GLY C 85 5.10 26.84 16.62
N ASN C 86 5.90 25.97 15.98
CA ASN C 86 5.45 24.63 15.62
C ASN C 86 4.95 23.89 16.86
N HIS C 87 5.67 24.00 17.99
CA HIS C 87 5.28 23.33 19.22
C HIS C 87 3.92 23.81 19.71
N GLY C 88 3.77 25.12 19.89
CA GLY C 88 2.52 25.68 20.36
C GLY C 88 1.33 25.36 19.46
N GLN C 89 1.58 25.44 18.15
N GLN C 89 1.56 25.43 18.14
CA GLN C 89 0.55 25.12 17.17
CA GLN C 89 0.51 25.13 17.18
C GLN C 89 0.12 23.66 17.34
C GLN C 89 0.11 23.65 17.28
N ALA C 90 1.11 22.77 17.49
CA ALA C 90 0.84 21.35 17.67
C ALA C 90 0.02 21.12 18.94
N LEU C 91 0.45 21.71 20.06
CA LEU C 91 -0.26 21.54 21.33
C LEU C 91 -1.68 22.09 21.24
N THR C 92 -1.86 23.22 20.56
CA THR C 92 -3.17 23.83 20.41
C THR C 92 -4.12 22.88 19.67
N TYR C 93 -3.63 22.26 18.59
CA TYR C 93 -4.44 21.31 17.83
C TYR C 93 -4.80 20.09 18.69
N ALA C 94 -3.81 19.58 19.44
CA ALA C 94 -4.02 18.44 20.32
C ALA C 94 -5.14 18.78 21.31
N ALA C 95 -5.11 20.00 21.86
CA ALA C 95 -6.11 20.48 22.79
C ALA C 95 -7.49 20.50 22.11
N LYS C 96 -7.54 20.99 20.87
CA LYS C 96 -8.79 20.99 20.14
C LYS C 96 -9.33 19.57 19.97
N LEU C 97 -8.45 18.60 19.67
CA LEU C 97 -8.90 17.24 19.46
C LEU C 97 -9.52 16.71 20.75
N GLU C 98 -8.98 17.15 21.90
CA GLU C 98 -9.41 16.63 23.19
C GLU C 98 -10.55 17.49 23.78
N GLY C 99 -10.95 18.55 23.07
CA GLY C 99 -12.03 19.41 23.54
C GLY C 99 -11.68 20.20 24.81
N ILE C 100 -10.42 20.67 24.90
CA ILE C 100 -9.97 21.45 26.03
C ILE C 100 -9.35 22.74 25.52
N PRO C 101 -9.43 23.87 26.27
CA PRO C 101 -8.75 25.09 25.84
C PRO C 101 -7.23 24.95 25.81
N ALA C 102 -6.61 25.71 24.91
CA ALA C 102 -5.17 25.90 24.89
C ALA C 102 -4.91 27.39 25.17
N TYR C 103 -4.06 27.64 26.14
CA TYR C 103 -3.69 28.99 26.54
C TYR C 103 -2.24 29.19 26.17
N ILE C 104 -1.97 30.40 25.64
CA ILE C 104 -0.61 30.78 25.35
C ILE C 104 -0.33 32.03 26.16
N VAL C 105 0.80 31.97 26.89
CA VAL C 105 1.25 33.05 27.73
C VAL C 105 2.06 33.98 26.84
N VAL C 106 1.64 35.25 26.80
CA VAL C 106 2.19 36.22 25.86
C VAL C 106 2.56 37.49 26.63
N PRO C 107 3.81 38.02 26.50
CA PRO C 107 4.13 39.34 27.08
C PRO C 107 3.16 40.41 26.56
N GLN C 108 2.77 41.31 27.47
CA GLN C 108 1.76 42.32 27.15
C GLN C 108 2.21 43.20 25.98
N THR C 109 3.52 43.21 25.68
CA THR C 109 4.12 44.06 24.66
C THR C 109 4.31 43.31 23.34
N ALA C 110 3.61 42.18 23.15
CA ALA C 110 3.65 41.51 21.86
C ALA C 110 3.01 42.42 20.81
N PRO C 111 3.53 42.45 19.55
CA PRO C 111 2.87 43.15 18.44
C PRO C 111 1.50 42.55 18.07
N ASP C 112 0.59 43.43 17.62
CA ASP C 112 -0.75 43.05 17.20
C ASP C 112 -0.69 41.92 16.17
N CYS C 113 0.29 41.99 15.26
CA CYS C 113 0.45 41.00 14.20
C CYS C 113 0.56 39.59 14.78
N LYS C 114 1.49 39.39 15.74
CA LYS C 114 1.71 38.13 16.44
C LYS C 114 0.43 37.69 17.17
N LYS C 115 -0.21 38.61 17.89
CA LYS C 115 -1.43 38.28 18.63
C LYS C 115 -2.53 37.78 17.69
N LEU C 116 -2.71 38.47 16.55
CA LEU C 116 -3.75 38.08 15.62
C LEU C 116 -3.45 36.68 15.07
N ALA C 117 -2.17 36.45 14.74
CA ALA C 117 -1.67 35.20 14.21
C ALA C 117 -1.89 34.04 15.21
N ILE C 118 -1.67 34.32 16.49
CA ILE C 118 -1.85 33.33 17.54
C ILE C 118 -3.31 32.89 17.61
N GLN C 119 -4.21 33.88 17.61
CA GLN C 119 -5.64 33.64 17.72
C GLN C 119 -6.17 32.93 16.47
N ALA C 120 -5.49 33.10 15.34
CA ALA C 120 -5.90 32.46 14.10
C ALA C 120 -5.91 30.94 14.24
N TYR C 121 -4.89 30.36 14.90
CA TYR C 121 -4.84 28.90 15.03
C TYR C 121 -5.62 28.43 16.26
N GLY C 122 -6.08 29.37 17.08
CA GLY C 122 -7.14 29.07 18.04
C GLY C 122 -6.67 29.00 19.49
N ALA C 123 -5.49 29.54 19.77
CA ALA C 123 -5.02 29.54 21.14
C ALA C 123 -5.63 30.75 21.82
N SER C 124 -5.79 30.67 23.15
CA SER C 124 -6.36 31.73 23.96
C SER C 124 -5.21 32.45 24.65
N ILE C 125 -5.12 33.79 24.50
CA ILE C 125 -3.95 34.49 25.01
C ILE C 125 -4.19 34.86 26.47
N VAL C 126 -3.21 34.57 27.34
CA VAL C 126 -3.13 35.16 28.68
C VAL C 126 -1.84 35.98 28.75
N TYR C 127 -1.95 37.25 29.20
CA TYR C 127 -0.81 38.17 29.21
C TYR C 127 0.05 37.98 30.46
N CYS C 128 1.37 38.20 30.26
CA CYS C 128 2.33 38.28 31.34
C CYS C 128 3.17 39.54 31.11
N GLU C 129 4.07 39.84 32.06
N GLU C 129 4.08 39.81 32.05
CA GLU C 129 5.00 40.95 31.86
CA GLU C 129 5.02 40.92 31.88
C GLU C 129 6.23 40.42 31.11
C GLU C 129 6.22 40.42 31.09
N PRO C 130 6.90 41.28 30.29
CA PRO C 130 8.00 40.81 29.42
C PRO C 130 9.33 40.54 30.14
N SER C 131 9.31 39.50 30.98
CA SER C 131 10.48 38.93 31.64
C SER C 131 10.28 37.43 31.78
N ASP C 132 11.38 36.69 31.94
CA ASP C 132 11.35 35.23 32.08
C ASP C 132 10.67 34.81 33.38
N GLU C 133 10.77 35.68 34.40
CA GLU C 133 10.13 35.46 35.69
C GLU C 133 8.61 35.41 35.51
N SER C 134 8.05 36.49 34.91
CA SER C 134 6.60 36.63 34.78
C SER C 134 6.05 35.57 33.83
N ARG C 135 6.77 35.28 32.73
CA ARG C 135 6.35 34.29 31.77
C ARG C 135 6.13 32.98 32.53
N GLU C 136 7.11 32.57 33.34
N GLU C 136 7.10 32.57 33.34
CA GLU C 136 7.04 31.29 34.01
CA GLU C 136 7.07 31.29 34.01
C GLU C 136 5.92 31.29 35.05
C GLU C 136 5.94 31.28 35.05
N ASN C 137 5.83 32.36 35.83
CA ASN C 137 4.87 32.42 36.91
C ASN C 137 3.43 32.47 36.41
N VAL C 138 3.15 33.22 35.35
CA VAL C 138 1.82 33.25 34.74
C VAL C 138 1.46 31.85 34.24
N ALA C 139 2.37 31.18 33.52
CA ALA C 139 2.10 29.85 32.98
C ALA C 139 1.85 28.86 34.12
N LYS C 140 2.66 28.94 35.18
CA LYS C 140 2.46 28.07 36.33
C LYS C 140 1.07 28.29 36.93
N ARG C 141 0.66 29.55 37.08
CA ARG C 141 -0.61 29.91 37.68
C ARG C 141 -1.74 29.39 36.80
N VAL C 142 -1.63 29.66 35.50
CA VAL C 142 -2.67 29.28 34.56
C VAL C 142 -2.80 27.76 34.57
N THR C 143 -1.66 27.07 34.50
CA THR C 143 -1.67 25.62 34.41
C THR C 143 -2.38 25.06 35.64
N GLU C 144 -2.08 25.63 36.81
CA GLU C 144 -2.63 25.12 38.06
C GLU C 144 -4.12 25.47 38.18
N GLU C 145 -4.48 26.71 37.84
CA GLU C 145 -5.84 27.14 38.06
C GLU C 145 -6.78 26.45 37.06
N THR C 146 -6.26 26.08 35.87
CA THR C 146 -7.10 25.45 34.86
C THR C 146 -7.06 23.91 34.94
N GLU C 147 -6.31 23.36 35.90
CA GLU C 147 -6.13 21.92 35.98
C GLU C 147 -5.57 21.42 34.66
N GLY C 148 -4.57 22.16 34.14
CA GLY C 148 -4.02 21.89 32.82
C GLY C 148 -2.65 21.20 32.90
N ILE C 149 -2.03 21.01 31.72
CA ILE C 149 -0.67 20.46 31.69
C ILE C 149 0.22 21.35 30.80
N MET C 150 1.52 21.30 31.02
CA MET C 150 2.46 21.93 30.11
C MET C 150 3.31 20.80 29.55
N VAL C 151 3.79 20.98 28.33
CA VAL C 151 4.50 19.91 27.64
C VAL C 151 5.80 20.49 27.12
N HIS C 152 6.95 20.01 27.61
CA HIS C 152 8.24 20.46 27.08
C HIS C 152 8.37 20.05 25.61
N PRO C 153 8.85 20.95 24.71
CA PRO C 153 8.95 20.67 23.29
C PRO C 153 9.90 19.57 22.85
N ASN C 154 10.85 19.16 23.69
CA ASN C 154 11.76 18.13 23.22
C ASN C 154 12.30 17.20 24.31
N GLN C 155 12.17 17.55 25.60
CA GLN C 155 12.75 16.70 26.62
C GLN C 155 11.65 15.87 27.33
N GLU C 156 10.38 16.16 27.08
CA GLU C 156 9.30 15.41 27.72
C GLU C 156 9.30 13.97 27.18
N PRO C 157 9.40 12.92 28.02
CA PRO C 157 9.34 11.55 27.49
C PRO C 157 8.18 11.28 26.54
N ALA C 158 6.96 11.76 26.87
CA ALA C 158 5.82 11.47 26.00
C ALA C 158 6.01 12.08 24.60
N VAL C 159 6.69 13.25 24.54
CA VAL C 159 6.98 13.91 23.28
C VAL C 159 8.01 13.12 22.50
N ILE C 160 9.10 12.71 23.16
CA ILE C 160 10.17 11.97 22.46
C ILE C 160 9.59 10.66 21.89
N ALA C 161 8.75 9.97 22.68
CA ALA C 161 8.13 8.73 22.25
C ALA C 161 7.21 8.99 21.03
N GLY C 162 6.39 10.07 21.08
CA GLY C 162 5.54 10.30 19.93
C GLY C 162 6.36 10.57 18.67
N GLN C 163 7.47 11.32 18.80
CA GLN C 163 8.25 11.63 17.60
C GLN C 163 8.84 10.38 16.98
N GLY C 164 9.11 9.36 17.82
CA GLY C 164 9.64 8.08 17.35
C GLY C 164 8.72 7.42 16.31
N THR C 165 7.40 7.79 16.35
CA THR C 165 6.45 7.13 15.45
C THR C 165 6.79 7.48 14.00
N ILE C 166 7.53 8.57 13.79
CA ILE C 166 7.97 8.85 12.42
C ILE C 166 8.71 7.64 11.86
N ALA C 167 9.63 7.11 12.66
CA ALA C 167 10.52 6.07 12.15
C ALA C 167 9.75 4.76 12.00
N LEU C 168 8.71 4.53 12.84
CA LEU C 168 7.95 3.29 12.73
C LEU C 168 7.35 3.28 11.32
N GLU C 169 6.81 4.43 10.89
CA GLU C 169 6.18 4.52 9.56
C GLU C 169 7.26 4.40 8.45
N VAL C 170 8.37 5.14 8.57
CA VAL C 170 9.40 5.11 7.55
C VAL C 170 9.87 3.66 7.36
N LEU C 171 10.14 2.91 8.44
CA LEU C 171 10.61 1.52 8.22
C LEU C 171 9.58 0.64 7.50
N ASN C 172 8.28 0.94 7.61
CA ASN C 172 7.27 0.21 6.84
C ASN C 172 7.21 0.70 5.39
N GLN C 173 7.40 2.01 5.18
CA GLN C 173 7.15 2.62 3.90
C GLN C 173 8.38 2.45 3.02
N VAL C 174 9.55 2.28 3.64
CA VAL C 174 10.78 2.07 2.89
C VAL C 174 11.54 0.89 3.49
N PRO C 175 11.04 -0.35 3.27
CA PRO C 175 11.59 -1.54 3.92
C PRO C 175 13.11 -1.70 3.73
N LEU C 176 13.65 -1.26 2.60
CA LEU C 176 15.08 -1.43 2.38
C LEU C 176 15.86 -0.16 2.73
N VAL C 177 15.27 0.72 3.55
CA VAL C 177 15.99 1.94 3.87
C VAL C 177 17.33 1.57 4.54
N ASP C 178 18.37 2.37 4.24
CA ASP C 178 19.71 2.19 4.83
C ASP C 178 20.05 3.27 5.88
N ALA C 179 19.40 4.44 5.80
CA ALA C 179 19.70 5.51 6.74
C ALA C 179 18.51 6.47 6.82
N LEU C 180 18.34 7.06 8.02
CA LEU C 180 17.46 8.21 8.20
C LEU C 180 18.31 9.44 8.46
N VAL C 181 17.89 10.56 7.88
CA VAL C 181 18.51 11.85 8.16
C VAL C 181 17.45 12.73 8.80
N VAL C 182 17.79 13.26 9.96
CA VAL C 182 16.90 13.96 10.83
C VAL C 182 17.52 15.30 11.25
N PRO C 183 16.81 16.43 11.09
CA PRO C 183 17.26 17.71 11.62
C PRO C 183 17.18 17.68 13.13
N VAL C 184 18.17 18.27 13.81
CA VAL C 184 18.21 18.18 15.28
C VAL C 184 18.30 19.58 15.90
N GLY C 185 17.37 19.87 16.84
CA GLY C 185 17.46 21.02 17.73
C GLY C 185 17.56 20.50 19.17
N GLY C 186 16.45 20.47 19.90
CA GLY C 186 16.42 19.87 21.23
C GLY C 186 16.66 18.35 21.18
N GLY C 187 16.42 17.73 19.99
CA GLY C 187 16.70 16.32 19.77
C GLY C 187 15.58 15.39 20.23
N GLY C 188 14.35 15.90 20.41
CA GLY C 188 13.25 14.97 20.72
C GLY C 188 12.95 14.06 19.51
N MET C 189 12.91 14.69 18.33
CA MET C 189 12.67 13.91 17.13
C MET C 189 13.84 12.93 16.86
N LEU C 190 15.07 13.45 16.93
CA LEU C 190 16.21 12.57 16.71
C LEU C 190 16.26 11.41 17.71
N ALA C 191 16.07 11.70 18.99
CA ALA C 191 16.16 10.67 20.00
C ALA C 191 15.04 9.63 19.81
N GLY C 192 13.83 10.13 19.56
CA GLY C 192 12.73 9.20 19.34
C GLY C 192 12.99 8.27 18.18
N ILE C 193 13.46 8.86 17.10
CA ILE C 193 13.77 8.10 15.89
C ILE C 193 14.89 7.13 16.18
N ALA C 194 15.93 7.58 16.91
CA ALA C 194 17.05 6.68 17.15
C ALA C 194 16.60 5.47 17.98
N ILE C 195 15.80 5.71 19.04
CA ILE C 195 15.32 4.59 19.84
C ILE C 195 14.62 3.57 18.94
N THR C 196 13.76 4.09 18.05
CA THR C 196 12.90 3.24 17.24
C THR C 196 13.76 2.46 16.24
N VAL C 197 14.63 3.17 15.54
CA VAL C 197 15.43 2.51 14.54
C VAL C 197 16.33 1.44 15.17
N LYS C 198 17.01 1.80 16.26
CA LYS C 198 17.96 0.87 16.86
C LYS C 198 17.24 -0.31 17.51
N ALA C 199 15.98 -0.12 17.91
CA ALA C 199 15.20 -1.25 18.40
C ALA C 199 14.78 -2.19 17.27
N LEU C 200 14.30 -1.64 16.13
CA LEU C 200 13.68 -2.46 15.10
C LEU C 200 14.71 -2.99 14.08
N LYS C 201 15.56 -2.14 13.50
CA LYS C 201 16.49 -2.55 12.46
C LYS C 201 17.80 -1.81 12.71
N PRO C 202 18.62 -2.23 13.69
CA PRO C 202 19.79 -1.44 14.10
C PRO C 202 20.92 -1.32 13.05
N SER C 203 20.85 -2.10 11.97
CA SER C 203 21.84 -1.91 10.91
C SER C 203 21.53 -0.63 10.11
N VAL C 204 20.31 -0.09 10.26
CA VAL C 204 19.92 1.19 9.61
C VAL C 204 20.64 2.33 10.32
N LYS C 205 21.30 3.22 9.56
CA LYS C 205 22.03 4.31 10.20
C LYS C 205 21.05 5.42 10.62
N VAL C 206 21.33 6.11 11.73
CA VAL C 206 20.57 7.31 12.07
C VAL C 206 21.53 8.49 12.04
N TYR C 207 21.31 9.43 11.12
CA TYR C 207 22.19 10.58 11.01
C TYR C 207 21.42 11.84 11.40
N ALA C 208 22.09 12.74 12.12
CA ALA C 208 21.52 14.04 12.45
C ALA C 208 22.10 15.08 11.50
N ALA C 209 21.33 16.17 11.33
CA ALA C 209 21.76 17.28 10.51
C ALA C 209 21.47 18.54 11.31
N GLU C 210 22.45 19.46 11.43
N GLU C 210 22.44 19.48 11.30
CA GLU C 210 22.14 20.70 12.13
CA GLU C 210 22.37 20.63 12.20
C GLU C 210 22.94 21.83 11.51
C GLU C 210 22.97 21.84 11.49
N PRO C 211 22.51 23.09 11.74
CA PRO C 211 23.24 24.23 11.23
C PRO C 211 24.61 24.31 11.94
N SER C 212 25.62 24.63 11.15
CA SER C 212 26.94 24.82 11.72
C SER C 212 26.97 26.05 12.66
N ASN C 213 25.99 26.95 12.49
CA ASN C 213 25.84 28.07 13.41
C ASN C 213 25.24 27.68 14.76
N ALA C 214 24.80 26.42 14.89
CA ALA C 214 24.18 25.95 16.13
C ALA C 214 24.61 24.50 16.38
N ASP C 215 25.95 24.32 16.45
CA ASP C 215 26.52 22.99 16.28
C ASP C 215 26.75 22.26 17.60
N ASP C 216 25.89 22.46 18.60
N ASP C 216 25.84 22.42 18.58
CA ASP C 216 26.06 21.79 19.89
CA ASP C 216 25.97 21.72 19.86
C ASP C 216 25.92 20.26 19.77
C ASP C 216 25.91 20.19 19.71
N CYS C 217 25.14 19.75 18.81
N CYS C 217 25.05 19.65 18.83
CA CYS C 217 25.00 18.30 18.75
CA CYS C 217 25.01 18.20 18.74
C CYS C 217 26.32 17.68 18.26
C CYS C 217 26.36 17.66 18.26
N TYR C 218 26.92 18.29 17.22
CA TYR C 218 28.19 17.87 16.67
C TYR C 218 29.25 17.97 17.77
N GLN C 219 29.24 19.07 18.52
CA GLN C 219 30.32 19.27 19.47
C GLN C 219 30.18 18.26 20.60
N SER C 220 28.93 18.04 21.02
CA SER C 220 28.66 17.09 22.10
C SER C 220 29.12 15.69 21.69
N LYS C 221 28.80 15.27 20.46
CA LYS C 221 29.20 13.93 20.04
C LYS C 221 30.73 13.79 19.91
N LEU C 222 31.40 14.83 19.41
CA LEU C 222 32.84 14.86 19.35
C LEU C 222 33.47 14.74 20.75
N LYS C 223 32.93 15.49 21.74
CA LYS C 223 33.55 15.58 23.05
C LYS C 223 33.17 14.40 23.93
N GLY C 224 32.05 13.75 23.61
CA GLY C 224 31.59 12.68 24.48
C GLY C 224 30.76 13.18 25.65
N LYS C 225 30.38 14.48 25.66
CA LYS C 225 29.64 15.06 26.78
C LYS C 225 28.73 16.18 26.26
N LEU C 226 27.66 16.49 27.01
CA LEU C 226 26.69 17.48 26.55
C LEU C 226 27.31 18.87 26.64
N MET C 227 27.42 19.50 25.47
CA MET C 227 28.02 20.83 25.34
C MET C 227 27.00 21.73 24.65
N PRO C 228 26.09 22.37 25.41
CA PRO C 228 25.06 23.23 24.81
C PRO C 228 25.67 24.46 24.14
N ASN C 229 24.88 25.04 23.22
CA ASN C 229 25.23 26.32 22.63
C ASN C 229 25.47 27.30 23.80
N LEU C 230 26.68 27.89 23.80
CA LEU C 230 27.06 28.90 24.77
C LEU C 230 26.13 30.11 24.69
N TYR C 231 25.74 30.49 23.47
N TYR C 231 25.73 30.48 23.48
CA TYR C 231 24.81 31.59 23.31
CA TYR C 231 24.80 31.59 23.32
C TYR C 231 23.67 31.20 22.35
C TYR C 231 23.67 31.21 22.36
N PRO C 232 22.44 31.76 22.52
CA PRO C 232 21.35 31.48 21.57
C PRO C 232 21.77 31.70 20.14
N PRO C 233 21.56 30.71 19.27
CA PRO C 233 22.16 30.75 17.91
C PRO C 233 21.46 31.67 16.92
N GLU C 234 22.17 32.14 15.87
CA GLU C 234 21.52 32.85 14.79
C GLU C 234 21.48 31.92 13.58
N THR C 235 20.28 31.49 13.17
CA THR C 235 20.11 30.62 12.01
C THR C 235 18.75 30.85 11.41
N ILE C 236 18.71 30.71 10.08
N ILE C 236 18.69 30.71 10.09
CA ILE C 236 17.46 30.69 9.38
CA ILE C 236 17.39 30.73 9.45
C ILE C 236 16.64 29.47 9.81
C ILE C 236 16.62 29.46 9.81
N ALA C 237 17.32 28.46 10.37
CA ALA C 237 16.65 27.23 10.75
C ALA C 237 16.06 27.43 12.15
N ASP C 238 14.97 28.23 12.22
N ASP C 238 14.95 28.18 12.21
CA ASP C 238 14.39 28.72 13.46
CA ASP C 238 14.42 28.73 13.45
C ASP C 238 14.04 27.56 14.39
C ASP C 238 13.77 27.66 14.34
N GLY C 239 13.59 26.45 13.80
CA GLY C 239 13.07 25.35 14.58
C GLY C 239 14.10 24.49 15.28
N VAL C 240 15.41 24.74 15.02
CA VAL C 240 16.45 23.94 15.64
C VAL C 240 17.44 24.86 16.39
N LYS C 241 16.90 25.89 17.06
CA LYS C 241 17.74 26.81 17.83
C LYS C 241 18.01 26.26 19.22
N SER C 242 17.08 25.41 19.72
CA SER C 242 17.31 24.76 21.02
C SER C 242 18.57 23.87 21.00
N SER C 243 19.24 23.78 22.16
CA SER C 243 20.32 22.84 22.32
C SER C 243 19.70 21.52 22.74
N ILE C 244 20.45 20.43 22.52
N ILE C 244 20.47 20.45 22.52
CA ILE C 244 20.04 19.15 23.05
CA ILE C 244 20.20 19.17 23.10
C ILE C 244 20.12 19.21 24.58
C ILE C 244 20.04 19.32 24.61
N GLY C 245 19.20 18.48 25.22
CA GLY C 245 19.03 18.52 26.67
C GLY C 245 19.44 17.20 27.36
N LEU C 246 19.25 17.15 28.68
CA LEU C 246 19.68 16.06 29.51
C LEU C 246 18.98 14.74 29.21
N ASN C 247 17.77 14.80 28.67
CA ASN C 247 16.98 13.59 28.43
C ASN C 247 17.30 13.03 27.04
N THR C 248 17.50 13.92 26.06
CA THR C 248 17.76 13.43 24.72
C THR C 248 19.24 13.13 24.51
N TRP C 249 20.15 13.80 25.22
CA TRP C 249 21.59 13.61 24.99
C TRP C 249 22.01 12.14 25.12
N PRO C 250 21.73 11.38 26.22
CA PRO C 250 22.28 10.02 26.27
C PRO C 250 21.85 9.15 25.12
N ILE C 251 20.60 9.33 24.68
CA ILE C 251 20.11 8.60 23.50
C ILE C 251 20.94 8.95 22.27
N ILE C 252 21.17 10.25 22.09
CA ILE C 252 21.88 10.72 20.91
C ILE C 252 23.33 10.27 20.91
N ARG C 253 23.94 10.35 22.10
CA ARG C 253 25.30 9.91 22.31
C ARG C 253 25.46 8.46 21.88
N ASP C 254 24.53 7.59 22.27
CA ASP C 254 24.73 6.15 22.10
C ASP C 254 24.17 5.62 20.77
N LEU C 255 23.08 6.23 20.22
CA LEU C 255 22.29 5.55 19.21
C LEU C 255 22.32 6.27 17.87
N VAL C 256 22.91 7.46 17.81
CA VAL C 256 22.99 8.23 16.58
C VAL C 256 24.39 8.02 15.98
N ASP C 257 24.42 7.63 14.70
CA ASP C 257 25.66 7.23 14.06
C ASP C 257 26.58 8.42 13.75
N ASP C 258 26.01 9.53 13.29
CA ASP C 258 26.87 10.66 12.95
C ASP C 258 26.02 11.92 12.87
N ILE C 259 26.71 13.07 12.93
N ILE C 259 26.71 13.06 12.81
CA ILE C 259 26.09 14.37 12.83
CA ILE C 259 26.07 14.36 12.78
C ILE C 259 26.74 15.12 11.67
C ILE C 259 26.74 15.22 11.71
N PHE C 260 25.92 15.70 10.79
CA PHE C 260 26.40 16.49 9.66
C PHE C 260 25.99 17.92 9.92
N THR C 261 26.92 18.85 9.80
CA THR C 261 26.58 20.26 9.98
C THR C 261 26.56 20.92 8.60
N VAL C 262 25.73 21.97 8.49
CA VAL C 262 25.58 22.63 7.22
C VAL C 262 25.57 24.13 7.45
N THR C 263 26.12 24.89 6.48
CA THR C 263 26.16 26.32 6.66
C THR C 263 24.79 26.92 6.35
N GLU C 264 24.64 28.20 6.75
CA GLU C 264 23.45 28.95 6.39
C GLU C 264 23.19 28.92 4.89
N ASP C 265 24.24 29.13 4.09
CA ASP C 265 24.03 29.17 2.65
C ASP C 265 23.55 27.80 2.16
N GLU C 266 24.09 26.72 2.70
CA GLU C 266 23.65 25.39 2.30
C GLU C 266 22.19 25.20 2.66
N ILE C 267 21.78 25.63 3.85
CA ILE C 267 20.38 25.53 4.25
C ILE C 267 19.48 26.28 3.27
N LYS C 268 19.85 27.52 2.94
CA LYS C 268 19.06 28.34 2.06
C LYS C 268 18.98 27.70 0.67
N CYS C 269 20.12 27.23 0.16
N CYS C 269 20.12 27.23 0.15
CA CYS C 269 20.16 26.66 -1.18
CA CYS C 269 20.17 26.66 -1.18
C CYS C 269 19.31 25.39 -1.21
C CYS C 269 19.31 25.39 -1.21
N ALA C 270 19.44 24.53 -0.20
CA ALA C 270 18.69 23.29 -0.16
C ALA C 270 17.19 23.54 -0.06
N THR C 271 16.78 24.56 0.70
CA THR C 271 15.37 24.91 0.83
C THR C 271 14.81 25.32 -0.53
N GLN C 272 15.49 26.25 -1.22
CA GLN C 272 15.04 26.72 -2.52
C GLN C 272 15.00 25.59 -3.55
N LEU C 273 16.00 24.68 -3.48
N LEU C 273 16.00 24.69 -3.49
CA LEU C 273 16.03 23.54 -4.39
CA LEU C 273 16.03 23.53 -4.39
C LEU C 273 14.76 22.69 -4.23
C LEU C 273 14.75 22.69 -4.22
N VAL C 274 14.37 22.44 -2.97
CA VAL C 274 13.17 21.63 -2.70
C VAL C 274 11.91 22.34 -3.17
N TRP C 275 11.80 23.66 -2.89
CA TRP C 275 10.69 24.47 -3.40
C TRP C 275 10.59 24.34 -4.93
N GLU C 276 11.68 24.60 -5.64
CA GLU C 276 11.69 24.70 -7.11
C GLU C 276 11.62 23.32 -7.78
N ARG C 277 12.38 22.33 -7.30
CA ARG C 277 12.44 21.08 -8.02
C ARG C 277 11.44 20.06 -7.50
N MET C 278 11.04 20.16 -6.21
CA MET C 278 10.10 19.20 -5.68
C MET C 278 8.71 19.82 -5.48
N LYS C 279 8.59 21.15 -5.54
CA LYS C 279 7.29 21.81 -5.37
C LYS C 279 6.69 21.56 -3.97
N LEU C 280 7.56 21.38 -2.97
CA LEU C 280 7.15 21.19 -1.58
C LEU C 280 7.58 22.40 -0.79
N LEU C 281 6.61 23.07 -0.14
N LEU C 281 6.61 23.08 -0.13
CA LEU C 281 6.91 24.29 0.60
CA LEU C 281 6.88 24.28 0.62
C LEU C 281 7.44 23.93 2.00
C LEU C 281 7.44 23.91 2.00
N ILE C 282 8.69 23.44 2.04
CA ILE C 282 9.33 23.08 3.33
C ILE C 282 9.76 24.36 4.02
N GLU C 283 9.78 24.32 5.37
CA GLU C 283 10.37 25.47 6.02
C GLU C 283 11.90 25.33 6.00
N PRO C 284 12.68 26.43 6.18
CA PRO C 284 14.14 26.29 6.18
C PRO C 284 14.69 25.27 7.16
N THR C 285 14.04 25.13 8.33
CA THR C 285 14.53 24.13 9.28
C THR C 285 14.49 22.74 8.64
N ALA C 286 13.43 22.47 7.84
CA ALA C 286 13.35 21.18 7.16
C ALA C 286 14.36 21.12 6.02
N GLY C 287 14.89 22.25 5.55
CA GLY C 287 15.92 22.14 4.52
C GLY C 287 17.27 21.67 5.09
N VAL C 288 17.40 21.65 6.43
CA VAL C 288 18.63 21.27 7.07
C VAL C 288 19.06 19.85 6.69
N GLY C 289 18.11 18.89 6.73
CA GLY C 289 18.44 17.51 6.44
C GLY C 289 18.77 17.32 4.96
N VAL C 290 18.06 18.04 4.09
CA VAL C 290 18.35 17.99 2.66
C VAL C 290 19.77 18.52 2.40
N ALA C 291 20.09 19.67 3.02
CA ALA C 291 21.42 20.25 2.88
C ALA C 291 22.48 19.26 3.33
N ALA C 292 22.22 18.51 4.39
CA ALA C 292 23.15 17.52 4.89
C ALA C 292 23.47 16.47 3.83
N VAL C 293 22.43 15.96 3.17
CA VAL C 293 22.66 14.90 2.22
C VAL C 293 23.36 15.43 0.96
N LEU C 294 23.18 16.72 0.66
CA LEU C 294 23.86 17.35 -0.48
C LEU C 294 25.28 17.80 -0.15
N SER C 295 25.66 17.77 1.12
CA SER C 295 26.90 18.40 1.57
C SER C 295 28.11 17.54 1.17
N GLN C 296 29.28 18.17 1.08
CA GLN C 296 30.51 17.48 0.76
C GLN C 296 30.78 16.34 1.75
N HIS C 297 30.60 16.60 3.05
CA HIS C 297 30.91 15.59 4.05
C HIS C 297 30.09 14.33 3.83
N PHE C 298 28.83 14.48 3.39
CA PHE C 298 27.96 13.33 3.19
C PHE C 298 28.38 12.51 1.97
N GLN C 299 29.01 13.16 0.98
CA GLN C 299 29.34 12.51 -0.28
C GLN C 299 30.31 11.37 -0.04
N THR C 300 30.96 11.38 1.12
CA THR C 300 32.03 10.46 1.42
C THR C 300 31.48 9.26 2.20
N VAL C 301 30.21 9.36 2.62
CA VAL C 301 29.54 8.26 3.30
C VAL C 301 29.60 7.06 2.36
N SER C 302 29.82 5.87 2.94
CA SER C 302 29.92 4.63 2.19
C SER C 302 28.79 4.48 1.16
N PRO C 303 29.08 4.01 -0.06
CA PRO C 303 28.03 3.82 -1.08
C PRO C 303 27.03 2.71 -0.75
N GLU C 304 27.36 1.86 0.24
CA GLU C 304 26.47 0.82 0.69
C GLU C 304 25.25 1.46 1.35
N VAL C 305 25.39 2.71 1.80
CA VAL C 305 24.29 3.44 2.42
C VAL C 305 23.54 4.16 1.31
N LYS C 306 22.65 3.42 0.64
CA LYS C 306 22.15 3.83 -0.65
C LYS C 306 20.77 4.49 -0.50
N ASN C 307 19.89 3.81 0.23
CA ASN C 307 18.51 4.24 0.38
C ASN C 307 18.39 5.09 1.64
N ILE C 308 18.18 6.39 1.45
CA ILE C 308 18.29 7.34 2.54
C ILE C 308 16.96 8.08 2.63
N CYS C 309 16.38 8.04 3.85
CA CYS C 309 15.12 8.71 4.08
C CYS C 309 15.42 10.01 4.82
N ILE C 310 15.06 11.15 4.20
CA ILE C 310 15.21 12.45 4.85
C ILE C 310 13.84 12.86 5.44
N VAL C 311 13.81 13.24 6.73
CA VAL C 311 12.57 13.75 7.33
C VAL C 311 12.36 15.21 6.92
N LEU C 312 11.36 15.50 6.07
CA LEU C 312 11.03 16.91 5.83
C LEU C 312 10.06 17.35 6.92
N SER C 313 10.62 17.95 7.96
CA SER C 313 10.01 18.00 9.26
C SER C 313 8.87 19.00 9.39
N GLY C 314 8.81 20.01 8.50
CA GLY C 314 7.78 21.05 8.66
C GLY C 314 7.63 21.86 7.38
N GLY C 315 6.49 22.53 7.25
CA GLY C 315 6.26 23.42 6.15
C GLY C 315 5.67 24.74 6.63
N ASN C 316 5.83 25.08 7.91
CA ASN C 316 5.19 26.27 8.42
C ASN C 316 6.09 27.48 8.16
N VAL C 317 6.06 28.01 6.94
CA VAL C 317 6.94 29.12 6.59
C VAL C 317 6.10 30.37 6.32
N ASP C 318 6.60 31.54 6.74
CA ASP C 318 5.92 32.82 6.48
C ASP C 318 6.39 33.40 5.14
N LEU C 319 5.45 33.77 4.27
CA LEU C 319 5.78 34.28 2.94
C LEU C 319 6.67 35.52 3.02
N THR C 320 6.37 36.41 3.97
CA THR C 320 7.08 37.67 4.13
C THR C 320 8.56 37.41 4.44
N SER C 321 8.82 36.53 5.41
CA SER C 321 10.18 36.21 5.82
C SER C 321 10.97 35.61 4.65
N SER C 322 10.32 34.77 3.85
CA SER C 322 10.95 34.16 2.69
C SER C 322 11.37 35.24 1.69
N ILE C 323 10.48 36.22 1.45
CA ILE C 323 10.80 37.35 0.59
C ILE C 323 12.05 38.04 1.15
N THR C 324 12.17 38.09 2.49
CA THR C 324 13.27 38.79 3.14
C THR C 324 14.62 38.13 2.78
N TRP C 325 14.70 36.80 2.72
CA TRP C 325 15.93 36.16 2.25
C TRP C 325 15.75 35.69 0.80
N GLN D 4 -4.06 -5.82 -33.14
CA GLN D 4 -3.62 -6.92 -34.04
C GLN D 4 -4.17 -8.24 -33.51
N TYR D 5 -4.38 -8.34 -32.20
CA TYR D 5 -4.86 -9.57 -31.59
C TYR D 5 -6.34 -9.45 -31.27
N ASP D 6 -6.92 -10.53 -30.73
CA ASP D 6 -8.34 -10.56 -30.45
C ASP D 6 -8.70 -9.67 -29.25
N ILE D 7 -7.73 -9.36 -28.40
CA ILE D 7 -7.84 -8.23 -27.48
C ILE D 7 -6.63 -7.32 -27.58
N SER D 8 -6.75 -6.17 -26.89
CA SER D 8 -5.56 -5.36 -26.66
C SER D 8 -5.55 -5.00 -25.18
N PHE D 9 -4.48 -4.36 -24.74
CA PHE D 9 -4.40 -3.96 -23.35
C PHE D 9 -5.56 -3.04 -22.98
N ALA D 10 -6.05 -2.19 -23.93
CA ALA D 10 -7.23 -1.38 -23.59
C ALA D 10 -8.42 -2.24 -23.09
N ASP D 11 -8.57 -3.46 -23.64
CA ASP D 11 -9.64 -4.34 -23.18
C ASP D 11 -9.41 -4.79 -21.73
N VAL D 12 -8.15 -5.06 -21.37
CA VAL D 12 -7.83 -5.45 -19.98
C VAL D 12 -8.13 -4.31 -19.03
N GLU D 13 -7.72 -3.06 -19.38
CA GLU D 13 -8.05 -1.94 -18.51
C GLU D 13 -9.56 -1.77 -18.37
N LYS D 14 -10.32 -1.87 -19.48
CA LYS D 14 -11.76 -1.86 -19.33
C LYS D 14 -12.25 -2.98 -18.41
N ALA D 15 -11.71 -4.21 -18.56
CA ALA D 15 -12.11 -5.33 -17.71
C ALA D 15 -11.82 -5.01 -16.23
N HIS D 16 -10.66 -4.40 -15.96
CA HIS D 16 -10.32 -4.06 -14.58
C HIS D 16 -11.40 -3.14 -14.00
N ILE D 17 -11.79 -2.07 -14.72
CA ILE D 17 -12.80 -1.17 -14.17
C ILE D 17 -14.13 -1.94 -14.01
N ASN D 18 -14.43 -2.80 -14.97
CA ASN D 18 -15.66 -3.55 -15.00
C ASN D 18 -15.78 -4.50 -13.81
N ILE D 19 -14.69 -5.16 -13.34
CA ILE D 19 -14.84 -6.27 -12.38
C ILE D 19 -14.31 -5.93 -10.99
N ARG D 20 -13.50 -4.88 -10.84
CA ARG D 20 -12.72 -4.72 -9.61
C ARG D 20 -13.57 -4.57 -8.35
N ASP D 21 -14.81 -4.08 -8.46
N ASP D 21 -14.79 -4.06 -8.45
CA ASP D 21 -15.65 -3.87 -7.29
CA ASP D 21 -15.58 -3.85 -7.25
C ASP D 21 -16.13 -5.21 -6.70
C ASP D 21 -16.30 -5.14 -6.83
N SER D 22 -16.06 -6.27 -7.51
CA SER D 22 -16.71 -7.53 -7.16
C SER D 22 -15.74 -8.70 -7.01
N ILE D 23 -14.44 -8.47 -7.16
CA ILE D 23 -13.49 -9.55 -7.02
C ILE D 23 -12.52 -9.16 -5.91
N HIS D 24 -11.75 -10.12 -5.45
CA HIS D 24 -10.70 -9.79 -4.49
C HIS D 24 -9.40 -9.43 -5.20
N LEU D 25 -8.70 -8.40 -4.67
CA LEU D 25 -7.33 -8.16 -5.04
C LEU D 25 -6.51 -9.12 -4.17
N THR D 26 -6.23 -10.30 -4.71
CA THR D 26 -5.69 -11.39 -3.91
C THR D 26 -4.24 -11.07 -3.53
N PRO D 27 -3.76 -11.52 -2.34
CA PRO D 27 -2.41 -11.18 -1.94
C PRO D 27 -1.35 -11.96 -2.72
N VAL D 28 -0.13 -11.47 -2.57
CA VAL D 28 1.05 -12.15 -3.03
C VAL D 28 1.79 -12.64 -1.79
N LEU D 29 2.00 -13.97 -1.70
CA LEU D 29 2.70 -14.54 -0.56
C LEU D 29 4.08 -15.04 -0.99
N THR D 30 4.96 -15.25 0.01
CA THR D 30 6.31 -15.75 -0.22
C THR D 30 6.56 -16.97 0.68
N SER D 31 7.63 -17.70 0.35
CA SER D 31 8.04 -18.91 1.02
C SER D 31 9.56 -19.00 1.01
N SER D 32 10.13 -19.01 2.23
CA SER D 32 11.57 -19.13 2.37
C SER D 32 12.02 -20.46 1.77
N ILE D 33 11.30 -21.57 2.06
CA ILE D 33 11.74 -22.87 1.55
C ILE D 33 11.69 -22.91 0.02
N LEU D 34 10.60 -22.40 -0.57
CA LEU D 34 10.56 -22.48 -2.04
C LEU D 34 11.68 -21.63 -2.65
N ASN D 35 12.00 -20.49 -2.02
CA ASN D 35 13.14 -19.71 -2.51
C ASN D 35 14.43 -20.53 -2.47
N GLN D 36 14.61 -21.20 -1.32
N GLN D 36 14.67 -21.23 -1.35
CA GLN D 36 15.74 -22.05 -1.00
CA GLN D 36 15.92 -21.96 -1.24
C GLN D 36 15.89 -23.11 -2.08
C GLN D 36 15.93 -23.12 -2.22
N LEU D 37 14.76 -23.75 -2.47
CA LEU D 37 14.77 -24.87 -3.41
C LEU D 37 15.04 -24.40 -4.84
N THR D 38 14.68 -23.16 -5.20
CA THR D 38 14.69 -22.77 -6.61
C THR D 38 15.90 -21.91 -6.92
N GLY D 39 16.45 -21.27 -5.88
CA GLY D 39 17.49 -20.29 -6.11
C GLY D 39 16.95 -18.94 -6.60
N ARG D 40 15.64 -18.68 -6.39
CA ARG D 40 15.03 -17.44 -6.90
C ARG D 40 14.17 -16.77 -5.81
N ASN D 41 13.83 -15.50 -6.00
N ASN D 41 13.82 -15.50 -6.02
CA ASN D 41 12.91 -14.80 -5.13
CA ASN D 41 12.91 -14.79 -5.14
C ASN D 41 11.51 -15.03 -5.69
C ASN D 41 11.51 -15.03 -5.69
N LEU D 42 10.77 -15.99 -5.12
CA LEU D 42 9.45 -16.34 -5.60
C LEU D 42 8.36 -15.51 -4.94
N PHE D 43 7.30 -15.28 -5.71
CA PHE D 43 6.17 -14.53 -5.21
C PHE D 43 4.94 -15.27 -5.73
N PHE D 44 3.99 -15.53 -4.85
CA PHE D 44 2.88 -16.38 -5.25
C PHE D 44 1.60 -15.55 -5.31
N LYS D 45 1.07 -15.37 -6.53
CA LYS D 45 -0.19 -14.64 -6.69
C LYS D 45 -1.34 -15.56 -6.34
N CYS D 46 -2.07 -15.25 -5.23
CA CYS D 46 -2.91 -16.27 -4.61
C CYS D 46 -4.34 -16.21 -5.18
N GLU D 47 -4.49 -16.61 -6.45
CA GLU D 47 -5.85 -16.64 -6.99
C GLU D 47 -6.63 -17.84 -6.41
N LEU D 48 -5.99 -18.73 -5.62
CA LEU D 48 -6.82 -19.73 -4.92
C LEU D 48 -7.71 -19.06 -3.87
N PHE D 49 -7.41 -17.79 -3.52
CA PHE D 49 -8.25 -17.12 -2.57
C PHE D 49 -9.27 -16.23 -3.27
N GLN D 50 -9.33 -16.30 -4.59
CA GLN D 50 -10.27 -15.46 -5.32
C GLN D 50 -11.68 -15.95 -5.07
N LYS D 51 -12.67 -15.08 -5.25
CA LYS D 51 -14.07 -15.52 -5.27
C LYS D 51 -14.24 -16.72 -6.20
N THR D 52 -14.92 -17.78 -5.70
CA THR D 52 -15.24 -19.04 -6.37
C THR D 52 -14.06 -20.03 -6.31
N GLY D 53 -12.89 -19.63 -5.80
CA GLY D 53 -11.80 -20.53 -5.60
C GLY D 53 -10.85 -20.60 -6.80
N SER D 54 -11.06 -19.73 -7.81
CA SER D 54 -10.10 -19.66 -8.91
C SER D 54 -10.17 -18.28 -9.55
N PHE D 55 -9.21 -18.00 -10.42
CA PHE D 55 -9.16 -16.74 -11.16
C PHE D 55 -10.29 -16.59 -12.17
N LYS D 56 -11.06 -17.65 -12.43
CA LYS D 56 -11.95 -17.58 -13.59
C LYS D 56 -13.12 -16.61 -13.38
N ILE D 57 -13.42 -16.21 -12.14
CA ILE D 57 -14.42 -15.16 -11.94
C ILE D 57 -14.05 -13.88 -12.69
N ARG D 58 -12.75 -13.63 -12.96
CA ARG D 58 -12.35 -12.40 -13.64
C ARG D 58 -12.91 -12.38 -15.06
N GLY D 59 -12.59 -13.41 -15.85
CA GLY D 59 -13.10 -13.45 -17.21
C GLY D 59 -14.63 -13.62 -17.24
N ALA D 60 -15.16 -14.39 -16.30
CA ALA D 60 -16.58 -14.71 -16.30
C ALA D 60 -17.39 -13.45 -16.01
N LEU D 61 -16.96 -12.68 -14.99
CA LEU D 61 -17.69 -11.47 -14.69
C LEU D 61 -17.55 -10.45 -15.81
N ASN D 62 -16.35 -10.37 -16.41
CA ASN D 62 -16.16 -9.45 -17.51
C ASN D 62 -17.07 -9.75 -18.69
N ALA D 63 -17.33 -11.05 -18.94
CA ALA D 63 -18.11 -11.43 -20.10
C ALA D 63 -19.62 -11.20 -19.85
N VAL D 64 -20.01 -11.19 -18.58
CA VAL D 64 -21.43 -11.13 -18.24
C VAL D 64 -21.85 -9.67 -18.02
N ARG D 65 -20.92 -8.84 -17.54
CA ARG D 65 -21.26 -7.50 -17.12
C ARG D 65 -20.88 -6.51 -18.21
N SER D 66 -21.79 -5.57 -18.45
CA SER D 66 -21.57 -4.49 -19.41
C SER D 66 -20.91 -3.32 -18.67
N LEU D 67 -19.78 -2.86 -19.21
CA LEU D 67 -19.04 -1.75 -18.61
C LEU D 67 -19.87 -0.48 -18.71
N VAL D 68 -20.46 -0.26 -19.89
CA VAL D 68 -21.23 0.96 -20.18
C VAL D 68 -22.59 0.56 -20.77
N ARG D 74 -27.82 -6.86 -26.60
CA ARG D 74 -28.46 -6.10 -25.50
C ARG D 74 -27.78 -6.50 -24.18
N LYS D 75 -28.59 -6.75 -23.16
CA LYS D 75 -28.07 -7.24 -21.88
C LYS D 75 -28.12 -8.77 -21.94
N PRO D 76 -27.11 -9.50 -21.41
CA PRO D 76 -27.25 -10.95 -21.32
C PRO D 76 -28.42 -11.18 -20.37
N LYS D 77 -29.40 -11.99 -20.76
CA LYS D 77 -30.54 -12.30 -19.93
C LYS D 77 -30.33 -13.60 -19.15
N ALA D 78 -29.31 -14.37 -19.52
CA ALA D 78 -28.96 -15.60 -18.81
C ALA D 78 -27.56 -16.06 -19.24
N VAL D 79 -26.95 -16.97 -18.48
CA VAL D 79 -25.73 -17.62 -18.91
C VAL D 79 -25.99 -19.12 -18.92
N VAL D 80 -25.36 -19.81 -19.88
CA VAL D 80 -25.54 -21.25 -20.01
C VAL D 80 -24.15 -21.83 -20.21
N THR D 81 -23.90 -22.94 -19.51
N THR D 81 -23.88 -22.98 -19.59
CA THR D 81 -22.57 -23.55 -19.49
CA THR D 81 -22.54 -23.52 -19.69
C THR D 81 -22.71 -25.07 -19.48
C THR D 81 -22.62 -25.05 -19.55
N HIS D 82 -21.68 -25.73 -20.04
N HIS D 82 -21.55 -25.72 -20.02
CA HIS D 82 -21.41 -27.17 -20.08
CA HIS D 82 -21.37 -27.16 -20.10
C HIS D 82 -20.56 -27.57 -18.86
C HIS D 82 -20.53 -27.59 -18.89
N SER D 83 -20.03 -26.59 -18.14
CA SER D 83 -18.94 -26.76 -17.16
C SER D 83 -19.44 -26.82 -15.72
N SER D 84 -19.05 -27.89 -15.01
CA SER D 84 -19.36 -28.00 -13.60
C SER D 84 -18.09 -27.68 -12.83
N GLY D 85 -17.03 -27.35 -13.59
CA GLY D 85 -15.73 -27.07 -12.97
C GLY D 85 -15.54 -25.59 -12.64
N ASN D 86 -14.27 -25.14 -12.62
CA ASN D 86 -13.99 -23.75 -12.28
C ASN D 86 -14.74 -22.75 -13.16
N HIS D 87 -14.86 -23.02 -14.45
CA HIS D 87 -15.50 -22.10 -15.37
C HIS D 87 -16.98 -22.00 -15.03
N GLY D 88 -17.66 -23.12 -14.83
CA GLY D 88 -19.08 -23.08 -14.54
C GLY D 88 -19.40 -22.39 -13.21
N GLN D 89 -18.57 -22.67 -12.19
CA GLN D 89 -18.75 -22.07 -10.88
C GLN D 89 -18.55 -20.56 -10.96
N ALA D 90 -17.57 -20.10 -11.75
CA ALA D 90 -17.30 -18.69 -11.92
C ALA D 90 -18.49 -18.01 -12.63
N LEU D 91 -18.98 -18.60 -13.72
CA LEU D 91 -20.10 -18.08 -14.46
C LEU D 91 -21.36 -18.00 -13.60
N THR D 92 -21.62 -19.03 -12.79
CA THR D 92 -22.76 -19.04 -11.88
C THR D 92 -22.67 -17.85 -10.93
N TYR D 93 -21.50 -17.66 -10.30
CA TYR D 93 -21.29 -16.54 -9.40
C TYR D 93 -21.49 -15.21 -10.11
N ALA D 94 -20.87 -15.07 -11.29
CA ALA D 94 -21.01 -13.87 -12.09
C ALA D 94 -22.49 -13.57 -12.38
N ALA D 95 -23.24 -14.59 -12.81
CA ALA D 95 -24.65 -14.44 -13.14
C ALA D 95 -25.46 -13.99 -11.92
N LYS D 96 -25.17 -14.62 -10.77
CA LYS D 96 -25.83 -14.25 -9.53
C LYS D 96 -25.51 -12.80 -9.19
N LEU D 97 -24.25 -12.39 -9.33
CA LEU D 97 -23.93 -10.99 -9.08
C LEU D 97 -24.79 -10.07 -9.92
N GLU D 98 -25.05 -10.47 -11.17
CA GLU D 98 -25.71 -9.63 -12.14
C GLU D 98 -27.23 -9.81 -12.07
N GLY D 99 -27.70 -10.70 -11.18
CA GLY D 99 -29.14 -10.98 -11.07
C GLY D 99 -29.75 -11.65 -12.31
N ILE D 100 -28.93 -12.44 -13.04
CA ILE D 100 -29.46 -13.17 -14.19
C ILE D 100 -29.32 -14.66 -13.88
N PRO D 101 -30.11 -15.55 -14.52
CA PRO D 101 -30.07 -16.99 -14.20
C PRO D 101 -28.86 -17.68 -14.84
N ALA D 102 -28.40 -18.75 -14.22
CA ALA D 102 -27.29 -19.54 -14.72
C ALA D 102 -27.79 -20.98 -14.92
N TYR D 103 -27.59 -21.52 -16.13
CA TYR D 103 -27.95 -22.89 -16.42
C TYR D 103 -26.70 -23.72 -16.70
N ILE D 104 -26.62 -24.91 -16.08
N ILE D 104 -26.61 -24.91 -16.08
CA ILE D 104 -25.54 -25.85 -16.39
CA ILE D 104 -25.54 -25.85 -16.38
C ILE D 104 -26.19 -27.05 -17.04
C ILE D 104 -26.17 -27.07 -17.03
N VAL D 105 -25.66 -27.41 -18.22
CA VAL D 105 -26.17 -28.55 -18.97
C VAL D 105 -25.35 -29.77 -18.52
N VAL D 106 -26.03 -30.70 -17.86
CA VAL D 106 -25.34 -31.86 -17.28
C VAL D 106 -25.94 -33.16 -17.82
N PRO D 107 -25.09 -34.09 -18.33
CA PRO D 107 -25.56 -35.40 -18.80
C PRO D 107 -26.30 -36.14 -17.69
N GLN D 108 -27.43 -36.77 -18.04
CA GLN D 108 -28.23 -37.59 -17.13
C GLN D 108 -27.34 -38.63 -16.43
N THR D 109 -26.25 -39.03 -17.12
CA THR D 109 -25.37 -40.09 -16.67
C THR D 109 -24.22 -39.58 -15.80
N ALA D 110 -24.30 -38.32 -15.34
CA ALA D 110 -23.33 -37.77 -14.41
C ALA D 110 -23.50 -38.47 -13.05
N PRO D 111 -22.40 -38.76 -12.32
CA PRO D 111 -22.52 -39.38 -10.98
C PRO D 111 -23.37 -38.50 -10.06
N ASP D 112 -24.16 -39.12 -9.15
CA ASP D 112 -25.06 -38.37 -8.27
C ASP D 112 -24.34 -37.35 -7.39
N CYS D 113 -23.08 -37.61 -7.04
CA CYS D 113 -22.29 -36.65 -6.25
C CYS D 113 -22.15 -35.34 -7.00
N LYS D 114 -21.82 -35.40 -8.30
CA LYS D 114 -21.57 -34.22 -9.12
C LYS D 114 -22.80 -33.32 -9.18
N LYS D 115 -23.99 -33.91 -9.34
CA LYS D 115 -25.21 -33.14 -9.52
C LYS D 115 -25.57 -32.41 -8.24
N LEU D 116 -24.97 -32.83 -7.10
CA LEU D 116 -25.24 -32.24 -5.80
C LEU D 116 -24.23 -31.12 -5.53
N ALA D 117 -23.01 -31.26 -6.06
CA ALA D 117 -22.03 -30.18 -6.03
C ALA D 117 -22.58 -28.99 -6.82
N ILE D 118 -23.34 -29.29 -7.88
CA ILE D 118 -24.05 -28.24 -8.61
C ILE D 118 -25.37 -28.06 -7.88
N GLN D 119 -26.08 -26.93 -8.08
CA GLN D 119 -27.27 -26.62 -7.31
C GLN D 119 -26.84 -26.18 -5.91
N ALA D 120 -25.65 -26.64 -5.48
CA ALA D 120 -25.04 -26.12 -4.26
C ALA D 120 -24.30 -24.85 -4.62
N TYR D 121 -23.86 -24.75 -5.87
CA TYR D 121 -23.24 -23.52 -6.32
C TYR D 121 -24.32 -22.58 -6.86
N GLY D 122 -25.56 -23.07 -6.96
CA GLY D 122 -26.72 -22.23 -7.21
C GLY D 122 -27.12 -22.10 -8.68
N ALA D 123 -26.52 -22.92 -9.53
CA ALA D 123 -26.92 -22.97 -10.93
C ALA D 123 -28.18 -23.85 -11.05
N SER D 124 -28.98 -23.59 -12.10
CA SER D 124 -30.09 -24.48 -12.40
C SER D 124 -29.59 -25.56 -13.37
N ILE D 125 -30.02 -26.80 -13.18
CA ILE D 125 -29.49 -27.89 -14.00
C ILE D 125 -30.46 -28.18 -15.15
N VAL D 126 -29.96 -28.33 -16.37
N VAL D 126 -29.97 -28.34 -16.37
CA VAL D 126 -30.76 -28.88 -17.45
CA VAL D 126 -30.77 -28.89 -17.45
C VAL D 126 -30.09 -30.18 -17.87
C VAL D 126 -30.09 -30.19 -17.84
N TYR D 127 -30.84 -31.29 -17.82
CA TYR D 127 -30.31 -32.61 -18.12
C TYR D 127 -30.24 -32.82 -19.62
N CYS D 128 -29.14 -33.42 -20.08
N CYS D 128 -29.20 -33.51 -20.09
CA CYS D 128 -28.97 -33.81 -21.48
CA CYS D 128 -29.10 -33.93 -21.48
C CYS D 128 -28.67 -35.31 -21.53
C CYS D 128 -28.51 -35.33 -21.55
N GLU D 129 -28.48 -35.83 -22.75
N GLU D 129 -28.57 -35.94 -22.74
CA GLU D 129 -28.00 -37.19 -22.92
CA GLU D 129 -28.01 -37.27 -22.96
C GLU D 129 -26.47 -37.15 -22.94
C GLU D 129 -26.48 -37.16 -22.95
N PRO D 130 -25.75 -38.24 -22.56
CA PRO D 130 -24.28 -38.31 -22.59
C PRO D 130 -23.44 -37.64 -23.67
N SER D 131 -23.89 -37.80 -24.92
CA SER D 131 -23.10 -37.46 -26.08
C SER D 131 -22.80 -35.97 -26.10
N ASP D 132 -21.75 -35.66 -26.83
CA ASP D 132 -21.43 -34.29 -27.14
C ASP D 132 -22.60 -33.65 -27.89
N GLU D 133 -23.31 -34.43 -28.70
CA GLU D 133 -24.38 -33.90 -29.55
C GLU D 133 -25.54 -33.39 -28.70
N SER D 134 -26.04 -34.20 -27.77
CA SER D 134 -27.14 -33.78 -26.94
C SER D 134 -26.69 -32.56 -26.12
N ARG D 135 -25.44 -32.57 -25.68
N ARG D 135 -25.44 -32.57 -25.66
CA ARG D 135 -24.91 -31.49 -24.86
CA ARG D 135 -24.87 -31.50 -24.86
C ARG D 135 -25.01 -30.20 -25.65
C ARG D 135 -24.99 -30.19 -25.64
N GLU D 136 -24.41 -30.16 -26.85
CA GLU D 136 -24.41 -28.95 -27.68
C GLU D 136 -25.82 -28.52 -28.05
N ASN D 137 -26.69 -29.48 -28.38
CA ASN D 137 -28.06 -29.18 -28.74
C ASN D 137 -28.78 -28.60 -27.54
N VAL D 138 -28.66 -29.23 -26.39
CA VAL D 138 -29.44 -28.73 -25.29
C VAL D 138 -28.97 -27.33 -24.89
N ALA D 139 -27.66 -27.05 -24.92
CA ALA D 139 -27.08 -25.78 -24.51
C ALA D 139 -27.58 -24.70 -25.46
N LYS D 140 -27.54 -25.02 -26.76
CA LYS D 140 -27.98 -24.11 -27.78
C LYS D 140 -29.46 -23.84 -27.61
N ARG D 141 -30.24 -24.85 -27.27
N ARG D 141 -30.24 -24.85 -27.27
CA ARG D 141 -31.65 -24.54 -27.12
CA ARG D 141 -31.64 -24.53 -27.13
C ARG D 141 -31.85 -23.62 -25.92
C ARG D 141 -31.85 -23.61 -25.92
N VAL D 142 -31.17 -23.94 -24.81
CA VAL D 142 -31.38 -23.22 -23.56
C VAL D 142 -30.97 -21.77 -23.81
N THR D 143 -29.84 -21.55 -24.49
CA THR D 143 -29.38 -20.20 -24.80
C THR D 143 -30.42 -19.43 -25.59
N GLU D 144 -30.99 -20.04 -26.64
CA GLU D 144 -31.96 -19.31 -27.46
C GLU D 144 -33.25 -19.06 -26.68
N GLU D 145 -33.71 -20.03 -25.89
CA GLU D 145 -34.98 -19.90 -25.18
C GLU D 145 -34.88 -18.84 -24.07
N THR D 146 -33.70 -18.69 -23.46
CA THR D 146 -33.56 -17.78 -22.33
C THR D 146 -33.02 -16.44 -22.81
N GLU D 147 -32.78 -16.29 -24.13
CA GLU D 147 -32.14 -15.10 -24.66
C GLU D 147 -30.81 -14.88 -23.94
N GLY D 148 -30.13 -15.98 -23.63
CA GLY D 148 -28.91 -15.90 -22.85
C GLY D 148 -27.68 -15.94 -23.75
N ILE D 149 -26.54 -16.15 -23.11
CA ILE D 149 -25.28 -16.24 -23.84
C ILE D 149 -24.51 -17.45 -23.30
N MET D 150 -23.66 -17.97 -24.17
CA MET D 150 -22.69 -18.94 -23.71
C MET D 150 -21.35 -18.22 -23.71
N VAL D 151 -20.51 -18.58 -22.74
CA VAL D 151 -19.25 -17.87 -22.60
C VAL D 151 -18.15 -18.92 -22.75
N HIS D 152 -17.34 -18.82 -23.78
CA HIS D 152 -16.29 -19.82 -23.98
C HIS D 152 -15.27 -19.68 -22.84
N PRO D 153 -14.83 -20.78 -22.19
CA PRO D 153 -13.94 -20.66 -21.04
C PRO D 153 -12.54 -20.08 -21.32
N ASN D 154 -12.12 -19.97 -22.58
CA ASN D 154 -10.77 -19.47 -22.82
C ASN D 154 -10.61 -18.70 -24.13
N GLN D 155 -11.53 -18.83 -25.10
CA GLN D 155 -11.31 -18.13 -26.36
C GLN D 155 -12.16 -16.85 -26.47
N GLU D 156 -13.13 -16.67 -25.55
CA GLU D 156 -13.97 -15.49 -25.65
C GLU D 156 -13.14 -14.24 -25.31
N PRO D 157 -13.09 -13.21 -26.19
CA PRO D 157 -12.27 -12.00 -25.93
C PRO D 157 -12.51 -11.40 -24.54
N ALA D 158 -13.78 -11.31 -24.11
CA ALA D 158 -14.04 -10.68 -22.82
C ALA D 158 -13.43 -11.52 -21.69
N VAL D 159 -13.36 -12.83 -21.86
CA VAL D 159 -12.80 -13.69 -20.86
C VAL D 159 -11.27 -13.49 -20.83
N ILE D 160 -10.64 -13.47 -22.00
CA ILE D 160 -9.19 -13.25 -22.09
C ILE D 160 -8.83 -11.91 -21.43
N ALA D 161 -9.60 -10.88 -21.72
CA ALA D 161 -9.33 -9.56 -21.16
C ALA D 161 -9.47 -9.56 -19.63
N GLY D 162 -10.55 -10.18 -19.13
CA GLY D 162 -10.70 -10.26 -17.66
C GLY D 162 -9.51 -10.97 -17.03
N GLN D 163 -9.04 -12.06 -17.66
CA GLN D 163 -7.96 -12.77 -16.99
C GLN D 163 -6.67 -11.95 -16.92
N GLY D 164 -6.48 -11.08 -17.94
CA GLY D 164 -5.32 -10.17 -17.97
C GLY D 164 -5.18 -9.32 -16.71
N THR D 165 -6.31 -9.08 -15.99
CA THR D 165 -6.25 -8.20 -14.82
C THR D 165 -5.38 -8.83 -13.71
N ILE D 166 -5.18 -10.14 -13.72
CA ILE D 166 -4.24 -10.72 -12.76
C ILE D 166 -2.87 -10.04 -12.89
N ALA D 167 -2.43 -9.79 -14.13
CA ALA D 167 -1.10 -9.25 -14.35
C ALA D 167 -1.05 -7.78 -13.95
N LEU D 168 -2.19 -7.08 -14.12
N LEU D 168 -2.17 -7.03 -14.09
CA LEU D 168 -2.23 -5.69 -13.69
CA LEU D 168 -2.14 -5.65 -13.59
C LEU D 168 -1.96 -5.60 -12.18
C LEU D 168 -1.80 -5.66 -12.10
N GLU D 169 -2.48 -6.54 -11.38
CA GLU D 169 -2.28 -6.53 -9.92
C GLU D 169 -0.83 -6.94 -9.63
N VAL D 170 -0.35 -8.00 -10.29
CA VAL D 170 0.99 -8.50 -10.02
C VAL D 170 2.01 -7.40 -10.27
N LEU D 171 1.89 -6.70 -11.39
CA LEU D 171 2.87 -5.62 -11.62
C LEU D 171 2.87 -4.53 -10.54
N ASN D 172 1.72 -4.23 -9.93
CA ASN D 172 1.71 -3.27 -8.83
C ASN D 172 2.20 -3.88 -7.51
N GLN D 173 1.89 -5.19 -7.28
CA GLN D 173 2.21 -5.82 -6.01
C GLN D 173 3.68 -6.22 -5.95
N VAL D 174 4.26 -6.49 -7.10
CA VAL D 174 5.65 -6.93 -7.16
C VAL D 174 6.39 -6.04 -8.16
N PRO D 175 6.65 -4.76 -7.84
CA PRO D 175 7.13 -3.84 -8.88
C PRO D 175 8.45 -4.24 -9.53
N LEU D 176 9.33 -5.00 -8.86
CA LEU D 176 10.55 -5.42 -9.52
C LEU D 176 10.47 -6.86 -10.02
N VAL D 177 9.22 -7.33 -10.25
CA VAL D 177 9.08 -8.63 -10.87
C VAL D 177 9.91 -8.75 -12.17
N ASP D 178 10.55 -9.90 -12.38
CA ASP D 178 11.31 -10.20 -13.60
C ASP D 178 10.60 -11.19 -14.51
N ALA D 179 9.65 -11.97 -13.96
CA ALA D 179 8.94 -12.97 -14.78
C ALA D 179 7.63 -13.36 -14.12
N LEU D 180 6.62 -13.68 -14.94
CA LEU D 180 5.43 -14.37 -14.43
C LEU D 180 5.44 -15.79 -15.00
N VAL D 181 5.03 -16.75 -14.17
CA VAL D 181 4.84 -18.15 -14.58
C VAL D 181 3.36 -18.48 -14.44
N VAL D 182 2.77 -18.91 -15.54
CA VAL D 182 1.33 -19.06 -15.70
C VAL D 182 1.04 -20.48 -16.20
N PRO D 183 0.20 -21.27 -15.50
CA PRO D 183 -0.27 -22.55 -16.05
C PRO D 183 -1.12 -22.28 -17.28
N VAL D 184 -1.03 -23.14 -18.29
CA VAL D 184 -1.73 -22.94 -19.56
C VAL D 184 -2.57 -24.18 -19.89
N GLY D 185 -3.87 -23.92 -20.12
CA GLY D 185 -4.77 -24.89 -20.73
C GLY D 185 -5.28 -24.32 -22.05
N GLY D 186 -6.44 -23.69 -22.04
CA GLY D 186 -6.87 -23.00 -23.25
C GLY D 186 -6.09 -21.72 -23.55
N GLY D 187 -5.38 -21.19 -22.54
CA GLY D 187 -4.50 -20.04 -22.79
C GLY D 187 -5.26 -18.70 -22.65
N GLY D 188 -6.47 -18.68 -22.10
CA GLY D 188 -7.10 -17.38 -21.86
C GLY D 188 -6.35 -16.59 -20.78
N MET D 189 -5.99 -17.28 -19.71
CA MET D 189 -5.18 -16.62 -18.69
C MET D 189 -3.81 -16.19 -19.24
N LEU D 190 -3.08 -17.11 -19.87
CA LEU D 190 -1.75 -16.86 -20.38
C LEU D 190 -1.80 -15.71 -21.34
N ALA D 191 -2.79 -15.75 -22.24
CA ALA D 191 -2.82 -14.73 -23.31
C ALA D 191 -3.19 -13.35 -22.71
N GLY D 192 -4.18 -13.29 -21.79
CA GLY D 192 -4.52 -12.02 -21.15
C GLY D 192 -3.32 -11.43 -20.40
N ILE D 193 -2.65 -12.33 -19.70
CA ILE D 193 -1.47 -11.89 -18.95
C ILE D 193 -0.38 -11.42 -19.92
N ALA D 194 -0.18 -12.14 -21.04
CA ALA D 194 0.94 -11.77 -21.91
C ALA D 194 0.64 -10.37 -22.53
N ILE D 195 -0.61 -10.18 -23.00
CA ILE D 195 -1.01 -8.84 -23.49
C ILE D 195 -0.66 -7.75 -22.49
N THR D 196 -0.99 -7.99 -21.23
CA THR D 196 -0.88 -6.96 -20.23
C THR D 196 0.59 -6.70 -19.95
N VAL D 197 1.34 -7.75 -19.75
CA VAL D 197 2.74 -7.56 -19.35
C VAL D 197 3.53 -6.93 -20.51
N LYS D 198 3.30 -7.38 -21.73
CA LYS D 198 4.10 -6.85 -22.83
C LYS D 198 3.70 -5.41 -23.13
N ALA D 199 2.46 -5.03 -22.85
CA ALA D 199 2.03 -3.63 -22.97
C ALA D 199 2.71 -2.77 -21.93
N LEU D 200 2.70 -3.20 -20.65
CA LEU D 200 3.09 -2.33 -19.55
C LEU D 200 4.57 -2.41 -19.18
N LYS D 201 5.19 -3.59 -19.34
CA LYS D 201 6.59 -3.74 -18.91
C LYS D 201 7.22 -4.90 -19.69
N PRO D 202 7.44 -4.73 -21.01
CA PRO D 202 7.87 -5.83 -21.86
C PRO D 202 9.20 -6.50 -21.51
N SER D 203 10.02 -5.86 -20.64
CA SER D 203 11.26 -6.50 -20.17
C SER D 203 10.93 -7.67 -19.23
N VAL D 204 9.71 -7.71 -18.71
CA VAL D 204 9.27 -8.80 -17.83
C VAL D 204 8.92 -10.03 -18.68
N LYS D 205 9.49 -11.20 -18.32
CA LYS D 205 9.27 -12.43 -19.06
C LYS D 205 7.88 -13.01 -18.73
N VAL D 206 7.22 -13.60 -19.74
CA VAL D 206 5.99 -14.35 -19.50
C VAL D 206 6.30 -15.80 -19.85
N TYR D 207 6.25 -16.68 -18.87
CA TYR D 207 6.51 -18.10 -19.04
C TYR D 207 5.22 -18.88 -18.83
N ALA D 208 4.97 -19.91 -19.64
CA ALA D 208 3.82 -20.78 -19.48
C ALA D 208 4.32 -22.09 -18.87
N ALA D 209 3.45 -22.73 -18.10
CA ALA D 209 3.78 -24.02 -17.49
C ALA D 209 2.68 -24.99 -17.91
N GLU D 210 3.07 -26.21 -18.32
CA GLU D 210 2.05 -27.08 -18.89
C GLU D 210 2.40 -28.52 -18.56
N PRO D 211 1.41 -29.39 -18.31
CA PRO D 211 1.71 -30.85 -18.22
C PRO D 211 2.27 -31.40 -19.54
N SER D 212 3.34 -32.18 -19.40
CA SER D 212 3.92 -32.86 -20.54
C SER D 212 2.92 -33.87 -21.14
N ASN D 213 1.94 -34.33 -20.33
CA ASN D 213 0.89 -35.22 -20.84
C ASN D 213 -0.17 -34.49 -21.64
N ALA D 214 -0.13 -33.14 -21.68
CA ALA D 214 -1.14 -32.37 -22.39
C ALA D 214 -0.40 -31.20 -23.06
N ASP D 215 0.59 -31.51 -23.89
CA ASP D 215 1.61 -30.50 -24.21
C ASP D 215 1.36 -29.77 -25.53
N ASP D 216 0.09 -29.50 -25.88
CA ASP D 216 -0.20 -28.82 -27.15
C ASP D 216 0.40 -27.40 -27.18
N CYS D 217 0.44 -26.68 -26.02
CA CYS D 217 0.94 -25.31 -26.12
C CYS D 217 2.43 -25.35 -26.46
N TYR D 218 3.18 -26.25 -25.79
CA TYR D 218 4.58 -26.48 -26.10
C TYR D 218 4.76 -26.91 -27.57
N GLN D 219 3.96 -27.86 -28.02
CA GLN D 219 4.12 -28.37 -29.39
C GLN D 219 3.83 -27.26 -30.38
N SER D 220 2.82 -26.44 -30.07
CA SER D 220 2.43 -25.35 -30.96
C SER D 220 3.57 -24.32 -31.06
N LYS D 221 4.16 -23.95 -29.92
CA LYS D 221 5.23 -22.97 -29.92
C LYS D 221 6.44 -23.53 -30.67
N LEU D 222 6.73 -24.80 -30.44
CA LEU D 222 7.88 -25.45 -31.06
C LEU D 222 7.71 -25.41 -32.58
N LYS D 223 6.52 -25.78 -33.06
CA LYS D 223 6.28 -25.92 -34.49
C LYS D 223 6.01 -24.58 -35.15
N GLY D 224 5.44 -23.63 -34.41
CA GLY D 224 5.14 -22.32 -34.99
C GLY D 224 3.72 -22.28 -35.58
N LYS D 225 2.88 -23.25 -35.18
N LYS D 225 2.90 -23.28 -35.19
CA LYS D 225 1.50 -23.20 -35.60
CA LYS D 225 1.54 -23.44 -35.69
C LYS D 225 0.68 -23.92 -34.54
C LYS D 225 0.67 -24.01 -34.57
N LEU D 226 -0.62 -23.66 -34.59
CA LEU D 226 -1.56 -24.21 -33.64
C LEU D 226 -1.74 -25.73 -33.87
N MET D 227 -1.38 -26.51 -32.84
N MET D 227 -1.34 -26.52 -32.85
CA MET D 227 -1.44 -27.96 -32.89
CA MET D 227 -1.38 -27.98 -32.86
C MET D 227 -2.16 -28.45 -31.62
C MET D 227 -2.16 -28.45 -31.62
N PRO D 228 -3.50 -28.51 -31.64
CA PRO D 228 -4.27 -28.96 -30.47
C PRO D 228 -3.94 -30.42 -30.13
N ASN D 229 -4.26 -30.82 -28.89
CA ASN D 229 -4.13 -32.21 -28.50
C ASN D 229 -4.97 -33.06 -29.46
N LEU D 230 -4.36 -34.16 -29.93
CA LEU D 230 -5.08 -35.09 -30.81
C LEU D 230 -6.21 -35.78 -30.05
N TYR D 231 -5.95 -36.18 -28.80
CA TYR D 231 -6.96 -36.83 -27.99
C TYR D 231 -7.10 -36.10 -26.66
N PRO D 232 -8.25 -36.24 -25.97
CA PRO D 232 -8.42 -35.66 -24.65
C PRO D 232 -7.30 -36.16 -23.75
N PRO D 233 -6.51 -35.26 -23.14
CA PRO D 233 -5.32 -35.65 -22.41
C PRO D 233 -5.67 -36.14 -21.01
N GLU D 234 -4.81 -37.01 -20.48
CA GLU D 234 -4.94 -37.55 -19.16
C GLU D 234 -3.91 -36.85 -18.28
N THR D 235 -4.41 -36.15 -17.26
CA THR D 235 -3.52 -35.42 -16.37
C THR D 235 -4.28 -35.15 -15.07
N ILE D 236 -3.52 -35.11 -13.97
CA ILE D 236 -4.05 -34.70 -12.67
C ILE D 236 -4.36 -33.20 -12.68
N ALA D 237 -3.77 -32.47 -13.64
CA ALA D 237 -4.04 -31.03 -13.76
C ALA D 237 -5.32 -30.81 -14.55
N ASP D 238 -6.46 -31.11 -13.91
CA ASP D 238 -7.75 -31.24 -14.58
C ASP D 238 -8.24 -29.91 -15.16
N GLY D 239 -7.66 -28.80 -14.73
CA GLY D 239 -8.09 -27.47 -15.19
C GLY D 239 -7.37 -27.03 -16.46
N VAL D 240 -6.38 -27.81 -16.95
CA VAL D 240 -5.63 -27.42 -18.16
C VAL D 240 -5.71 -28.55 -19.20
N LYS D 241 -6.91 -29.15 -19.31
CA LYS D 241 -7.06 -30.21 -20.32
C LYS D 241 -7.47 -29.63 -21.68
N SER D 242 -7.97 -28.38 -21.73
CA SER D 242 -8.32 -27.70 -22.96
C SER D 242 -7.03 -27.48 -23.77
N SER D 243 -7.16 -27.49 -25.09
CA SER D 243 -6.09 -27.08 -25.97
C SER D 243 -6.17 -25.57 -26.13
N ILE D 244 -5.06 -24.95 -26.55
CA ILE D 244 -5.10 -23.58 -26.96
C ILE D 244 -5.90 -23.50 -28.24
N GLY D 245 -6.38 -22.29 -28.54
CA GLY D 245 -7.39 -22.07 -29.58
C GLY D 245 -7.00 -20.91 -30.48
N LEU D 246 -7.92 -20.56 -31.38
CA LEU D 246 -7.56 -19.69 -32.49
C LEU D 246 -7.38 -18.24 -32.01
N ASN D 247 -7.98 -17.88 -30.86
CA ASN D 247 -7.85 -16.52 -30.34
C ASN D 247 -6.65 -16.40 -29.40
N THR D 248 -6.35 -17.48 -28.62
CA THR D 248 -5.23 -17.39 -27.69
C THR D 248 -3.90 -17.66 -28.38
N TRP D 249 -3.90 -18.49 -29.44
CA TRP D 249 -2.65 -18.89 -30.08
C TRP D 249 -1.79 -17.72 -30.59
N PRO D 250 -2.31 -16.76 -31.39
CA PRO D 250 -1.41 -15.72 -31.95
C PRO D 250 -0.73 -14.88 -30.87
N ILE D 251 -1.44 -14.66 -29.75
CA ILE D 251 -0.91 -13.93 -28.59
C ILE D 251 0.24 -14.74 -27.96
N ILE D 252 0.01 -16.02 -27.76
CA ILE D 252 1.00 -16.88 -27.15
C ILE D 252 2.20 -17.05 -28.06
N ARG D 253 1.91 -17.23 -29.37
CA ARG D 253 2.97 -17.28 -30.35
C ARG D 253 3.90 -16.07 -30.24
N ASP D 254 3.29 -14.87 -30.17
CA ASP D 254 4.13 -13.66 -30.29
C ASP D 254 4.63 -13.10 -28.95
N LEU D 255 3.88 -13.32 -27.83
CA LEU D 255 4.12 -12.54 -26.62
C LEU D 255 4.60 -13.40 -25.46
N VAL D 256 4.57 -14.73 -25.59
CA VAL D 256 5.02 -15.58 -24.50
C VAL D 256 6.47 -16.01 -24.78
N ASP D 257 7.31 -15.89 -23.77
CA ASP D 257 8.74 -16.04 -23.93
C ASP D 257 9.12 -17.52 -24.03
N ASP D 258 8.47 -18.39 -23.24
CA ASP D 258 8.88 -19.77 -23.24
C ASP D 258 7.79 -20.61 -22.56
N ILE D 259 7.86 -21.94 -22.77
N ILE D 259 7.75 -21.91 -22.93
CA ILE D 259 6.89 -22.86 -22.22
CA ILE D 259 6.88 -22.91 -22.30
C ILE D 259 7.59 -24.08 -21.63
C ILE D 259 7.76 -23.93 -21.57
N PHE D 260 7.36 -24.31 -20.34
CA PHE D 260 8.01 -25.35 -19.57
C PHE D 260 7.02 -26.48 -19.36
N THR D 261 7.38 -27.72 -19.73
CA THR D 261 6.50 -28.82 -19.48
C THR D 261 6.96 -29.58 -18.23
N VAL D 262 6.00 -30.25 -17.57
CA VAL D 262 6.29 -30.89 -16.30
C VAL D 262 5.52 -32.20 -16.24
N THR D 263 6.11 -33.23 -15.66
CA THR D 263 5.50 -34.56 -15.64
C THR D 263 4.42 -34.62 -14.57
N GLU D 264 3.60 -35.69 -14.66
CA GLU D 264 2.58 -35.92 -13.65
C GLU D 264 3.22 -36.00 -12.25
N ASP D 265 4.34 -36.71 -12.10
CA ASP D 265 5.01 -36.79 -10.81
C ASP D 265 5.47 -35.41 -10.33
N GLU D 266 6.01 -34.59 -11.24
CA GLU D 266 6.47 -33.26 -10.86
C GLU D 266 5.27 -32.43 -10.35
N ILE D 267 4.14 -32.52 -11.06
CA ILE D 267 2.95 -31.77 -10.64
C ILE D 267 2.52 -32.22 -9.25
N LYS D 268 2.48 -33.55 -9.00
CA LYS D 268 2.04 -34.09 -7.72
C LYS D 268 3.00 -33.65 -6.62
N CYS D 269 4.31 -33.73 -6.86
N CYS D 269 4.30 -33.78 -6.90
CA CYS D 269 5.25 -33.38 -5.81
CA CYS D 269 5.31 -33.42 -5.92
C CYS D 269 5.24 -31.87 -5.53
C CYS D 269 5.19 -31.94 -5.57
N ALA D 270 5.08 -31.06 -6.57
CA ALA D 270 5.00 -29.62 -6.35
C ALA D 270 3.72 -29.29 -5.55
N THR D 271 2.62 -29.94 -5.87
CA THR D 271 1.34 -29.67 -5.19
C THR D 271 1.47 -29.99 -3.69
N GLN D 272 2.02 -31.16 -3.36
CA GLN D 272 2.15 -31.55 -1.95
C GLN D 272 3.14 -30.64 -1.24
N LEU D 273 4.21 -30.21 -1.93
CA LEU D 273 5.15 -29.24 -1.38
C LEU D 273 4.42 -27.96 -0.95
N VAL D 274 3.56 -27.41 -1.80
CA VAL D 274 2.83 -26.20 -1.42
C VAL D 274 1.89 -26.47 -0.25
N TRP D 275 1.18 -27.61 -0.27
CA TRP D 275 0.30 -27.96 0.83
C TRP D 275 1.06 -28.01 2.15
N GLU D 276 2.20 -28.72 2.20
CA GLU D 276 2.85 -29.05 3.46
C GLU D 276 3.76 -27.92 3.92
N ARG D 277 4.40 -27.23 2.97
N ARG D 277 4.39 -27.23 2.97
CA ARG D 277 5.39 -26.22 3.31
CA ARG D 277 5.39 -26.22 3.31
C ARG D 277 4.86 -24.78 3.28
C ARG D 277 4.86 -24.78 3.28
N MET D 278 3.82 -24.49 2.46
CA MET D 278 3.22 -23.14 2.45
C MET D 278 1.83 -23.11 3.11
N LYS D 279 1.21 -24.29 3.34
CA LYS D 279 -0.12 -24.43 3.96
C LYS D 279 -1.21 -23.81 3.09
N LEU D 280 -1.03 -23.87 1.76
CA LEU D 280 -2.03 -23.37 0.85
C LEU D 280 -2.66 -24.56 0.09
N LEU D 281 -4.00 -24.65 0.13
N LEU D 281 -3.99 -24.65 0.14
CA LEU D 281 -4.67 -25.78 -0.48
CA LEU D 281 -4.66 -25.80 -0.46
C LEU D 281 -4.90 -25.50 -1.97
C LEU D 281 -4.90 -25.52 -1.96
N ILE D 282 -3.82 -25.51 -2.75
CA ILE D 282 -3.89 -25.32 -4.20
C ILE D 282 -4.42 -26.60 -4.84
N GLU D 283 -5.17 -26.46 -5.94
CA GLU D 283 -5.53 -27.64 -6.70
C GLU D 283 -4.32 -28.07 -7.52
N PRO D 284 -4.22 -29.35 -7.94
CA PRO D 284 -3.01 -29.79 -8.67
C PRO D 284 -2.73 -28.95 -9.92
N THR D 285 -3.79 -28.40 -10.54
CA THR D 285 -3.57 -27.61 -11.75
C THR D 285 -2.70 -26.38 -11.41
N ALA D 286 -2.90 -25.84 -10.21
CA ALA D 286 -2.10 -24.69 -9.76
C ALA D 286 -0.67 -25.13 -9.39
N GLY D 287 -0.46 -26.43 -9.12
CA GLY D 287 0.85 -26.97 -8.86
C GLY D 287 1.73 -26.96 -10.13
N VAL D 288 1.12 -26.87 -11.32
CA VAL D 288 1.87 -26.96 -12.55
C VAL D 288 2.91 -25.84 -12.67
N GLY D 289 2.53 -24.60 -12.29
CA GLY D 289 3.48 -23.50 -12.40
C GLY D 289 4.62 -23.61 -11.37
N VAL D 290 4.32 -24.13 -10.20
CA VAL D 290 5.33 -24.40 -9.18
C VAL D 290 6.26 -25.52 -9.64
N ALA D 291 5.71 -26.59 -10.22
CA ALA D 291 6.54 -27.65 -10.78
C ALA D 291 7.46 -27.09 -11.87
N ALA D 292 6.98 -26.14 -12.68
CA ALA D 292 7.79 -25.61 -13.76
C ALA D 292 9.02 -24.90 -13.19
N VAL D 293 8.82 -24.11 -12.13
CA VAL D 293 9.94 -23.35 -11.58
C VAL D 293 10.94 -24.29 -10.89
N LEU D 294 10.46 -25.44 -10.40
CA LEU D 294 11.33 -26.44 -9.75
C LEU D 294 12.02 -27.33 -10.78
N SER D 295 11.56 -27.29 -12.05
CA SER D 295 11.99 -28.28 -13.01
C SER D 295 13.44 -28.06 -13.45
N GLN D 296 14.03 -29.11 -14.04
N GLN D 296 14.03 -29.11 -14.04
CA GLN D 296 15.41 -29.02 -14.50
CA GLN D 296 15.41 -29.02 -14.50
C GLN D 296 15.52 -27.95 -15.60
C GLN D 296 15.53 -27.97 -15.60
N HIS D 297 14.56 -27.92 -16.53
CA HIS D 297 14.70 -27.01 -17.66
C HIS D 297 14.63 -25.54 -17.24
N PHE D 298 13.97 -25.25 -16.12
CA PHE D 298 13.92 -23.87 -15.64
C PHE D 298 15.30 -23.39 -15.21
N GLN D 299 16.27 -24.27 -15.00
CA GLN D 299 17.62 -23.83 -14.67
C GLN D 299 18.32 -23.15 -15.85
N THR D 300 17.79 -23.26 -17.07
CA THR D 300 18.35 -22.56 -18.21
C THR D 300 17.94 -21.09 -18.23
N VAL D 301 16.98 -20.72 -17.35
CA VAL D 301 16.54 -19.33 -17.28
C VAL D 301 17.67 -18.49 -16.69
N SER D 302 17.99 -17.38 -17.35
CA SER D 302 19.06 -16.48 -16.95
C SER D 302 19.03 -16.22 -15.43
N PRO D 303 20.19 -16.11 -14.73
CA PRO D 303 20.17 -15.73 -13.31
C PRO D 303 19.68 -14.30 -13.07
N GLU D 304 19.61 -13.46 -14.11
CA GLU D 304 19.04 -12.13 -14.01
C GLU D 304 17.52 -12.17 -13.77
N VAL D 305 16.88 -13.30 -14.10
CA VAL D 305 15.44 -13.46 -13.85
C VAL D 305 15.29 -14.00 -12.43
N LYS D 306 15.32 -13.10 -11.43
N LYS D 306 15.32 -13.10 -11.43
CA LYS D 306 15.34 -13.52 -10.04
CA LYS D 306 15.34 -13.51 -10.04
C LYS D 306 13.95 -13.46 -9.41
C LYS D 306 13.95 -13.45 -9.41
N ASN D 307 13.25 -12.34 -9.60
CA ASN D 307 11.94 -12.11 -8.99
C ASN D 307 10.87 -12.74 -9.87
N ILE D 308 10.36 -13.93 -9.46
CA ILE D 308 9.42 -14.66 -10.31
C ILE D 308 8.07 -14.79 -9.59
N CYS D 309 7.02 -14.33 -10.26
CA CYS D 309 5.68 -14.46 -9.68
C CYS D 309 4.99 -15.65 -10.33
N ILE D 310 4.55 -16.61 -9.52
CA ILE D 310 3.87 -17.78 -10.03
C ILE D 310 2.40 -17.56 -9.69
N VAL D 311 1.52 -17.78 -10.66
CA VAL D 311 0.09 -17.65 -10.41
C VAL D 311 -0.44 -18.96 -9.81
N LEU D 312 -0.87 -18.92 -8.54
CA LEU D 312 -1.55 -20.06 -7.96
C LEU D 312 -3.03 -19.92 -8.31
N SER D 313 -3.40 -20.62 -9.40
CA SER D 313 -4.54 -20.24 -10.18
C SER D 313 -5.86 -20.68 -9.53
N GLY D 314 -5.83 -21.66 -8.61
CA GLY D 314 -7.08 -22.15 -8.06
C GLY D 314 -6.86 -23.01 -6.83
N GLY D 315 -7.93 -23.17 -6.05
CA GLY D 315 -7.91 -24.03 -4.88
C GLY D 315 -9.12 -24.96 -4.82
N ASN D 316 -9.74 -25.28 -5.96
CA ASN D 316 -10.95 -26.07 -5.88
C ASN D 316 -10.58 -27.54 -5.99
N VAL D 317 -10.17 -28.12 -4.88
CA VAL D 317 -9.71 -29.51 -4.93
C VAL D 317 -10.71 -30.40 -4.18
N ASP D 318 -11.00 -31.59 -4.73
CA ASP D 318 -11.82 -32.58 -4.04
C ASP D 318 -10.91 -33.43 -3.13
N LEU D 319 -11.14 -33.39 -1.82
CA LEU D 319 -10.33 -34.08 -0.83
C LEU D 319 -10.30 -35.60 -1.13
N THR D 320 -11.41 -36.13 -1.65
CA THR D 320 -11.49 -37.55 -1.96
C THR D 320 -10.52 -37.89 -3.08
N SER D 321 -10.48 -37.05 -4.13
CA SER D 321 -9.60 -37.28 -5.25
C SER D 321 -8.14 -37.18 -4.80
N SER D 322 -7.84 -36.20 -3.93
CA SER D 322 -6.48 -35.98 -3.45
C SER D 322 -5.93 -37.25 -2.79
N ILE D 323 -6.76 -37.92 -1.98
CA ILE D 323 -6.36 -39.12 -1.25
C ILE D 323 -5.91 -40.23 -2.21
N THR D 324 -6.50 -40.28 -3.41
CA THR D 324 -6.11 -41.24 -4.44
C THR D 324 -4.64 -41.05 -4.84
N TRP D 325 -4.28 -39.86 -5.36
CA TRP D 325 -2.93 -39.63 -5.86
C TRP D 325 -1.96 -39.33 -4.71
N VAL D 326 -2.52 -39.25 -3.43
CA VAL D 326 -1.73 -39.03 -2.18
C VAL D 326 -1.55 -37.52 -2.00
#